data_6VTT
#
_entry.id   6VTT
#
_cell.length_a   1.00
_cell.length_b   1.00
_cell.length_c   1.00
_cell.angle_alpha   90.00
_cell.angle_beta   90.00
_cell.angle_gamma   90.00
#
_symmetry.space_group_name_H-M   'P 1'
#
loop_
_entity.id
_entity.type
_entity.pdbx_description
1 polymer 'Envelope glycoprotein gp120'
2 polymer 'VRC26.25 Heavy Chain'
3 polymer 'VRC26.25 Light Chain'
4 polymer 'Envelope glycoprotein gp41'
5 branched 2-acetamido-2-deoxy-beta-D-glucopyranose-(1-4)-2-acetamido-2-deoxy-beta-D-glucopyranose
6 branched beta-D-mannopyranose-(1-4)-2-acetamido-2-deoxy-beta-D-glucopyranose-(1-4)-2-acetamido-2-deoxy-beta-D-glucopyranose
7 branched alpha-D-mannopyranose-(1-3)-[alpha-D-mannopyranose-(1-6)]beta-D-mannopyranose-(1-4)-2-acetamido-2-deoxy-beta-D-glucopyranose-(1-4)-2-acetamido-2-deoxy-beta-D-glucopyranose
8 branched alpha-D-mannopyranose-(1-3)-beta-D-mannopyranose-(1-4)-2-acetamido-2-deoxy-beta-D-glucopyranose-(1-4)-2-acetamido-2-deoxy-beta-D-glucopyranose
9 branched alpha-D-mannopyranose-(1-3)-alpha-D-mannopyranose-(1-6)-[alpha-D-mannopyranose-(1-3)]beta-D-mannopyranose-(1-4)-2-acetamido-2-deoxy-beta-D-glucopyranose-(1-4)-2-acetamido-2-deoxy-beta-D-glucopyranose
10 branched alpha-D-mannopyranose-(1-2)-alpha-D-mannopyranose-(1-3)-[alpha-D-mannopyranose-(1-6)]beta-D-mannopyranose-(1-4)-2-acetamido-2-deoxy-beta-D-glucopyranose-(1-4)-2-acetamido-2-deoxy-beta-D-glucopyranose
11 non-polymer 2-acetamido-2-deoxy-beta-D-glucopyranose
#
loop_
_entity_poly.entity_id
_entity_poly.type
_entity_poly.pdbx_seq_one_letter_code
_entity_poly.pdbx_strand_id
1 'polypeptide(L)'
;GLWVTVYYGVPVWREAKTTLFCASDAKSYEKEVHNVWATHACVPTDPNPQELVLENVTENFNMWKNDMVDQMHEDIISLW
DQSLKPCVKLTPLCVTLNCSDAKVNATYKGTREEIKNCSFNATTELRDKKRREYALFYRLDIVPLSGEGNNNSEYRLINC
NTSVITQICPKVTFDPIPIHYCAPAGYAILKCNNKTFNGTGPCNNVSTVQCTHGIKPVVSTQLLLNGSLAEEEIIIRSEN
LTDNVKTIIVHLNESVEITCTRPNNMTRKSVRIGPGQTFYALGDIIGDIRQPHCNISEIKWEKTLQRVSEKLREHFNKTI
IFNQSSGGDLEITTHSFNCGGEFFYCNTSDLFFNKTFNETYSTGSNSTNSTITLPCRIKQIINMWQEVGRAMYAPPIAGN
ITCKSNITGLLLTRDGGGNNSTKETFRPGGGNMRDNWRSELYKYKVVEVKPLGIAPTECNRTVVQRRRRRR
;
F,E,G
2 'polypeptide(L)'
;QVQLVESGGGVVQPGTSLRLSCAASQFRFDGYGMHWVRQAPGKGLEWVASISHDGIKKYHAEKVWGRFTISRDNSKNTLY
LQMNSLRPEDTALYYCAKDLREDECEEWWSD(TYS)(TYS)DFGKQLPCAKSRGGLVGIADNWGQGTMVTVSSASTKGPS
VFPLAPSSKSTSGGTAALGCLVKDYFPEPVTVSWNSGALTSGVHTFPAVLQSSGLYSLSSVVTVPSSSLGTQTYICNVNH
KPSNTKVDKRVEPKSCDKGLEVLFQ
;
H
3 'polypeptide(L)'
;QSVLTQPPSVSAAPGQKVTISCSGNTSNIGNNFVSWYQQRPGRAPQLLIYETDKRPSGIPDRFSASKSGTSGTLAITGLQ
TGDEADYYCATWAASLSSARVFGTGTKVIVLVQPKANPTVTLFPPSSEELQANKATLVCLISDFYPGAVTVAWKADSSPV
KAGVETTTPSKQSNNKYAASSYLSLTPEQWKSHRSYSCQVTHEGSTVEKTVAPTECS
;
L
4 'polypeptide(L)'
;AVVGLGAVFLGFLGAAGSTMGAASNTLTVQARQLLSGIVQQQSNLLRAPEAQQHMLQLGVWGFKQLQARVLAIERYLEVQ
QLLGMWGCSGKLICCTNVPWNSSWSNKTYNEIWDNMTWMQWDREIGNYTDTIYKLLEVSQFQQEINEKDNLTLD
;
A,B,C
#
loop_
_chem_comp.id
_chem_comp.type
_chem_comp.name
_chem_comp.formula
BMA D-saccharide, beta linking beta-D-mannopyranose 'C6 H12 O6'
MAN D-saccharide, alpha linking alpha-D-mannopyranose 'C6 H12 O6'
NAG D-saccharide, beta linking 2-acetamido-2-deoxy-beta-D-glucopyranose 'C8 H15 N O6'
#
# COMPACT_ATOMS: atom_id res chain seq x y z
N LEU A 2 -39.03 15.23 40.11
CA LEU A 2 -38.91 16.62 40.54
C LEU A 2 -37.54 17.19 40.20
N TRP A 3 -36.52 16.33 40.24
CA TRP A 3 -35.16 16.72 39.94
C TRP A 3 -34.54 15.75 38.93
N VAL A 4 -33.53 16.23 38.24
CA VAL A 4 -32.86 15.45 37.21
C VAL A 4 -31.85 14.50 37.86
N THR A 5 -31.79 13.27 37.36
CA THR A 5 -30.78 12.31 37.79
C THR A 5 -30.26 11.57 36.57
N VAL A 6 -29.11 10.94 36.74
CA VAL A 6 -28.49 10.17 35.67
C VAL A 6 -28.55 8.69 36.02
N TYR A 7 -28.48 7.86 34.98
CA TYR A 7 -28.52 6.42 35.15
C TYR A 7 -27.46 5.81 34.24
N TYR A 8 -26.57 5.03 34.82
CA TYR A 8 -25.52 4.35 34.07
C TYR A 8 -25.96 2.94 33.70
N GLY A 9 -25.72 2.57 32.45
CA GLY A 9 -26.10 1.24 31.99
C GLY A 9 -27.59 1.07 31.75
N VAL A 10 -28.12 1.79 30.77
CA VAL A 10 -29.54 1.66 30.41
C VAL A 10 -29.64 1.03 29.03
N PRO A 11 -30.67 0.24 28.75
CA PRO A 11 -30.78 -0.39 27.43
C PRO A 11 -31.16 0.58 26.34
N VAL A 12 -30.21 1.40 25.90
CA VAL A 12 -30.43 2.37 24.84
C VAL A 12 -29.39 2.13 23.76
N TRP A 13 -29.83 1.84 22.54
CA TRP A 13 -28.95 1.60 21.42
C TRP A 13 -29.30 2.52 20.26
N ARG A 14 -28.31 2.79 19.41
CA ARG A 14 -28.48 3.67 18.27
C ARG A 14 -27.70 3.10 17.09
N GLU A 15 -28.27 3.22 15.89
CA GLU A 15 -27.63 2.69 14.70
C GLU A 15 -26.38 3.49 14.36
N ALA A 16 -25.29 2.78 14.04
CA ALA A 16 -24.03 3.43 13.71
C ALA A 16 -23.18 2.45 12.92
N LYS A 17 -22.05 2.96 12.42
CA LYS A 17 -21.10 2.18 11.66
C LYS A 17 -19.79 2.06 12.43
N THR A 18 -19.09 0.95 12.22
CA THR A 18 -17.83 0.70 12.90
C THR A 18 -17.05 -0.33 12.09
N THR A 19 -15.87 -0.69 12.61
CA THR A 19 -15.01 -1.69 11.99
C THR A 19 -15.09 -2.99 12.78
N LEU A 20 -15.19 -4.10 12.06
CA LEU A 20 -15.33 -5.43 12.65
C LEU A 20 -14.13 -6.28 12.25
N PHE A 21 -13.47 -6.86 13.24
CA PHE A 21 -12.26 -7.65 12.98
C PHE A 21 -12.59 -9.12 12.84
N CYS A 22 -11.58 -9.90 12.46
CA CYS A 22 -11.74 -11.34 12.29
C CYS A 22 -11.81 -12.03 13.64
N ALA A 23 -12.42 -13.23 13.64
CA ALA A 23 -12.43 -14.10 14.80
C ALA A 23 -12.57 -15.53 14.28
N SER A 24 -11.45 -16.24 14.20
CA SER A 24 -11.43 -17.59 13.66
C SER A 24 -11.42 -18.61 14.79
N ASP A 25 -11.46 -19.88 14.42
CA ASP A 25 -11.43 -20.98 15.37
C ASP A 25 -9.99 -21.37 15.70
N ALA A 26 -9.84 -22.29 16.64
CA ALA A 26 -8.53 -22.77 17.06
C ALA A 26 -8.22 -24.06 16.29
N LYS A 27 -7.68 -23.89 15.08
CA LYS A 27 -7.35 -25.02 14.23
C LYS A 27 -6.03 -24.85 13.50
N SER A 28 -5.28 -23.78 13.73
CA SER A 28 -4.02 -23.56 13.04
C SER A 28 -2.88 -24.32 13.71
N GLU A 32 1.10 -25.27 9.52
CA GLU A 32 0.97 -23.92 8.99
C GLU A 32 0.85 -23.94 7.47
N VAL A 33 -0.33 -23.54 6.97
CA VAL A 33 -0.58 -23.52 5.54
C VAL A 33 -0.65 -22.11 4.98
N HIS A 34 -0.97 -21.10 5.80
CA HIS A 34 -1.01 -19.70 5.38
C HIS A 34 -2.00 -19.48 4.23
N ASN A 35 -3.28 -19.72 4.54
CA ASN A 35 -4.32 -19.49 3.57
C ASN A 35 -4.44 -18.00 3.23
N VAL A 36 -5.15 -17.72 2.13
CA VAL A 36 -5.40 -16.33 1.77
C VAL A 36 -6.25 -15.64 2.84
N TRP A 37 -7.18 -16.38 3.45
CA TRP A 37 -7.91 -15.89 4.61
C TRP A 37 -7.10 -16.29 5.85
N ALA A 38 -6.11 -15.46 6.17
CA ALA A 38 -5.12 -15.80 7.17
C ALA A 38 -5.76 -16.07 8.52
N THR A 39 -5.20 -17.04 9.25
CA THR A 39 -5.59 -17.32 10.62
C THR A 39 -4.46 -17.19 11.61
N HIS A 40 -3.21 -17.10 11.16
CA HIS A 40 -2.08 -16.89 12.05
C HIS A 40 -2.07 -15.49 12.66
N ALA A 41 -2.92 -14.58 12.16
CA ALA A 41 -3.04 -13.24 12.70
C ALA A 41 -4.44 -12.93 13.18
N CYS A 42 -5.39 -13.84 13.01
CA CYS A 42 -6.77 -13.61 13.44
C CYS A 42 -6.96 -14.14 14.85
N VAL A 43 -7.64 -13.35 15.67
CA VAL A 43 -7.80 -13.69 17.10
C VAL A 43 -8.69 -14.91 17.23
N PRO A 44 -8.41 -15.85 18.14
CA PRO A 44 -9.26 -17.03 18.29
C PRO A 44 -10.66 -16.66 18.79
N THR A 45 -11.57 -17.61 18.66
CA THR A 45 -12.97 -17.41 18.98
C THR A 45 -13.23 -17.71 20.46
N ASP A 46 -14.50 -17.81 20.82
CA ASP A 46 -14.92 -18.05 22.19
C ASP A 46 -15.68 -19.37 22.24
N PRO A 47 -15.26 -20.35 23.04
CA PRO A 47 -16.00 -21.63 23.08
C PRO A 47 -17.45 -21.47 23.49
N ASN A 48 -17.72 -20.70 24.55
CA ASN A 48 -19.09 -20.41 24.97
C ASN A 48 -19.43 -18.97 24.64
N PRO A 49 -20.07 -18.71 23.50
CA PRO A 49 -20.36 -17.32 23.11
C PRO A 49 -21.40 -16.70 24.01
N GLN A 50 -21.52 -15.38 23.89
CA GLN A 50 -22.45 -14.59 24.69
C GLN A 50 -23.67 -14.25 23.84
N GLU A 51 -24.82 -14.81 24.20
CA GLU A 51 -26.07 -14.53 23.51
C GLU A 51 -27.19 -14.45 24.54
N LEU A 52 -28.16 -13.59 24.27
CA LEU A 52 -29.29 -13.41 25.17
C LEU A 52 -30.49 -12.91 24.39
N VAL A 53 -31.67 -13.13 24.95
CA VAL A 53 -32.93 -12.78 24.32
C VAL A 53 -33.47 -11.51 24.95
N LEU A 54 -33.99 -10.61 24.12
CA LEU A 54 -34.60 -9.36 24.59
C LEU A 54 -36.11 -9.55 24.63
N GLU A 55 -36.67 -9.57 25.84
CA GLU A 55 -38.10 -9.79 25.99
C GLU A 55 -38.87 -8.53 25.61
N ASN A 56 -39.91 -8.71 24.79
CA ASN A 56 -40.80 -7.61 24.38
C ASN A 56 -40.01 -6.50 23.66
N VAL A 57 -39.40 -6.87 22.55
CA VAL A 57 -38.61 -5.94 21.74
C VAL A 57 -39.07 -6.03 20.29
N THR A 58 -38.88 -4.95 19.56
CA THR A 58 -39.25 -4.90 18.14
C THR A 58 -38.32 -3.94 17.43
N GLU A 59 -37.39 -4.48 16.64
CA GLU A 59 -36.42 -3.69 15.91
C GLU A 59 -36.59 -3.94 14.42
N ASN A 60 -36.66 -2.88 13.63
CA ASN A 60 -36.83 -2.99 12.19
C ASN A 60 -35.49 -3.20 11.52
N PHE A 61 -35.34 -4.32 10.83
CA PHE A 61 -34.10 -4.69 10.17
C PHE A 61 -34.13 -4.25 8.70
N ASN A 62 -32.98 -4.41 8.05
CA ASN A 62 -32.85 -4.17 6.62
C ASN A 62 -31.65 -4.94 6.10
N MET A 63 -31.80 -5.50 4.90
CA MET A 63 -30.77 -6.34 4.31
C MET A 63 -30.03 -5.67 3.16
N TRP A 64 -30.73 -4.91 2.33
CA TRP A 64 -30.13 -4.30 1.15
C TRP A 64 -29.44 -2.97 1.43
N LYS A 65 -29.66 -2.39 2.61
CA LYS A 65 -28.96 -1.18 3.03
C LYS A 65 -28.07 -1.47 4.24
N ASN A 66 -27.43 -2.63 4.23
CA ASN A 66 -26.57 -3.06 5.33
C ASN A 66 -25.14 -2.60 5.08
N ASP A 67 -24.35 -2.61 6.15
CA ASP A 67 -22.94 -2.21 6.09
C ASP A 67 -21.97 -3.37 6.14
N MET A 68 -22.33 -4.47 6.82
CA MET A 68 -21.42 -5.61 6.92
C MET A 68 -21.13 -6.21 5.56
N VAL A 69 -22.13 -6.25 4.68
CA VAL A 69 -21.92 -6.80 3.34
C VAL A 69 -21.05 -5.89 2.49
N ASP A 70 -20.95 -4.61 2.84
CA ASP A 70 -20.06 -3.69 2.14
C ASP A 70 -18.66 -3.69 2.72
N GLN A 71 -18.48 -4.16 3.95
CA GLN A 71 -17.16 -4.30 4.53
C GLN A 71 -16.55 -5.67 4.25
N MET A 72 -17.38 -6.72 4.24
CA MET A 72 -16.88 -8.05 3.94
C MET A 72 -16.36 -8.13 2.52
N HIS A 73 -17.08 -7.52 1.56
CA HIS A 73 -16.60 -7.50 0.19
C HIS A 73 -15.36 -6.64 0.03
N GLU A 74 -15.20 -5.65 0.90
CA GLU A 74 -14.00 -4.81 0.89
C GLU A 74 -12.86 -5.41 1.73
N ASP A 75 -13.14 -6.45 2.50
CA ASP A 75 -12.10 -7.09 3.32
C ASP A 75 -11.38 -8.19 2.55
N ILE A 76 -12.14 -9.06 1.87
CA ILE A 76 -11.50 -10.16 1.15
C ILE A 76 -10.80 -9.67 -0.12
N ILE A 77 -11.21 -8.51 -0.65
CA ILE A 77 -10.51 -7.97 -1.81
C ILE A 77 -9.09 -7.55 -1.44
N SER A 78 -8.94 -6.89 -0.29
CA SER A 78 -7.61 -6.56 0.20
C SER A 78 -6.86 -7.79 0.68
N LEU A 79 -7.56 -8.90 0.93
CA LEU A 79 -6.89 -10.13 1.35
C LEU A 79 -6.14 -10.76 0.19
N TRP A 80 -6.73 -10.78 -1.00
CA TRP A 80 -6.04 -11.35 -2.15
C TRP A 80 -4.85 -10.49 -2.57
N ASP A 81 -5.00 -9.16 -2.51
CA ASP A 81 -3.90 -8.28 -2.87
C ASP A 81 -2.73 -8.41 -1.90
N GLN A 82 -3.01 -8.81 -0.65
CA GLN A 82 -1.93 -9.01 0.31
C GLN A 82 -1.16 -10.29 0.01
N SER A 83 -1.86 -11.35 -0.41
CA SER A 83 -1.25 -12.64 -0.67
C SER A 83 -0.70 -12.78 -2.08
N LEU A 84 -0.91 -11.78 -2.94
CA LEU A 84 -0.41 -11.82 -4.31
C LEU A 84 0.67 -10.78 -4.57
N LYS A 85 1.01 -9.94 -3.58
CA LYS A 85 2.04 -8.95 -3.79
C LYS A 85 3.43 -9.57 -3.92
N PRO A 86 3.87 -10.47 -3.05
CA PRO A 86 5.20 -11.07 -3.20
C PRO A 86 5.27 -12.22 -4.19
N CYS A 87 4.26 -12.42 -5.03
CA CYS A 87 4.26 -13.50 -6.00
C CYS A 87 4.93 -13.08 -7.30
N VAL A 88 5.22 -14.05 -8.13
CA VAL A 88 5.90 -13.82 -9.41
C VAL A 88 4.84 -13.59 -10.49
N LYS A 89 5.12 -12.64 -11.38
CA LYS A 89 4.21 -12.29 -12.45
C LYS A 89 4.61 -13.01 -13.74
N LEU A 90 3.61 -13.43 -14.51
CA LEU A 90 3.84 -14.14 -15.76
C LEU A 90 3.89 -13.18 -16.95
N THR A 91 4.73 -12.15 -16.84
CA THR A 91 4.89 -11.20 -17.92
C THR A 91 5.74 -11.76 -19.06
N PRO A 92 6.89 -12.43 -18.78
CA PRO A 92 7.70 -12.95 -19.90
C PRO A 92 7.07 -14.18 -20.56
N LEU A 93 5.83 -14.50 -20.20
CA LEU A 93 5.14 -15.63 -20.81
C LEU A 93 4.37 -15.26 -22.07
N CYS A 94 4.09 -13.98 -22.29
CA CYS A 94 3.31 -13.56 -23.44
C CYS A 94 4.15 -13.63 -24.71
N VAL A 95 4.40 -14.86 -25.19
CA VAL A 95 5.20 -15.09 -26.38
C VAL A 95 4.32 -15.77 -27.42
N THR A 96 4.85 -15.94 -28.63
CA THR A 96 4.10 -16.57 -29.71
C THR A 96 3.95 -18.06 -29.46
N LEU A 97 2.84 -18.47 -28.85
CA LEU A 97 2.63 -19.88 -28.52
C LEU A 97 2.27 -20.65 -29.77
N ASN A 98 3.13 -21.61 -30.13
CA ASN A 98 2.89 -22.48 -31.28
C ASN A 98 2.22 -23.76 -30.77
N CYS A 99 0.90 -23.71 -30.66
CA CYS A 99 0.13 -24.78 -30.03
C CYS A 99 -0.47 -25.69 -31.09
N SER A 100 -0.12 -26.97 -31.03
CA SER A 100 -0.76 -27.99 -31.84
C SER A 100 -1.91 -28.59 -31.03
N ASP A 101 -2.47 -29.71 -31.52
CA ASP A 101 -3.54 -30.39 -30.81
C ASP A 101 -2.96 -31.49 -29.95
N ALA A 102 -3.34 -31.52 -28.67
CA ALA A 102 -2.84 -32.53 -27.76
C ALA A 102 -3.48 -33.88 -28.06
N LYS A 103 -2.83 -34.94 -27.57
CA LYS A 103 -3.28 -36.30 -27.79
C LYS A 103 -4.55 -36.59 -26.99
N GLU A 113 -9.72 -32.21 -27.38
CA GLU A 113 -9.72 -31.07 -28.29
C GLU A 113 -9.71 -29.75 -27.52
N GLU A 114 -10.01 -29.82 -26.23
CA GLU A 114 -10.02 -28.64 -25.39
C GLU A 114 -8.63 -28.27 -24.87
N ILE A 115 -7.71 -29.23 -24.85
CA ILE A 115 -6.35 -29.00 -24.35
C ILE A 115 -5.41 -28.97 -25.55
N LYS A 116 -4.63 -27.90 -25.65
CA LYS A 116 -3.67 -27.72 -26.73
C LYS A 116 -2.26 -27.96 -26.22
N ASN A 117 -1.39 -28.42 -27.11
CA ASN A 117 0.01 -28.68 -26.79
C ASN A 117 0.83 -27.48 -27.28
N CYS A 118 1.02 -26.51 -26.40
CA CYS A 118 1.72 -25.28 -26.74
C CYS A 118 3.22 -25.45 -26.56
N SER A 119 3.98 -25.12 -27.61
CA SER A 119 5.44 -25.14 -27.57
C SER A 119 5.93 -23.74 -27.88
N PHE A 120 6.50 -23.07 -26.89
CA PHE A 120 6.90 -21.68 -26.98
C PHE A 120 8.38 -21.52 -26.64
N ASN A 121 8.87 -20.29 -26.79
CA ASN A 121 10.25 -19.95 -26.47
C ASN A 121 10.31 -19.20 -25.15
N ALA A 122 11.33 -19.50 -24.35
CA ALA A 122 11.50 -18.85 -23.06
C ALA A 122 12.98 -18.67 -22.79
N THR A 123 13.29 -17.79 -21.84
CA THR A 123 14.67 -17.52 -21.46
C THR A 123 15.15 -18.53 -20.44
N THR A 124 16.44 -18.87 -20.54
CA THR A 124 17.07 -19.81 -19.62
C THR A 124 17.52 -19.06 -18.37
N GLU A 125 18.36 -19.71 -17.56
CA GLU A 125 18.90 -19.06 -16.38
C GLU A 125 19.62 -17.76 -16.72
N LEU A 126 20.28 -17.72 -17.88
CA LEU A 126 20.93 -16.51 -18.37
C LEU A 126 19.91 -15.64 -19.08
N ARG A 127 20.38 -14.62 -19.80
CA ARG A 127 19.51 -13.74 -20.57
C ARG A 127 19.98 -13.57 -22.01
N ASP A 128 21.05 -14.25 -22.42
CA ASP A 128 21.52 -14.23 -23.79
C ASP A 128 21.25 -15.52 -24.53
N LYS A 129 20.54 -16.46 -23.92
CA LYS A 129 20.25 -17.75 -24.53
C LYS A 129 18.78 -18.10 -24.33
N LYS A 130 18.21 -18.80 -25.30
CA LYS A 130 16.83 -19.22 -25.25
C LYS A 130 16.71 -20.70 -25.62
N ARG A 131 15.70 -21.35 -25.07
CA ARG A 131 15.44 -22.75 -25.34
C ARG A 131 13.96 -22.94 -25.68
N ARG A 132 13.65 -24.10 -26.25
CA ARG A 132 12.29 -24.42 -26.69
C ARG A 132 11.64 -25.33 -25.64
N GLU A 133 10.63 -24.81 -24.97
CA GLU A 133 9.88 -25.56 -23.96
C GLU A 133 8.52 -25.96 -24.53
N TYR A 134 7.74 -26.66 -23.73
CA TYR A 134 6.41 -27.08 -24.14
C TYR A 134 5.55 -27.29 -22.90
N ALA A 135 4.27 -26.92 -23.01
CA ALA A 135 3.33 -27.08 -21.91
C ALA A 135 1.94 -27.25 -22.49
N LEU A 136 1.00 -27.64 -21.64
CA LEU A 136 -0.38 -27.85 -22.05
C LEU A 136 -1.26 -26.75 -21.47
N PHE A 137 -2.17 -26.24 -22.30
CA PHE A 137 -3.09 -25.20 -21.89
C PHE A 137 -4.48 -25.52 -22.42
N TYR A 138 -5.50 -25.04 -21.70
CA TYR A 138 -6.87 -25.22 -22.15
C TYR A 138 -7.22 -24.22 -23.23
N ARG A 139 -8.21 -24.56 -24.04
CA ARG A 139 -8.63 -23.69 -25.12
C ARG A 139 -9.19 -22.37 -24.62
N LEU A 140 -9.70 -22.32 -23.39
CA LEU A 140 -10.28 -21.11 -22.84
C LEU A 140 -9.23 -20.08 -22.44
N ASP A 141 -7.98 -20.47 -22.26
CA ASP A 141 -6.94 -19.57 -21.81
C ASP A 141 -6.16 -18.92 -22.95
N ILE A 142 -6.26 -19.45 -24.16
CA ILE A 142 -5.49 -18.96 -25.29
C ILE A 142 -6.44 -18.50 -26.39
N VAL A 143 -6.06 -17.44 -27.10
CA VAL A 143 -6.84 -16.94 -28.22
C VAL A 143 -5.97 -16.99 -29.48
N PRO A 144 -6.55 -17.22 -30.65
CA PRO A 144 -5.74 -17.36 -31.86
C PRO A 144 -5.40 -16.03 -32.51
N LEU A 145 -4.25 -16.04 -33.19
CA LEU A 145 -3.83 -14.94 -34.06
C LEU A 145 -3.99 -15.26 -35.53
N SER A 146 -3.62 -16.47 -35.94
CA SER A 146 -3.83 -16.95 -37.31
C SER A 146 -4.09 -18.46 -37.22
N GLY A 147 -5.37 -18.83 -37.17
CA GLY A 147 -5.75 -20.21 -36.98
C GLY A 147 -5.51 -21.10 -38.18
N GLU A 148 -6.21 -22.23 -38.23
CA GLU A 148 -6.06 -23.17 -39.33
C GLU A 148 -7.42 -23.61 -39.87
N SER A 153 -0.58 -23.86 -36.05
CA SER A 153 -0.93 -22.45 -35.97
C SER A 153 -0.20 -21.78 -34.80
N GLU A 154 -0.49 -20.49 -34.60
CA GLU A 154 0.14 -19.71 -33.54
C GLU A 154 -0.94 -19.10 -32.66
N TYR A 155 -0.88 -19.35 -31.37
CA TYR A 155 -1.86 -18.86 -30.41
C TYR A 155 -1.21 -17.85 -29.47
N ARG A 156 -1.98 -17.27 -28.58
CA ARG A 156 -1.46 -16.28 -27.62
C ARG A 156 -2.40 -16.31 -26.45
N LEU A 157 -1.98 -15.93 -25.25
CA LEU A 157 -2.79 -15.94 -24.04
C LEU A 157 -3.97 -14.99 -24.15
N ILE A 158 -4.91 -15.11 -23.22
CA ILE A 158 -6.19 -14.43 -23.35
C ILE A 158 -6.08 -12.96 -22.96
N ASN A 159 -5.24 -12.63 -21.97
CA ASN A 159 -5.20 -11.28 -21.43
C ASN A 159 -3.76 -10.77 -21.37
N CYS A 160 -3.03 -10.92 -22.47
CA CYS A 160 -1.71 -10.33 -22.60
C CYS A 160 -1.74 -8.96 -23.25
N ASN A 161 -2.91 -8.32 -23.31
CA ASN A 161 -3.01 -6.99 -23.91
C ASN A 161 -3.81 -6.01 -23.08
N THR A 162 -4.68 -6.45 -22.17
CA THR A 162 -5.51 -5.55 -21.39
C THR A 162 -5.27 -5.65 -19.90
N SER A 163 -4.37 -6.53 -19.45
CA SER A 163 -4.15 -6.71 -18.02
C SER A 163 -2.83 -7.43 -17.81
N VAL A 164 -2.18 -7.16 -16.68
CA VAL A 164 -1.00 -7.91 -16.28
C VAL A 164 -1.45 -9.15 -15.53
N ILE A 165 -0.72 -10.24 -15.71
CA ILE A 165 -1.10 -11.54 -15.16
C ILE A 165 -0.09 -11.94 -14.09
N THR A 166 -0.61 -12.46 -12.98
CA THR A 166 0.22 -12.95 -11.88
C THR A 166 -0.13 -14.40 -11.58
N GLN A 167 0.75 -15.05 -10.83
CA GLN A 167 0.60 -16.46 -10.47
C GLN A 167 0.40 -16.58 -8.96
N ILE A 168 -0.56 -17.43 -8.57
CA ILE A 168 -0.77 -17.71 -7.17
C ILE A 168 0.41 -18.49 -6.62
N CYS A 169 0.78 -18.21 -5.37
CA CYS A 169 1.84 -18.97 -4.72
C CYS A 169 1.38 -20.42 -4.56
N PRO A 170 2.18 -21.39 -4.97
CA PRO A 170 1.74 -22.79 -4.91
C PRO A 170 1.74 -23.37 -3.51
N LYS A 171 2.03 -22.54 -2.51
CA LYS A 171 2.07 -22.98 -1.12
C LYS A 171 0.82 -22.62 -0.34
N VAL A 172 -0.13 -21.91 -0.96
CA VAL A 172 -1.36 -21.51 -0.29
C VAL A 172 -2.53 -22.28 -0.91
N THR A 173 -3.65 -22.27 -0.20
CA THR A 173 -4.86 -22.93 -0.65
C THR A 173 -6.05 -22.01 -0.39
N PHE A 174 -7.21 -22.39 -0.94
CA PHE A 174 -8.39 -21.55 -0.85
C PHE A 174 -9.54 -22.27 -0.17
N ASP A 175 -9.28 -22.95 0.93
CA ASP A 175 -10.35 -23.63 1.65
C ASP A 175 -11.29 -22.61 2.29
N PRO A 176 -12.59 -22.77 2.15
CA PRO A 176 -13.55 -21.88 2.81
C PRO A 176 -13.65 -22.21 4.29
N ILE A 177 -13.08 -21.34 5.13
CA ILE A 177 -13.07 -21.54 6.57
C ILE A 177 -13.95 -20.50 7.24
N PRO A 178 -14.74 -20.87 8.24
CA PRO A 178 -15.65 -19.91 8.86
C PRO A 178 -14.91 -18.84 9.63
N ILE A 179 -15.33 -17.60 9.44
CA ILE A 179 -14.77 -16.46 10.16
C ILE A 179 -15.91 -15.72 10.85
N HIS A 180 -15.60 -15.13 11.99
CA HIS A 180 -16.57 -14.39 12.78
C HIS A 180 -16.23 -12.91 12.76
N TYR A 181 -17.19 -12.08 12.37
CA TYR A 181 -17.05 -10.63 12.42
C TYR A 181 -17.57 -10.14 13.76
N CYS A 182 -16.67 -9.71 14.64
CA CYS A 182 -17.04 -9.33 15.99
C CYS A 182 -16.76 -7.85 16.23
N ALA A 183 -17.78 -7.14 16.71
CA ALA A 183 -17.69 -5.71 16.92
C ALA A 183 -16.79 -5.40 18.12
N PRO A 184 -16.18 -4.21 18.14
CA PRO A 184 -15.30 -3.85 19.26
C PRO A 184 -16.06 -3.77 20.58
N ALA A 185 -15.30 -3.67 21.66
CA ALA A 185 -15.87 -3.58 23.00
C ALA A 185 -16.60 -2.25 23.15
N GLY A 186 -17.93 -2.31 23.21
CA GLY A 186 -18.73 -1.11 23.32
C GLY A 186 -19.84 -1.07 22.29
N TYR A 187 -19.97 -2.15 21.52
CA TYR A 187 -21.00 -2.24 20.50
C TYR A 187 -21.82 -3.51 20.67
N ALA A 188 -22.70 -3.80 19.71
CA ALA A 188 -23.51 -5.00 19.75
C ALA A 188 -23.96 -5.33 18.33
N ILE A 189 -24.15 -6.62 18.08
CA ILE A 189 -24.59 -7.11 16.78
C ILE A 189 -25.91 -7.84 17.00
N LEU A 190 -27.01 -7.21 16.60
CA LEU A 190 -28.33 -7.79 16.82
C LEU A 190 -28.54 -9.00 15.91
N LYS A 191 -29.53 -9.81 16.25
CA LYS A 191 -29.79 -11.05 15.52
C LYS A 191 -31.27 -11.40 15.67
N CYS A 192 -31.99 -11.41 14.54
CA CYS A 192 -33.40 -11.74 14.55
C CYS A 192 -33.59 -13.25 14.46
N ASN A 193 -34.60 -13.76 15.16
CA ASN A 193 -34.88 -15.19 15.20
C ASN A 193 -36.22 -15.55 14.57
N ASN A 194 -36.93 -14.59 14.00
CA ASN A 194 -38.18 -14.88 13.29
C ASN A 194 -37.87 -15.73 12.07
N LYS A 195 -38.37 -16.97 12.07
CA LYS A 195 -38.03 -17.92 11.02
C LYS A 195 -38.75 -17.66 9.71
N THR A 196 -39.79 -16.83 9.72
CA THR A 196 -40.52 -16.45 8.51
C THR A 196 -40.29 -14.98 8.20
N PHE A 197 -39.05 -14.52 8.38
CA PHE A 197 -38.69 -13.11 8.27
C PHE A 197 -37.71 -12.94 7.13
N ASN A 198 -38.12 -12.21 6.09
CA ASN A 198 -37.24 -11.91 4.97
C ASN A 198 -36.33 -10.76 5.33
N GLY A 199 -35.66 -10.18 4.33
CA GLY A 199 -34.70 -9.12 4.56
C GLY A 199 -35.23 -7.93 5.33
N THR A 200 -36.16 -7.19 4.72
CA THR A 200 -36.75 -6.03 5.38
C THR A 200 -37.86 -6.46 6.32
N GLY A 201 -38.49 -5.48 6.97
CA GLY A 201 -39.58 -5.76 7.88
C GLY A 201 -39.14 -5.75 9.33
N PRO A 202 -40.04 -5.36 10.23
CA PRO A 202 -39.71 -5.29 11.66
C PRO A 202 -39.72 -6.68 12.28
N CYS A 203 -38.59 -7.06 12.87
CA CYS A 203 -38.51 -8.32 13.60
C CYS A 203 -39.22 -8.20 14.94
N ASN A 204 -39.59 -9.35 15.49
CA ASN A 204 -40.30 -9.39 16.76
C ASN A 204 -39.69 -10.33 17.79
N ASN A 205 -38.58 -10.98 17.46
CA ASN A 205 -37.86 -11.86 18.38
C ASN A 205 -36.37 -11.56 18.35
N VAL A 206 -36.03 -10.26 18.43
CA VAL A 206 -34.65 -9.83 18.33
C VAL A 206 -33.85 -10.36 19.51
N SER A 207 -32.74 -11.03 19.22
CA SER A 207 -31.83 -11.52 20.24
C SER A 207 -30.45 -10.92 20.01
N THR A 208 -29.81 -10.48 21.10
CA THR A 208 -28.51 -9.84 21.02
C THR A 208 -27.40 -10.86 21.20
N VAL A 209 -26.50 -10.93 20.23
CA VAL A 209 -25.34 -11.80 20.30
C VAL A 209 -24.09 -10.93 20.25
N GLN A 210 -23.02 -11.43 20.85
CA GLN A 210 -21.77 -10.65 20.86
C GLN A 210 -21.22 -10.50 19.44
N CYS A 211 -21.31 -11.55 18.63
CA CYS A 211 -21.00 -11.44 17.21
C CYS A 211 -21.54 -12.68 16.49
N THR A 212 -21.38 -12.68 15.16
CA THR A 212 -22.05 -13.62 14.29
C THR A 212 -21.45 -15.02 14.42
N HIS A 213 -22.11 -15.97 13.77
CA HIS A 213 -21.67 -17.36 13.73
C HIS A 213 -20.70 -17.53 12.56
N GLY A 214 -20.39 -18.79 12.22
CA GLY A 214 -19.47 -19.05 11.13
C GLY A 214 -20.04 -18.58 9.80
N ILE A 215 -19.18 -17.97 8.99
CA ILE A 215 -19.55 -17.46 7.67
C ILE A 215 -18.51 -17.99 6.69
N LYS A 216 -18.86 -19.03 5.97
CA LYS A 216 -17.95 -19.60 4.97
C LYS A 216 -17.86 -18.67 3.76
N PRO A 217 -16.71 -18.06 3.48
CA PRO A 217 -16.59 -17.19 2.30
C PRO A 217 -16.37 -18.01 1.04
N VAL A 218 -17.40 -18.07 0.19
CA VAL A 218 -17.36 -18.82 -1.05
C VAL A 218 -17.71 -17.88 -2.19
N VAL A 219 -17.47 -18.36 -3.42
CA VAL A 219 -17.72 -17.59 -4.63
C VAL A 219 -18.54 -18.47 -5.57
N SER A 220 -19.70 -17.98 -5.98
CA SER A 220 -20.55 -18.69 -6.92
C SER A 220 -21.44 -17.68 -7.63
N THR A 221 -21.91 -18.05 -8.82
CA THR A 221 -22.71 -17.16 -9.65
C THR A 221 -24.13 -17.66 -9.84
N GLN A 222 -24.32 -18.88 -10.33
CA GLN A 222 -25.67 -19.37 -10.60
C GLN A 222 -26.33 -19.88 -9.33
N LEU A 223 -25.74 -20.89 -8.71
CA LEU A 223 -26.27 -21.47 -7.48
C LEU A 223 -25.49 -20.94 -6.29
N LEU A 224 -25.83 -21.45 -5.10
CA LEU A 224 -25.17 -21.03 -3.87
C LEU A 224 -24.72 -22.28 -3.12
N LEU A 225 -23.40 -22.37 -2.89
CA LEU A 225 -22.81 -23.53 -2.24
C LEU A 225 -22.93 -23.42 -0.72
N ASN A 226 -22.14 -24.21 0.01
CA ASN A 226 -22.25 -24.42 1.45
C ASN A 226 -22.71 -23.20 2.23
N GLY A 227 -23.75 -23.36 3.03
CA GLY A 227 -24.30 -22.27 3.82
C GLY A 227 -25.27 -22.73 4.88
N SER A 228 -26.25 -21.89 5.21
CA SER A 228 -27.25 -22.19 6.21
C SER A 228 -28.63 -22.30 5.57
N LEU A 229 -29.57 -22.86 6.32
CA LEU A 229 -30.93 -23.10 5.84
C LEU A 229 -31.90 -22.17 6.55
N ALA A 230 -33.19 -22.34 6.23
CA ALA A 230 -34.25 -21.54 6.84
C ALA A 230 -34.99 -22.28 7.94
N GLU A 231 -35.03 -23.61 7.89
CA GLU A 231 -35.52 -24.47 8.97
C GLU A 231 -37.03 -24.43 9.13
N GLU A 232 -37.71 -23.56 8.40
CA GLU A 232 -39.17 -23.56 8.50
C GLU A 232 -39.86 -23.61 7.15
N GLU A 233 -39.35 -22.92 6.14
CA GLU A 233 -39.99 -22.86 4.82
C GLU A 233 -39.04 -22.13 3.88
N ILE A 234 -39.21 -22.39 2.58
CA ILE A 234 -38.40 -21.70 1.58
C ILE A 234 -38.73 -20.22 1.62
N ILE A 235 -37.71 -19.40 1.86
CA ILE A 235 -37.85 -17.96 1.96
C ILE A 235 -37.40 -17.33 0.65
N ILE A 236 -38.14 -16.31 0.20
CA ILE A 236 -37.86 -15.61 -1.04
C ILE A 236 -37.54 -14.16 -0.68
N ARG A 237 -36.27 -13.79 -0.78
CA ARG A 237 -35.81 -12.46 -0.39
C ARG A 237 -35.55 -11.62 -1.63
N SER A 238 -35.91 -10.34 -1.55
CA SER A 238 -35.66 -9.40 -2.64
C SER A 238 -35.84 -7.99 -2.11
N GLU A 239 -35.34 -7.02 -2.89
CA GLU A 239 -35.47 -5.61 -2.52
C GLU A 239 -36.73 -5.00 -3.10
N ASN A 240 -37.11 -5.38 -4.31
CA ASN A 240 -38.31 -4.84 -4.97
C ASN A 240 -38.79 -5.91 -5.94
N LEU A 241 -39.82 -6.66 -5.54
CA LEU A 241 -40.29 -7.77 -6.36
C LEU A 241 -40.93 -7.30 -7.66
N THR A 242 -41.45 -6.08 -7.69
CA THR A 242 -42.05 -5.53 -8.89
C THR A 242 -41.03 -4.86 -9.81
N ASP A 243 -39.75 -5.20 -9.66
CA ASP A 243 -38.69 -4.65 -10.50
C ASP A 243 -38.32 -5.68 -11.57
N ASN A 244 -37.27 -5.38 -12.33
CA ASN A 244 -36.83 -6.26 -13.42
C ASN A 244 -35.35 -6.59 -13.39
N VAL A 245 -34.52 -5.83 -12.66
CA VAL A 245 -33.08 -6.06 -12.62
C VAL A 245 -32.61 -6.55 -11.27
N LYS A 246 -33.52 -6.74 -10.31
CA LYS A 246 -33.12 -7.16 -8.98
C LYS A 246 -32.95 -8.67 -8.92
N THR A 247 -31.88 -9.10 -8.25
CA THR A 247 -31.57 -10.52 -8.11
C THR A 247 -32.41 -11.09 -6.97
N ILE A 248 -33.40 -11.91 -7.31
CA ILE A 248 -34.31 -12.50 -6.34
C ILE A 248 -33.57 -13.69 -5.69
N ILE A 249 -33.10 -13.51 -4.47
CA ILE A 249 -32.41 -14.57 -3.75
C ILE A 249 -33.44 -15.56 -3.23
N VAL A 250 -33.20 -16.84 -3.47
CA VAL A 250 -34.08 -17.91 -3.01
C VAL A 250 -33.34 -18.72 -1.96
N HIS A 251 -33.85 -18.72 -0.74
CA HIS A 251 -33.26 -19.47 0.36
C HIS A 251 -34.03 -20.77 0.56
N LEU A 252 -33.29 -21.87 0.70
CA LEU A 252 -33.89 -23.19 0.82
C LEU A 252 -33.88 -23.67 2.26
N ASN A 253 -34.67 -24.71 2.53
CA ASN A 253 -34.69 -25.35 3.83
C ASN A 253 -34.24 -26.81 3.78
N GLU A 254 -34.36 -27.48 2.65
CA GLU A 254 -33.89 -28.86 2.47
C GLU A 254 -32.81 -28.83 1.41
N SER A 255 -31.55 -28.93 1.85
CA SER A 255 -30.43 -28.85 0.92
C SER A 255 -30.38 -30.08 0.02
N VAL A 256 -29.78 -29.91 -1.15
CA VAL A 256 -29.61 -31.00 -2.10
C VAL A 256 -28.13 -31.31 -2.23
N GLU A 257 -27.84 -32.53 -2.69
CA GLU A 257 -26.47 -32.99 -2.82
C GLU A 257 -25.93 -32.67 -4.21
N ILE A 258 -24.62 -32.45 -4.28
CA ILE A 258 -23.94 -32.19 -5.53
C ILE A 258 -22.47 -32.60 -5.38
N THR A 259 -21.94 -33.27 -6.39
CA THR A 259 -20.55 -33.68 -6.41
C THR A 259 -19.95 -33.34 -7.77
N CYS A 260 -18.70 -32.86 -7.74
CA CYS A 260 -17.98 -32.47 -8.94
C CYS A 260 -16.60 -33.09 -8.92
N THR A 261 -16.22 -33.71 -10.04
CA THR A 261 -14.99 -34.49 -10.12
C THR A 261 -14.18 -34.05 -11.33
N ARG A 262 -12.99 -34.63 -11.44
CA ARG A 262 -12.12 -34.43 -12.61
C ARG A 262 -11.38 -35.74 -12.85
N PRO A 263 -11.92 -36.61 -13.70
CA PRO A 263 -11.32 -37.94 -13.87
C PRO A 263 -9.94 -37.94 -14.52
N ASN A 264 -9.52 -36.82 -15.11
CA ASN A 264 -8.17 -36.74 -15.65
C ASN A 264 -7.15 -36.78 -14.52
N ASN A 265 -5.92 -37.17 -14.85
CA ASN A 265 -4.84 -37.30 -13.88
C ASN A 265 -3.67 -36.46 -14.39
N MET A 266 -3.66 -35.18 -14.02
CA MET A 266 -2.66 -34.25 -14.52
C MET A 266 -1.34 -34.43 -13.80
N THR A 267 -0.31 -33.75 -14.31
CA THR A 267 1.02 -33.76 -13.72
C THR A 267 1.57 -32.35 -13.71
N ARG A 268 2.30 -32.00 -12.65
CA ARG A 268 2.89 -30.68 -12.51
C ARG A 268 4.32 -30.69 -13.06
N LYS A 269 4.65 -29.65 -13.83
CA LYS A 269 5.96 -29.50 -14.43
C LYS A 269 6.47 -28.09 -14.16
N SER A 270 7.69 -28.00 -13.63
CA SER A 270 8.31 -26.72 -13.30
C SER A 270 9.19 -26.28 -14.46
N VAL A 271 8.78 -25.22 -15.13
CA VAL A 271 9.53 -24.67 -16.26
C VAL A 271 10.16 -23.34 -15.84
N ARG A 272 11.09 -22.86 -16.67
CA ARG A 272 11.81 -21.62 -16.41
C ARG A 272 11.36 -20.55 -17.40
N ILE A 273 11.20 -19.33 -16.90
CA ILE A 273 10.82 -18.19 -17.73
C ILE A 273 11.81 -17.04 -17.65
N GLY A 274 12.74 -17.07 -16.71
CA GLY A 274 13.71 -16.01 -16.56
C GLY A 274 14.65 -16.24 -15.40
N PRO A 275 15.60 -15.33 -15.21
CA PRO A 275 16.54 -15.49 -14.09
C PRO A 275 15.87 -15.24 -12.74
N GLY A 276 15.65 -16.32 -11.98
CA GLY A 276 15.01 -16.22 -10.69
C GLY A 276 13.51 -16.37 -10.70
N GLN A 277 12.90 -16.52 -11.87
CA GLN A 277 11.45 -16.65 -11.99
C GLN A 277 11.11 -18.01 -12.60
N THR A 278 10.04 -18.61 -12.09
CA THR A 278 9.60 -19.91 -12.59
C THR A 278 8.14 -20.10 -12.24
N PHE A 279 7.45 -20.90 -13.05
CA PHE A 279 6.04 -21.20 -12.82
C PHE A 279 5.77 -22.64 -13.23
N TYR A 280 4.65 -23.17 -12.73
CA TYR A 280 4.27 -24.57 -12.96
C TYR A 280 3.14 -24.65 -13.98
N ALA A 281 3.30 -25.55 -14.94
CA ALA A 281 2.30 -25.75 -15.98
C ALA A 281 2.01 -27.25 -16.10
N LEU A 282 0.95 -27.56 -16.85
CA LEU A 282 0.53 -28.94 -17.01
C LEU A 282 1.51 -29.69 -17.90
N GLY A 283 1.98 -30.84 -17.43
CA GLY A 283 2.82 -31.70 -18.23
C GLY A 283 2.00 -32.72 -18.98
N ASP A 284 2.44 -33.97 -18.98
CA ASP A 284 1.67 -35.04 -19.59
C ASP A 284 0.49 -35.41 -18.71
N ILE A 285 -0.51 -36.04 -19.31
CA ILE A 285 -1.73 -36.44 -18.63
C ILE A 285 -1.75 -37.96 -18.53
N ILE A 286 -1.69 -38.46 -17.30
CA ILE A 286 -1.71 -39.90 -17.08
C ILE A 286 -3.11 -40.43 -17.33
N GLY A 287 -3.20 -41.59 -17.98
CA GLY A 287 -4.48 -42.20 -18.28
C GLY A 287 -5.18 -41.53 -19.44
N ASP A 288 -6.31 -42.13 -19.83
CA ASP A 288 -7.08 -41.60 -20.95
C ASP A 288 -7.74 -40.27 -20.57
N ILE A 289 -7.97 -39.44 -21.59
CA ILE A 289 -8.55 -38.12 -21.37
C ILE A 289 -10.06 -38.26 -21.20
N ARG A 290 -10.60 -37.60 -20.18
CA ARG A 290 -12.03 -37.58 -19.94
C ARG A 290 -12.45 -36.16 -19.57
N GLN A 291 -13.76 -35.96 -19.47
CA GLN A 291 -14.27 -34.62 -19.23
C GLN A 291 -14.82 -34.48 -17.81
N PRO A 292 -14.60 -33.34 -17.16
CA PRO A 292 -15.17 -33.14 -15.83
C PRO A 292 -16.69 -33.02 -15.89
N HIS A 293 -17.33 -33.40 -14.80
CA HIS A 293 -18.78 -33.41 -14.75
C HIS A 293 -19.25 -33.35 -13.30
N CYS A 294 -20.41 -32.74 -13.10
CA CYS A 294 -21.05 -32.68 -11.79
C CYS A 294 -22.35 -33.47 -11.82
N ASN A 295 -22.74 -33.97 -10.65
CA ASN A 295 -23.93 -34.81 -10.51
C ASN A 295 -24.91 -34.16 -9.54
N ILE A 296 -26.19 -34.26 -9.86
CA ILE A 296 -27.27 -33.78 -9.00
C ILE A 296 -28.39 -34.81 -9.04
N SER A 297 -28.88 -35.22 -7.87
CA SER A 297 -29.95 -36.20 -7.82
C SER A 297 -31.19 -35.67 -8.52
N GLU A 298 -31.78 -36.50 -9.38
CA GLU A 298 -32.91 -36.05 -10.19
C GLU A 298 -34.17 -35.87 -9.37
N ILE A 299 -34.51 -36.87 -8.56
CA ILE A 299 -35.71 -36.78 -7.74
C ILE A 299 -35.57 -35.69 -6.68
N LYS A 300 -34.36 -35.54 -6.14
CA LYS A 300 -34.12 -34.52 -5.12
C LYS A 300 -34.11 -33.11 -5.68
N TRP A 301 -34.05 -32.94 -7.01
CA TRP A 301 -34.06 -31.62 -7.62
C TRP A 301 -35.44 -31.19 -8.09
N GLU A 302 -36.16 -32.07 -8.80
CA GLU A 302 -37.52 -31.72 -9.22
C GLU A 302 -38.45 -31.53 -8.04
N LYS A 303 -38.10 -32.09 -6.88
CA LYS A 303 -38.89 -31.84 -5.67
C LYS A 303 -38.50 -30.52 -5.02
N THR A 304 -37.22 -30.19 -5.02
CA THR A 304 -36.77 -28.92 -4.44
C THR A 304 -36.99 -27.75 -5.38
N LEU A 305 -37.42 -28.00 -6.62
CA LEU A 305 -37.75 -26.92 -7.54
C LEU A 305 -39.24 -26.60 -7.53
N GLN A 306 -40.09 -27.62 -7.36
CA GLN A 306 -41.53 -27.37 -7.31
C GLN A 306 -41.91 -26.56 -6.08
N ARG A 307 -41.23 -26.77 -4.96
CA ARG A 307 -41.52 -26.00 -3.75
C ARG A 307 -41.26 -24.52 -3.97
N VAL A 308 -40.32 -24.18 -4.84
CA VAL A 308 -40.13 -22.78 -5.20
C VAL A 308 -41.20 -22.32 -6.17
N SER A 309 -41.73 -23.24 -6.99
CA SER A 309 -42.79 -22.89 -7.92
C SER A 309 -44.11 -22.58 -7.22
N GLU A 310 -44.31 -23.09 -6.01
CA GLU A 310 -45.52 -22.78 -5.26
C GLU A 310 -45.35 -21.58 -4.35
N LYS A 311 -44.12 -21.20 -4.01
CA LYS A 311 -43.88 -20.01 -3.20
C LYS A 311 -43.74 -18.76 -4.04
N LEU A 312 -43.01 -18.83 -5.15
CA LEU A 312 -42.85 -17.68 -6.02
C LEU A 312 -44.14 -17.32 -6.74
N ARG A 313 -45.08 -18.27 -6.86
CA ARG A 313 -46.37 -17.96 -7.46
C ARG A 313 -47.27 -17.19 -6.51
N GLU A 314 -47.06 -17.33 -5.20
CA GLU A 314 -47.89 -16.64 -4.22
C GLU A 314 -47.60 -15.14 -4.16
N HIS A 315 -46.54 -14.67 -4.82
CA HIS A 315 -46.24 -13.25 -4.90
C HIS A 315 -46.56 -12.64 -6.26
N PHE A 316 -46.95 -13.45 -7.24
CA PHE A 316 -47.30 -12.96 -8.56
C PHE A 316 -48.66 -13.42 -9.06
N ASN A 317 -49.21 -14.51 -8.52
CA ASN A 317 -50.50 -15.06 -8.94
C ASN A 317 -50.53 -15.37 -10.43
N LYS A 318 -49.39 -15.75 -11.00
CA LYS A 318 -49.29 -16.11 -12.40
C LYS A 318 -48.40 -17.33 -12.54
N THR A 319 -48.66 -18.14 -13.58
CA THR A 319 -47.83 -19.30 -13.84
C THR A 319 -46.42 -18.88 -14.21
N ILE A 320 -45.45 -19.69 -13.81
CA ILE A 320 -44.04 -19.38 -13.99
C ILE A 320 -43.34 -20.53 -14.71
N ILE A 321 -42.33 -20.18 -15.50
CA ILE A 321 -41.49 -21.15 -16.19
C ILE A 321 -40.04 -20.73 -16.03
N PHE A 322 -39.15 -21.72 -16.08
CA PHE A 322 -37.72 -21.49 -15.88
C PHE A 322 -36.99 -21.59 -17.21
N ASN A 323 -36.18 -20.58 -17.52
CA ASN A 323 -35.36 -20.53 -18.72
C ASN A 323 -33.89 -20.65 -18.35
N GLN A 324 -33.05 -20.75 -19.37
CA GLN A 324 -31.61 -20.72 -19.18
C GLN A 324 -31.13 -19.28 -19.15
N SER A 325 -29.82 -19.10 -18.99
CA SER A 325 -29.24 -17.76 -18.98
C SER A 325 -29.15 -17.22 -20.41
N SER A 326 -28.74 -15.96 -20.53
CA SER A 326 -28.64 -15.34 -21.85
C SER A 326 -27.46 -15.90 -22.62
N GLY A 327 -26.25 -15.73 -22.09
CA GLY A 327 -25.03 -16.19 -22.72
C GLY A 327 -23.99 -15.10 -22.75
N GLY A 328 -22.94 -15.33 -23.53
CA GLY A 328 -21.86 -14.37 -23.63
C GLY A 328 -20.60 -14.82 -22.90
N ASP A 329 -20.13 -14.02 -21.97
CA ASP A 329 -18.96 -14.38 -21.17
C ASP A 329 -19.31 -15.54 -20.24
N LEU A 330 -18.28 -16.33 -19.92
CA LEU A 330 -18.46 -17.52 -19.09
C LEU A 330 -18.46 -17.23 -17.61
N GLU A 331 -18.72 -15.99 -17.21
CA GLU A 331 -18.76 -15.63 -15.79
C GLU A 331 -20.17 -15.39 -15.26
N ILE A 332 -21.14 -15.13 -16.13
CA ILE A 332 -22.50 -14.87 -15.70
C ILE A 332 -23.48 -15.96 -16.10
N THR A 333 -23.21 -16.68 -17.19
CA THR A 333 -24.07 -17.77 -17.65
C THR A 333 -23.49 -19.14 -17.29
N THR A 334 -22.70 -19.21 -16.23
CA THR A 334 -22.02 -20.45 -15.87
C THR A 334 -21.90 -20.53 -14.35
N HIS A 335 -22.12 -21.74 -13.83
CA HIS A 335 -22.03 -21.99 -12.39
C HIS A 335 -20.55 -22.01 -11.98
N SER A 336 -19.98 -20.81 -11.90
CA SER A 336 -18.56 -20.66 -11.58
C SER A 336 -18.35 -20.88 -10.09
N PHE A 337 -17.43 -21.78 -9.74
CA PHE A 337 -17.12 -22.04 -8.34
C PHE A 337 -15.73 -22.65 -8.24
N ASN A 338 -15.20 -22.64 -7.02
CA ASN A 338 -13.89 -23.19 -6.72
C ASN A 338 -14.03 -24.59 -6.14
N CYS A 339 -13.02 -25.44 -6.37
CA CYS A 339 -13.05 -26.81 -5.87
C CYS A 339 -11.60 -27.27 -5.71
N GLY A 340 -11.13 -27.27 -4.45
CA GLY A 340 -9.81 -27.79 -4.16
C GLY A 340 -8.67 -27.07 -4.84
N GLY A 341 -8.86 -25.82 -5.23
CA GLY A 341 -7.82 -25.04 -5.88
C GLY A 341 -7.86 -25.06 -7.39
N GLU A 342 -8.88 -25.68 -7.99
CA GLU A 342 -9.05 -25.71 -9.44
C GLU A 342 -10.40 -25.12 -9.78
N PHE A 343 -10.40 -23.99 -10.48
CA PHE A 343 -11.64 -23.28 -10.77
C PHE A 343 -12.48 -24.06 -11.78
N PHE A 344 -13.77 -24.19 -11.48
CA PHE A 344 -14.70 -24.98 -12.28
C PHE A 344 -15.73 -24.06 -12.93
N TYR A 345 -15.97 -24.27 -14.23
CA TYR A 345 -17.04 -23.60 -14.95
C TYR A 345 -17.95 -24.69 -15.52
N CYS A 346 -19.18 -24.75 -15.01
CA CYS A 346 -20.12 -25.80 -15.38
C CYS A 346 -21.31 -25.21 -16.10
N ASN A 347 -21.62 -25.76 -17.28
CA ASN A 347 -22.76 -25.31 -18.08
C ASN A 347 -24.03 -25.95 -17.55
N THR A 348 -24.75 -25.21 -16.72
CA THR A 348 -26.02 -25.66 -16.15
C THR A 348 -27.20 -24.94 -16.78
N SER A 349 -27.10 -24.68 -18.08
CA SER A 349 -28.11 -23.85 -18.76
C SER A 349 -29.34 -24.65 -19.12
N ASP A 350 -29.20 -25.67 -19.97
CA ASP A 350 -30.35 -26.37 -20.50
C ASP A 350 -30.35 -27.84 -20.14
N LEU A 351 -30.07 -28.17 -18.88
CA LEU A 351 -30.19 -29.53 -18.39
C LEU A 351 -31.26 -29.69 -17.32
N PHE A 352 -31.50 -28.66 -16.50
CA PHE A 352 -32.60 -28.65 -15.56
C PHE A 352 -33.34 -27.32 -15.53
N PHE A 353 -32.86 -26.32 -16.29
CA PHE A 353 -33.50 -25.01 -16.37
C PHE A 353 -34.07 -24.73 -17.76
N ASN A 354 -34.24 -25.76 -18.59
CA ASN A 354 -34.67 -25.53 -19.97
C ASN A 354 -36.12 -25.06 -20.01
N LYS A 355 -37.05 -25.90 -19.54
CA LYS A 355 -38.46 -25.54 -19.53
C LYS A 355 -39.13 -26.26 -18.36
N THR A 356 -40.17 -25.62 -17.82
CA THR A 356 -40.89 -26.16 -16.68
C THR A 356 -42.38 -25.92 -16.81
N ASN A 369 -35.15 -42.25 -10.15
CA ASN A 369 -33.92 -42.65 -9.51
C ASN A 369 -32.72 -42.32 -10.39
N SER A 370 -32.95 -41.48 -11.40
CA SER A 370 -31.91 -41.11 -12.33
C SER A 370 -30.99 -40.05 -11.72
N THR A 371 -30.01 -39.62 -12.51
CA THR A 371 -29.05 -38.61 -12.06
C THR A 371 -28.79 -37.63 -13.20
N ILE A 372 -28.86 -36.34 -12.90
CA ILE A 372 -28.63 -35.30 -13.89
C ILE A 372 -27.14 -35.00 -13.95
N THR A 373 -26.54 -35.17 -15.12
CA THR A 373 -25.15 -34.85 -15.32
C THR A 373 -25.00 -33.37 -15.66
N LEU A 374 -23.76 -32.88 -15.59
CA LEU A 374 -23.46 -31.47 -15.83
C LEU A 374 -22.06 -31.37 -16.44
N PRO A 375 -21.94 -31.29 -17.76
CA PRO A 375 -20.62 -31.11 -18.38
C PRO A 375 -20.04 -29.75 -18.02
N CYS A 376 -18.80 -29.77 -17.53
CA CYS A 376 -18.11 -28.56 -17.08
C CYS A 376 -16.91 -28.29 -17.97
N ARG A 377 -16.17 -27.25 -17.61
CA ARG A 377 -14.92 -26.91 -18.28
C ARG A 377 -14.07 -26.10 -17.31
N ILE A 378 -12.76 -26.30 -17.39
CA ILE A 378 -11.82 -25.74 -16.42
C ILE A 378 -11.02 -24.64 -17.09
N LYS A 379 -10.87 -23.51 -16.39
CA LYS A 379 -10.03 -22.41 -16.83
C LYS A 379 -9.07 -22.05 -15.70
N GLN A 380 -7.82 -21.77 -16.05
CA GLN A 380 -6.79 -21.50 -15.05
C GLN A 380 -6.27 -20.06 -15.11
N ILE A 381 -6.87 -19.20 -15.93
CA ILE A 381 -6.53 -17.79 -15.99
C ILE A 381 -7.83 -17.02 -15.70
N ILE A 382 -8.00 -16.61 -14.44
CA ILE A 382 -9.27 -16.09 -13.96
C ILE A 382 -9.16 -14.58 -13.81
N ASN A 383 -10.14 -13.86 -14.33
CA ASN A 383 -10.27 -12.41 -14.11
C ASN A 383 -11.20 -12.23 -12.93
N MET A 384 -10.61 -12.09 -11.74
CA MET A 384 -11.40 -12.07 -10.52
C MET A 384 -12.14 -10.75 -10.37
N TRP A 385 -13.44 -10.84 -10.06
CA TRP A 385 -14.32 -9.72 -9.77
C TRP A 385 -14.49 -8.77 -10.95
N GLN A 386 -14.03 -9.16 -12.14
CA GLN A 386 -14.21 -8.39 -13.38
C GLN A 386 -13.70 -6.96 -13.21
N GLU A 387 -12.41 -6.85 -12.90
CA GLU A 387 -11.75 -5.57 -12.71
C GLU A 387 -10.51 -5.51 -13.59
N VAL A 388 -10.33 -4.38 -14.27
CA VAL A 388 -9.17 -4.21 -15.14
C VAL A 388 -7.91 -4.12 -14.29
N GLY A 389 -6.88 -4.87 -14.68
CA GLY A 389 -5.64 -4.94 -13.94
C GLY A 389 -5.49 -6.15 -13.06
N ARG A 390 -6.46 -7.07 -13.09
CA ARG A 390 -6.44 -8.27 -12.25
C ARG A 390 -6.48 -9.50 -13.15
N ALA A 391 -5.51 -10.39 -12.97
CA ALA A 391 -5.47 -11.64 -13.73
C ALA A 391 -4.63 -12.63 -12.94
N MET A 392 -5.26 -13.68 -12.42
CA MET A 392 -4.60 -14.67 -11.58
C MET A 392 -4.49 -15.99 -12.33
N TYR A 393 -3.28 -16.53 -12.40
CA TYR A 393 -3.01 -17.80 -13.04
C TYR A 393 -2.98 -18.88 -11.96
N ALA A 394 -3.99 -19.75 -11.96
CA ALA A 394 -4.05 -20.81 -10.96
C ALA A 394 -3.15 -21.97 -11.37
N PRO A 395 -2.23 -22.40 -10.52
CA PRO A 395 -1.37 -23.51 -10.89
C PRO A 395 -2.14 -24.82 -10.90
N PRO A 396 -1.69 -25.81 -11.68
CA PRO A 396 -2.42 -27.08 -11.73
C PRO A 396 -2.26 -27.85 -10.44
N ILE A 397 -3.11 -28.87 -10.28
CA ILE A 397 -3.13 -29.72 -9.10
C ILE A 397 -2.94 -31.16 -9.54
N ALA A 398 -1.92 -31.81 -9.00
CA ALA A 398 -1.66 -33.20 -9.33
C ALA A 398 -2.75 -34.10 -8.74
N GLY A 399 -3.04 -35.18 -9.45
CA GLY A 399 -4.09 -36.09 -9.05
C GLY A 399 -5.48 -35.56 -9.33
N ASN A 400 -6.46 -36.43 -9.17
CA ASN A 400 -7.84 -36.04 -9.39
C ASN A 400 -8.40 -35.35 -8.15
N ILE A 401 -9.51 -34.64 -8.33
CA ILE A 401 -10.16 -33.91 -7.25
C ILE A 401 -11.63 -34.32 -7.20
N THR A 402 -12.22 -34.15 -6.02
CA THR A 402 -13.63 -34.46 -5.82
C THR A 402 -14.15 -33.57 -4.69
N CYS A 403 -15.17 -32.78 -4.98
CA CYS A 403 -15.74 -31.83 -4.02
C CYS A 403 -17.19 -32.21 -3.78
N LYS A 404 -17.46 -32.88 -2.65
CA LYS A 404 -18.83 -33.21 -2.24
C LYS A 404 -19.45 -31.94 -1.68
N SER A 405 -19.89 -31.07 -2.58
CA SER A 405 -20.41 -29.77 -2.21
C SER A 405 -21.85 -29.91 -1.70
N ASN A 406 -22.51 -28.78 -1.45
CA ASN A 406 -23.84 -28.77 -0.85
C ASN A 406 -24.52 -27.46 -1.23
N ILE A 407 -25.65 -27.56 -1.93
CA ILE A 407 -26.39 -26.39 -2.37
C ILE A 407 -27.33 -25.96 -1.26
N THR A 408 -27.37 -24.65 -0.98
CA THR A 408 -28.23 -24.12 0.06
C THR A 408 -29.15 -23.02 -0.46
N GLY A 409 -28.69 -22.27 -1.46
CA GLY A 409 -29.46 -21.16 -1.98
C GLY A 409 -29.41 -21.11 -3.49
N LEU A 410 -30.27 -20.25 -4.05
CA LEU A 410 -30.36 -20.04 -5.48
C LEU A 410 -30.35 -18.54 -5.77
N LEU A 411 -30.12 -18.22 -7.04
CA LEU A 411 -30.16 -16.84 -7.52
C LEU A 411 -30.98 -16.80 -8.79
N LEU A 412 -31.90 -15.84 -8.88
CA LEU A 412 -32.80 -15.73 -10.02
C LEU A 412 -32.78 -14.30 -10.55
N THR A 413 -33.49 -14.11 -11.66
CA THR A 413 -33.60 -12.80 -12.30
C THR A 413 -34.84 -12.81 -13.19
N ARG A 414 -35.70 -11.80 -13.02
CA ARG A 414 -36.93 -11.74 -13.79
C ARG A 414 -36.64 -11.31 -15.23
N ASP A 415 -37.71 -11.19 -16.02
CA ASP A 415 -37.64 -10.73 -17.39
C ASP A 415 -38.72 -9.70 -17.65
N GLY A 416 -38.55 -8.95 -18.73
CA GLY A 416 -39.49 -7.91 -19.09
C GLY A 416 -40.76 -8.43 -19.72
N GLY A 417 -41.58 -9.12 -18.94
CA GLY A 417 -42.83 -9.67 -19.45
C GLY A 417 -43.97 -8.69 -19.41
N GLY A 418 -45.11 -9.12 -18.88
CA GLY A 418 -46.28 -8.25 -18.80
C GLY A 418 -47.33 -8.77 -17.84
N THR A 422 -51.08 -14.46 -18.89
CA THR A 422 -49.65 -14.32 -19.14
C THR A 422 -48.85 -15.18 -18.17
N LYS A 423 -47.56 -15.34 -18.45
CA LYS A 423 -46.68 -16.14 -17.61
C LYS A 423 -45.46 -15.34 -17.18
N GLU A 424 -44.50 -16.01 -16.53
CA GLU A 424 -43.29 -15.36 -16.06
C GLU A 424 -42.10 -16.28 -16.25
N THR A 425 -40.95 -15.70 -16.56
CA THR A 425 -39.71 -16.45 -16.78
C THR A 425 -38.65 -15.97 -15.79
N PHE A 426 -37.92 -16.92 -15.22
CA PHE A 426 -36.85 -16.63 -14.28
C PHE A 426 -35.58 -17.33 -14.73
N ARG A 427 -34.47 -16.60 -14.69
CA ARG A 427 -33.18 -17.10 -15.15
C ARG A 427 -32.13 -16.92 -14.06
N PRO A 428 -31.18 -17.83 -13.96
CA PRO A 428 -30.10 -17.66 -12.96
C PRO A 428 -29.19 -16.51 -13.30
N GLY A 429 -29.27 -15.43 -12.52
CA GLY A 429 -28.51 -14.23 -12.77
C GLY A 429 -27.25 -14.12 -11.91
N GLY A 430 -26.39 -13.20 -12.31
CA GLY A 430 -25.14 -12.96 -11.62
C GLY A 430 -24.95 -11.50 -11.28
N GLY A 431 -26.03 -10.83 -10.88
CA GLY A 431 -26.07 -9.40 -10.66
C GLY A 431 -24.86 -8.76 -10.01
N ASN A 432 -24.34 -9.36 -8.95
CA ASN A 432 -23.19 -8.79 -8.26
C ASN A 432 -22.47 -9.90 -7.50
N MET A 433 -21.31 -9.55 -6.96
CA MET A 433 -20.53 -10.48 -6.14
C MET A 433 -20.85 -10.34 -4.66
N ARG A 434 -21.04 -9.11 -4.17
CA ARG A 434 -21.39 -8.91 -2.78
C ARG A 434 -22.77 -9.49 -2.46
N ASP A 435 -23.60 -9.72 -3.48
CA ASP A 435 -24.90 -10.34 -3.29
C ASP A 435 -24.80 -11.78 -2.82
N ASN A 436 -23.61 -12.39 -2.89
CA ASN A 436 -23.45 -13.77 -2.46
C ASN A 436 -23.51 -13.91 -0.95
N TRP A 437 -23.18 -12.86 -0.21
CA TRP A 437 -23.13 -12.91 1.24
C TRP A 437 -24.39 -12.39 1.90
N ARG A 438 -25.28 -11.71 1.16
CA ARG A 438 -26.51 -11.21 1.76
C ARG A 438 -27.46 -12.35 2.15
N SER A 439 -27.21 -13.56 1.65
CA SER A 439 -27.98 -14.72 2.10
C SER A 439 -27.47 -15.27 3.42
N GLU A 440 -26.36 -14.75 3.94
CA GLU A 440 -25.83 -15.16 5.22
C GLU A 440 -25.91 -14.10 6.29
N LEU A 441 -25.87 -12.83 5.92
CA LEU A 441 -25.94 -11.71 6.85
C LEU A 441 -27.29 -11.00 6.78
N TYR A 442 -28.36 -11.77 6.55
CA TYR A 442 -29.70 -11.19 6.49
C TYR A 442 -30.28 -10.93 7.87
N LYS A 443 -29.76 -11.57 8.90
CA LYS A 443 -30.28 -11.47 10.26
C LYS A 443 -29.25 -10.85 11.21
N TYR A 444 -28.57 -9.81 10.74
CA TYR A 444 -27.56 -9.15 11.56
C TYR A 444 -27.61 -7.65 11.31
N LYS A 445 -27.35 -6.88 12.37
CA LYS A 445 -27.38 -5.43 12.29
C LYS A 445 -26.56 -4.87 13.44
N VAL A 446 -25.50 -4.13 13.12
CA VAL A 446 -24.62 -3.58 14.15
C VAL A 446 -25.21 -2.29 14.69
N VAL A 447 -25.18 -2.14 16.02
CA VAL A 447 -25.70 -0.96 16.69
C VAL A 447 -24.69 -0.50 17.72
N GLU A 448 -24.83 0.76 18.13
CA GLU A 448 -23.98 1.37 19.14
C GLU A 448 -24.81 1.61 20.40
N VAL A 449 -24.41 0.99 21.50
CA VAL A 449 -25.15 1.11 22.75
C VAL A 449 -24.70 2.37 23.49
N LYS A 450 -25.68 3.10 24.03
CA LYS A 450 -25.41 4.31 24.81
C LYS A 450 -25.90 4.09 26.24
N PRO A 451 -25.01 4.04 27.23
CA PRO A 451 -25.43 3.68 28.59
C PRO A 451 -25.89 4.83 29.46
N LEU A 452 -25.75 6.08 29.02
CA LEU A 452 -26.11 7.23 29.83
C LEU A 452 -27.58 7.57 29.60
N GLY A 453 -28.36 7.56 30.66
CA GLY A 453 -29.78 7.88 30.57
C GLY A 453 -30.16 8.98 31.53
N ILE A 454 -31.10 9.82 31.10
CA ILE A 454 -31.57 10.95 31.90
C ILE A 454 -33.05 10.73 32.19
N ALA A 455 -33.42 10.80 33.47
CA ALA A 455 -34.80 10.58 33.88
C ALA A 455 -35.10 11.40 35.12
N PRO A 456 -36.26 12.05 35.17
CA PRO A 456 -36.60 12.86 36.35
C PRO A 456 -37.03 11.98 37.52
N THR A 457 -36.64 12.39 38.72
CA THR A 457 -37.01 11.71 39.95
C THR A 457 -37.09 12.74 41.06
N GLU A 458 -37.20 12.26 42.31
CA GLU A 458 -37.32 13.12 43.48
C GLU A 458 -36.12 12.86 44.39
N CYS A 459 -35.04 13.59 44.16
CA CYS A 459 -33.85 13.48 44.99
C CYS A 459 -32.99 14.72 44.77
N ASN A 460 -32.11 14.99 45.74
CA ASN A 460 -31.12 16.04 45.60
C ASN A 460 -29.98 15.74 46.56
N ARG A 461 -28.97 16.61 46.56
CA ARG A 461 -27.78 16.39 47.36
C ARG A 461 -28.07 16.64 48.83
N THR A 462 -28.58 15.62 49.52
CA THR A 462 -29.00 15.71 50.93
C THR A 462 -29.86 16.94 51.20
N LEU B 2 -12.11 -10.94 58.58
CA LEU B 2 -13.43 -11.53 58.42
C LEU B 2 -14.13 -10.97 57.19
N TRP B 3 -13.61 -9.87 56.67
CA TRP B 3 -14.19 -9.20 55.51
C TRP B 3 -13.15 -9.11 54.40
N VAL B 4 -13.62 -9.29 53.16
CA VAL B 4 -12.74 -9.22 52.00
C VAL B 4 -12.38 -7.77 51.72
N THR B 5 -11.12 -7.51 51.44
CA THR B 5 -10.65 -6.20 51.02
C THR B 5 -9.70 -6.37 49.84
N VAL B 6 -9.64 -5.33 49.00
CA VAL B 6 -8.82 -5.34 47.80
C VAL B 6 -7.66 -4.37 47.99
N TYR B 7 -6.51 -4.72 47.44
CA TYR B 7 -5.31 -3.90 47.51
C TYR B 7 -4.85 -3.55 46.11
N TYR B 8 -4.43 -2.30 45.93
CA TYR B 8 -3.94 -1.81 44.64
C TYR B 8 -2.44 -1.59 44.76
N GLY B 9 -1.67 -2.38 44.00
CA GLY B 9 -0.23 -2.26 44.04
C GLY B 9 0.46 -3.36 44.82
N VAL B 10 0.02 -4.59 44.63
CA VAL B 10 0.66 -5.75 45.28
C VAL B 10 1.67 -6.35 44.31
N PRO B 11 2.83 -6.79 44.79
CA PRO B 11 3.82 -7.38 43.88
C PRO B 11 3.44 -8.78 43.42
N VAL B 12 2.55 -8.87 42.44
CA VAL B 12 2.13 -10.14 41.87
C VAL B 12 2.33 -10.06 40.37
N TRP B 13 3.07 -11.02 39.81
CA TRP B 13 3.39 -11.03 38.40
C TRP B 13 3.27 -12.44 37.84
N ARG B 14 2.92 -12.53 36.57
CA ARG B 14 2.83 -13.80 35.85
C ARG B 14 3.34 -13.59 34.44
N GLU B 15 4.19 -14.50 33.96
CA GLU B 15 4.83 -14.34 32.67
C GLU B 15 3.82 -14.40 31.54
N ALA B 16 4.11 -13.66 30.47
CA ALA B 16 3.24 -13.59 29.31
C ALA B 16 4.07 -13.08 28.13
N LYS B 17 3.39 -12.79 27.02
CA LYS B 17 4.03 -12.28 25.82
C LYS B 17 3.59 -10.84 25.55
N THR B 18 4.45 -10.10 24.87
CA THR B 18 4.17 -8.71 24.55
C THR B 18 5.02 -8.31 23.34
N THR B 19 4.96 -7.04 22.97
CA THR B 19 5.73 -6.50 21.85
C THR B 19 6.63 -5.38 22.38
N LEU B 20 7.94 -5.61 22.35
CA LEU B 20 8.91 -4.64 22.84
C LEU B 20 9.34 -3.72 21.70
N PHE B 21 9.66 -2.48 22.05
CA PHE B 21 10.08 -1.49 21.08
C PHE B 21 11.56 -1.16 21.25
N CYS B 22 12.07 -0.39 20.29
CA CYS B 22 13.47 -0.02 20.28
C CYS B 22 13.79 1.01 21.37
N ALA B 23 15.08 1.16 21.65
CA ALA B 23 15.59 2.19 22.55
C ALA B 23 17.08 2.38 22.34
N SER B 24 17.50 3.59 21.99
CA SER B 24 18.92 3.86 21.77
C SER B 24 19.18 5.35 21.97
N ASP B 25 20.33 5.67 22.55
CA ASP B 25 20.68 7.05 22.82
C ASP B 25 20.88 7.82 21.52
N ALA B 26 20.64 9.13 21.59
CA ALA B 26 20.77 9.99 20.41
C ALA B 26 22.25 10.28 20.15
N LYS B 27 22.68 10.02 18.92
CA LYS B 27 24.05 10.28 18.51
C LYS B 27 24.15 11.32 17.41
N SER B 28 23.39 11.15 16.32
CA SER B 28 23.43 12.11 15.22
C SER B 28 22.11 12.09 14.45
N GLU B 32 22.92 13.22 9.08
CA GLU B 32 22.26 11.93 8.96
C GLU B 32 23.20 10.88 8.36
N VAL B 33 23.04 9.64 8.82
CA VAL B 33 23.88 8.53 8.34
C VAL B 33 23.00 7.52 7.62
N HIS B 34 21.73 7.44 8.02
CA HIS B 34 20.76 6.49 7.47
C HIS B 34 21.27 5.05 7.63
N ASN B 35 21.43 4.66 8.90
CA ASN B 35 21.90 3.33 9.22
C ASN B 35 20.86 2.28 8.85
N VAL B 36 21.31 1.03 8.74
CA VAL B 36 20.39 -0.05 8.39
C VAL B 36 19.44 -0.33 9.54
N TRP B 37 19.85 -0.04 10.78
CA TRP B 37 18.96 -0.11 11.92
C TRP B 37 18.30 1.25 12.10
N ALA B 38 16.97 1.28 12.00
CA ALA B 38 16.25 2.56 12.00
C ALA B 38 16.23 3.17 13.38
N THR B 39 17.40 3.56 13.88
CA THR B 39 17.48 4.22 15.19
C THR B 39 17.18 5.71 15.11
N HIS B 40 17.27 6.30 13.92
CA HIS B 40 16.87 7.70 13.76
C HIS B 40 15.38 7.90 13.98
N ALA B 41 14.58 6.83 13.83
CA ALA B 41 13.15 6.85 14.13
C ALA B 41 12.84 6.04 15.38
N CYS B 42 13.82 5.89 16.27
CA CYS B 42 13.68 5.12 17.49
C CYS B 42 13.71 6.06 18.70
N VAL B 43 12.93 5.71 19.71
CA VAL B 43 12.80 6.58 20.89
C VAL B 43 14.12 6.59 21.66
N PRO B 44 14.58 7.75 22.13
CA PRO B 44 15.83 7.79 22.90
C PRO B 44 15.68 7.11 24.25
N THR B 45 16.82 6.75 24.82
CA THR B 45 16.85 6.05 26.10
C THR B 45 16.94 7.04 27.26
N ASP B 46 17.09 6.50 28.47
CA ASP B 46 17.20 7.29 29.69
C ASP B 46 18.59 7.13 30.29
N PRO B 47 19.19 8.22 30.80
CA PRO B 47 20.54 8.11 31.35
C PRO B 47 20.64 7.20 32.56
N ASN B 48 19.69 7.28 33.49
CA ASN B 48 19.69 6.48 34.71
C ASN B 48 18.51 5.51 34.69
N PRO B 49 18.70 4.29 34.21
CA PRO B 49 17.59 3.32 34.22
C PRO B 49 17.31 2.81 35.62
N GLN B 50 16.04 2.47 35.85
CA GLN B 50 15.61 1.96 37.15
C GLN B 50 15.99 0.50 37.28
N GLU B 51 16.75 0.17 38.33
CA GLU B 51 17.19 -1.19 38.58
C GLU B 51 17.00 -1.48 40.07
N LEU B 52 15.83 -2.03 40.42
CA LEU B 52 15.57 -2.40 41.80
C LEU B 52 16.27 -3.70 42.14
N VAL B 53 16.25 -4.04 43.43
CA VAL B 53 16.88 -5.25 43.94
C VAL B 53 15.81 -6.03 44.68
N LEU B 54 15.23 -7.03 44.02
CA LEU B 54 14.24 -7.91 44.64
C LEU B 54 14.96 -8.90 45.54
N GLU B 55 14.72 -8.81 46.84
CA GLU B 55 15.34 -9.69 47.82
C GLU B 55 14.37 -10.79 48.24
N ASN B 56 14.94 -11.90 48.71
CA ASN B 56 14.16 -13.04 49.18
C ASN B 56 13.20 -13.56 48.11
N VAL B 57 13.74 -13.79 46.93
CA VAL B 57 12.96 -14.31 45.80
C VAL B 57 13.87 -15.17 44.93
N THR B 58 13.38 -16.34 44.54
CA THR B 58 14.13 -17.27 43.71
C THR B 58 13.27 -17.61 42.49
N GLU B 59 13.39 -16.80 41.45
CA GLU B 59 12.62 -17.01 40.22
C GLU B 59 13.40 -17.91 39.28
N ASN B 60 12.73 -18.91 38.73
CA ASN B 60 13.33 -19.83 37.77
C ASN B 60 12.77 -19.55 36.36
N PHE B 61 13.68 -19.39 35.40
CA PHE B 61 13.28 -19.12 34.03
C PHE B 61 14.18 -19.88 33.06
N ASN B 62 13.58 -20.33 31.97
CA ASN B 62 14.28 -21.09 30.96
C ASN B 62 14.99 -20.15 29.98
N MET B 63 16.02 -20.68 29.33
CA MET B 63 16.79 -19.94 28.33
C MET B 63 16.36 -20.29 26.91
N TRP B 64 16.22 -21.57 26.61
CA TRP B 64 15.84 -22.00 25.27
C TRP B 64 14.35 -21.88 25.00
N LYS B 65 13.53 -21.84 26.05
CA LYS B 65 12.10 -21.63 25.92
C LYS B 65 11.74 -20.15 25.89
N ASN B 66 12.73 -19.26 25.81
CA ASN B 66 12.48 -17.83 25.81
C ASN B 66 11.78 -17.41 24.52
N ASP B 67 11.13 -16.26 24.58
CA ASP B 67 10.44 -15.69 23.42
C ASP B 67 10.96 -14.31 23.04
N MET B 68 11.90 -13.75 23.81
CA MET B 68 12.47 -12.47 23.44
C MET B 68 13.38 -12.59 22.22
N VAL B 69 14.00 -13.76 22.03
CA VAL B 69 14.86 -13.96 20.87
C VAL B 69 14.06 -14.25 19.61
N ASP B 70 12.83 -14.78 19.74
CA ASP B 70 12.00 -14.99 18.57
C ASP B 70 11.43 -13.68 18.04
N GLN B 71 11.25 -12.68 18.92
CA GLN B 71 10.85 -11.36 18.46
C GLN B 71 12.03 -10.59 17.90
N MET B 72 13.25 -10.85 18.39
CA MET B 72 14.43 -10.19 17.84
C MET B 72 14.78 -10.73 16.47
N HIS B 73 14.58 -12.03 16.26
CA HIS B 73 14.84 -12.62 14.94
C HIS B 73 13.82 -12.11 13.92
N GLU B 74 12.57 -11.94 14.34
CA GLU B 74 11.54 -11.38 13.47
C GLU B 74 11.63 -9.86 13.35
N ASP B 75 12.61 -9.25 14.03
CA ASP B 75 12.84 -7.81 13.95
C ASP B 75 13.97 -7.48 12.98
N ILE B 76 15.12 -8.15 13.12
CA ILE B 76 16.24 -7.88 12.22
C ILE B 76 15.91 -8.33 10.80
N ILE B 77 15.17 -9.42 10.65
CA ILE B 77 14.76 -9.86 9.33
C ILE B 77 13.86 -8.81 8.68
N SER B 78 12.92 -8.26 9.46
CA SER B 78 12.06 -7.21 8.94
C SER B 78 12.78 -5.88 8.79
N LEU B 79 13.95 -5.73 9.40
CA LEU B 79 14.71 -4.49 9.27
C LEU B 79 15.50 -4.45 7.96
N TRP B 80 16.14 -5.57 7.60
CA TRP B 80 16.86 -5.63 6.34
C TRP B 80 15.92 -5.56 5.15
N ASP B 81 14.72 -6.13 5.27
CA ASP B 81 13.76 -6.08 4.17
C ASP B 81 13.24 -4.66 3.94
N GLN B 82 13.27 -3.82 4.98
CA GLN B 82 12.87 -2.43 4.82
C GLN B 82 13.93 -1.63 4.08
N SER B 83 15.20 -1.88 4.38
CA SER B 83 16.30 -1.15 3.75
C SER B 83 16.70 -1.72 2.40
N LEU B 84 16.01 -2.74 1.91
CA LEU B 84 16.31 -3.33 0.61
C LEU B 84 15.17 -3.24 -0.38
N LYS B 85 13.98 -2.78 0.04
CA LYS B 85 12.87 -2.69 -0.90
C LYS B 85 13.07 -1.58 -1.93
N PRO B 86 13.46 -0.36 -1.58
CA PRO B 86 13.73 0.66 -2.60
C PRO B 86 15.10 0.54 -3.26
N CYS B 87 15.78 -0.58 -3.11
CA CYS B 87 17.10 -0.77 -3.71
C CYS B 87 16.96 -1.10 -5.20
N VAL B 88 18.09 -1.01 -5.90
CA VAL B 88 18.14 -1.36 -7.31
C VAL B 88 18.58 -2.82 -7.43
N LYS B 89 17.94 -3.56 -8.31
CA LYS B 89 18.24 -4.97 -8.48
C LYS B 89 19.37 -5.17 -9.48
N LEU B 90 19.89 -6.39 -9.53
CA LEU B 90 20.90 -6.79 -10.49
C LEU B 90 20.36 -7.78 -11.51
N THR B 91 19.07 -7.65 -11.84
CA THR B 91 18.48 -8.53 -12.84
C THR B 91 19.11 -8.39 -14.22
N PRO B 92 19.39 -7.17 -14.74
CA PRO B 92 20.03 -7.09 -16.07
C PRO B 92 21.49 -7.49 -16.05
N LEU B 93 21.98 -7.99 -14.91
CA LEU B 93 23.35 -8.46 -14.80
C LEU B 93 23.49 -9.96 -15.03
N CYS B 94 22.38 -10.70 -15.07
CA CYS B 94 22.41 -12.14 -15.28
C CYS B 94 22.66 -12.47 -16.75
N VAL B 95 23.82 -12.02 -17.23
CA VAL B 95 24.26 -12.23 -18.60
C VAL B 95 25.48 -13.13 -18.56
N THR B 96 25.71 -13.86 -19.65
CA THR B 96 26.87 -14.72 -19.72
C THR B 96 28.16 -13.91 -19.64
N LEU B 97 29.02 -14.27 -18.69
CA LEU B 97 30.27 -13.57 -18.46
C LEU B 97 31.38 -14.18 -19.30
N ASN B 98 32.55 -13.55 -19.27
CA ASN B 98 33.73 -14.05 -19.97
C ASN B 98 34.94 -13.52 -19.21
N CYS B 99 35.53 -14.37 -18.37
CA CYS B 99 36.52 -13.94 -17.39
C CYS B 99 37.90 -14.49 -17.74
N SER B 100 38.91 -13.86 -17.14
CA SER B 100 40.30 -14.25 -17.29
C SER B 100 40.99 -14.05 -15.94
N ASP B 101 42.32 -14.10 -15.94
CA ASP B 101 43.07 -13.93 -14.70
C ASP B 101 43.25 -12.45 -14.39
N ALA B 102 43.76 -12.18 -13.19
CA ALA B 102 43.99 -10.82 -12.72
C ALA B 102 45.41 -10.39 -13.05
N LYS B 103 45.86 -9.29 -12.46
CA LYS B 103 47.19 -8.76 -12.71
C LYS B 103 48.23 -9.59 -11.99
N VAL B 104 49.48 -9.12 -11.99
CA VAL B 104 50.58 -9.82 -11.33
C VAL B 104 50.41 -9.78 -9.82
N GLU B 113 44.66 -18.00 -9.21
CA GLU B 113 44.15 -16.68 -8.85
C GLU B 113 42.65 -16.76 -8.52
N GLU B 114 42.23 -15.98 -7.53
CA GLU B 114 40.84 -15.93 -7.11
C GLU B 114 40.14 -14.65 -7.57
N ILE B 115 40.85 -13.74 -8.25
CA ILE B 115 40.28 -12.51 -8.76
C ILE B 115 40.16 -12.64 -10.27
N LYS B 116 38.93 -12.63 -10.78
CA LYS B 116 38.67 -12.79 -12.20
C LYS B 116 38.33 -11.44 -12.82
N ASN B 117 38.83 -11.21 -14.02
CA ASN B 117 38.58 -9.98 -14.78
C ASN B 117 37.59 -10.33 -15.89
N CYS B 118 36.31 -10.07 -15.65
CA CYS B 118 35.25 -10.46 -16.55
C CYS B 118 34.77 -9.28 -17.41
N SER B 119 34.28 -9.61 -18.60
CA SER B 119 33.73 -8.62 -19.51
C SER B 119 32.43 -9.16 -20.10
N PHE B 120 31.50 -8.26 -20.38
CA PHE B 120 30.18 -8.66 -20.84
C PHE B 120 29.52 -7.49 -21.54
N ASN B 121 28.38 -7.76 -22.18
CA ASN B 121 27.58 -6.72 -22.79
C ASN B 121 26.68 -6.08 -21.74
N ALA B 122 26.53 -4.76 -21.81
CA ALA B 122 25.69 -4.03 -20.87
C ALA B 122 24.92 -2.96 -21.64
N THR B 123 23.60 -2.94 -21.46
CA THR B 123 22.77 -1.94 -22.12
C THR B 123 23.02 -0.57 -21.52
N THR B 124 23.14 0.43 -22.38
CA THR B 124 23.39 1.79 -21.95
C THR B 124 22.10 2.43 -21.46
N GLU B 125 22.10 3.76 -21.29
CA GLU B 125 20.94 4.45 -20.76
C GLU B 125 19.68 4.25 -21.59
N LEU B 126 19.82 3.84 -22.84
CA LEU B 126 18.67 3.52 -23.69
C LEU B 126 18.90 2.16 -24.34
N ARG B 127 17.82 1.39 -24.49
CA ARG B 127 17.92 -0.02 -24.82
C ARG B 127 18.45 -0.28 -26.23
N ASP B 128 18.49 0.73 -27.10
CA ASP B 128 18.88 0.50 -28.48
C ASP B 128 20.38 0.28 -28.66
N LYS B 129 21.20 0.74 -27.72
CA LYS B 129 22.65 0.65 -27.83
C LYS B 129 23.21 -0.21 -26.71
N LYS B 130 24.25 -0.98 -27.03
CA LYS B 130 24.88 -1.88 -26.07
C LYS B 130 26.40 -1.75 -26.17
N ARG B 131 27.04 -1.61 -25.03
CA ARG B 131 28.50 -1.50 -24.95
C ARG B 131 29.06 -2.67 -24.16
N ARG B 132 30.36 -2.91 -24.36
CA ARG B 132 31.08 -4.00 -23.69
C ARG B 132 31.92 -3.41 -22.57
N GLU B 133 31.52 -3.66 -21.33
CA GLU B 133 32.22 -3.18 -20.15
C GLU B 133 32.94 -4.32 -19.45
N TYR B 134 33.80 -3.97 -18.50
CA TYR B 134 34.59 -4.96 -17.78
C TYR B 134 34.56 -4.64 -16.29
N ALA B 135 34.70 -5.70 -15.48
CA ALA B 135 34.72 -5.55 -14.03
C ALA B 135 35.52 -6.70 -13.44
N LEU B 136 35.71 -6.65 -12.12
CA LEU B 136 36.46 -7.67 -11.39
C LEU B 136 35.52 -8.35 -10.40
N PHE B 137 35.45 -9.67 -10.49
CA PHE B 137 34.59 -10.46 -9.60
C PHE B 137 35.42 -11.57 -8.96
N TYR B 138 35.09 -11.88 -7.71
CA TYR B 138 35.81 -12.93 -6.99
C TYR B 138 35.44 -14.29 -7.55
N ARG B 139 36.40 -15.22 -7.45
CA ARG B 139 36.14 -16.58 -7.93
C ARG B 139 35.06 -17.27 -7.13
N LEU B 140 34.95 -16.96 -5.84
CA LEU B 140 33.92 -17.53 -4.99
C LEU B 140 32.53 -16.99 -5.29
N ASP B 141 32.41 -16.06 -6.24
CA ASP B 141 31.13 -15.43 -6.53
C ASP B 141 30.55 -15.80 -7.88
N ILE B 142 31.34 -16.43 -8.75
CA ILE B 142 30.86 -16.84 -10.07
C ILE B 142 31.03 -18.35 -10.21
N VAL B 143 30.16 -18.95 -11.01
CA VAL B 143 30.21 -20.39 -11.26
C VAL B 143 30.45 -20.61 -12.76
N PRO B 144 31.23 -21.62 -13.14
CA PRO B 144 31.50 -21.85 -14.56
C PRO B 144 30.45 -22.73 -15.21
N LEU B 145 30.04 -22.33 -16.42
CA LEU B 145 29.15 -23.16 -17.21
C LEU B 145 29.88 -24.39 -17.72
N SER B 146 31.13 -24.22 -18.16
CA SER B 146 31.97 -25.34 -18.60
C SER B 146 33.41 -24.86 -18.61
N GLY B 147 34.28 -25.55 -17.87
CA GLY B 147 35.68 -25.17 -17.79
C GLY B 147 36.42 -25.38 -19.10
N GLU B 148 36.80 -24.30 -19.75
CA GLU B 148 37.51 -24.37 -21.02
C GLU B 148 38.94 -23.86 -20.88
N SER B 153 36.66 -19.54 -21.74
CA SER B 153 35.87 -19.87 -20.57
C SER B 153 34.78 -18.84 -20.33
N GLU B 154 33.58 -19.31 -19.98
CA GLU B 154 32.44 -18.46 -19.72
C GLU B 154 31.89 -18.75 -18.33
N TYR B 155 31.58 -17.69 -17.58
CA TYR B 155 31.08 -17.81 -16.22
C TYR B 155 29.75 -17.06 -16.11
N ARG B 156 29.11 -17.14 -14.96
CA ARG B 156 27.79 -16.52 -14.70
C ARG B 156 27.72 -16.24 -13.21
N LEU B 157 26.88 -15.35 -12.74
CA LEU B 157 26.70 -15.08 -11.33
C LEU B 157 26.16 -16.31 -10.61
N ILE B 158 26.35 -16.33 -9.29
CA ILE B 158 26.01 -17.51 -8.49
C ILE B 158 24.53 -17.58 -8.14
N ASN B 159 23.79 -16.49 -8.29
CA ASN B 159 22.37 -16.43 -7.92
C ASN B 159 21.54 -15.94 -9.09
N CYS B 160 21.78 -16.50 -10.27
CA CYS B 160 20.97 -16.19 -11.45
C CYS B 160 20.11 -17.36 -11.88
N ASN B 161 19.97 -18.39 -11.03
CA ASN B 161 19.08 -19.51 -11.32
C ASN B 161 18.27 -19.95 -10.12
N THR B 162 18.37 -19.26 -8.99
CA THR B 162 17.59 -19.59 -7.79
C THR B 162 16.61 -18.49 -7.42
N SER B 163 17.03 -17.23 -7.42
CA SER B 163 16.16 -16.13 -7.04
C SER B 163 16.74 -14.84 -7.59
N VAL B 164 16.06 -13.74 -7.32
CA VAL B 164 16.50 -12.41 -7.75
C VAL B 164 17.50 -11.88 -6.73
N ILE B 165 18.39 -11.01 -7.18
CA ILE B 165 19.45 -10.45 -6.35
C ILE B 165 19.30 -8.92 -6.36
N THR B 166 19.46 -8.31 -5.19
CA THR B 166 19.40 -6.88 -5.03
C THR B 166 20.71 -6.35 -4.48
N GLN B 167 21.02 -5.10 -4.81
CA GLN B 167 22.22 -4.43 -4.33
C GLN B 167 21.83 -3.38 -3.30
N ILE B 168 22.47 -3.45 -2.13
CA ILE B 168 22.16 -2.48 -1.08
C ILE B 168 22.70 -1.11 -1.47
N CYS B 169 22.06 -0.07 -0.95
CA CYS B 169 22.47 1.29 -1.28
C CYS B 169 23.86 1.57 -0.71
N PRO B 170 24.68 2.35 -1.41
CA PRO B 170 26.02 2.67 -0.88
C PRO B 170 25.99 3.68 0.26
N LYS B 171 24.86 4.35 0.50
CA LYS B 171 24.80 5.34 1.57
C LYS B 171 24.53 4.71 2.92
N VAL B 172 23.78 3.60 2.97
CA VAL B 172 23.49 2.95 4.23
C VAL B 172 24.70 2.14 4.68
N THR B 173 24.80 1.92 5.99
CA THR B 173 25.92 1.22 6.59
C THR B 173 25.43 -0.03 7.31
N PHE B 174 26.38 -0.87 7.70
CA PHE B 174 26.11 -2.08 8.47
C PHE B 174 26.67 -1.99 9.89
N ASP B 175 26.95 -0.79 10.36
CA ASP B 175 27.60 -0.62 11.66
C ASP B 175 26.67 -1.06 12.78
N PRO B 176 27.04 -2.08 13.56
CA PRO B 176 26.17 -2.54 14.66
C PRO B 176 26.23 -1.59 15.85
N ILE B 177 25.17 -0.84 16.06
CA ILE B 177 25.08 0.10 17.18
C ILE B 177 24.17 -0.51 18.24
N PRO B 178 24.41 -0.25 19.52
CA PRO B 178 23.64 -0.93 20.56
C PRO B 178 22.20 -0.43 20.61
N ILE B 179 21.27 -1.36 20.73
CA ILE B 179 19.85 -1.06 20.86
C ILE B 179 19.34 -1.72 22.14
N HIS B 180 18.38 -1.07 22.78
CA HIS B 180 17.78 -1.56 24.01
C HIS B 180 16.35 -1.99 23.75
N TYR B 181 15.93 -3.06 24.42
CA TYR B 181 14.55 -3.54 24.36
C TYR B 181 13.85 -3.15 25.66
N CYS B 182 12.81 -2.33 25.54
CA CYS B 182 12.06 -1.86 26.70
C CYS B 182 10.64 -2.41 26.64
N ALA B 183 10.17 -2.96 27.75
CA ALA B 183 8.80 -3.45 27.83
C ALA B 183 7.84 -2.27 27.91
N PRO B 184 6.63 -2.42 27.38
CA PRO B 184 5.65 -1.34 27.42
C PRO B 184 5.23 -1.02 28.85
N ALA B 185 4.54 0.11 28.99
CA ALA B 185 4.09 0.55 30.31
C ALA B 185 3.06 -0.44 30.86
N GLY B 186 3.38 -1.02 32.01
CA GLY B 186 2.55 -2.05 32.62
C GLY B 186 3.19 -3.42 32.66
N TYR B 187 4.42 -3.56 32.19
CA TYR B 187 5.15 -4.82 32.23
C TYR B 187 6.46 -4.61 32.98
N ALA B 188 7.27 -5.67 33.04
CA ALA B 188 8.55 -5.61 33.74
C ALA B 188 9.46 -6.69 33.20
N ILE B 189 10.71 -6.33 32.94
CA ILE B 189 11.71 -7.26 32.42
C ILE B 189 12.61 -7.65 33.59
N LEU B 190 12.52 -8.90 34.02
CA LEU B 190 13.35 -9.37 35.11
C LEU B 190 14.77 -9.63 34.61
N LYS B 191 15.71 -9.63 35.55
CA LYS B 191 17.13 -9.80 35.23
C LYS B 191 17.84 -10.45 36.40
N CYS B 192 18.50 -11.56 36.13
CA CYS B 192 19.23 -12.29 37.17
C CYS B 192 20.64 -11.73 37.34
N ASN B 193 21.23 -12.02 38.51
CA ASN B 193 22.57 -11.55 38.80
C ASN B 193 23.46 -12.64 39.40
N ASN B 194 23.08 -13.91 39.24
CA ASN B 194 23.85 -15.01 39.79
C ASN B 194 25.15 -15.20 39.01
N LYS B 195 26.20 -15.61 39.72
CA LYS B 195 27.52 -15.75 39.10
C LYS B 195 27.56 -16.94 38.14
N THR B 196 27.31 -18.13 38.66
CA THR B 196 27.44 -19.37 37.88
C THR B 196 26.09 -19.87 37.37
N PHE B 197 25.18 -18.96 37.03
CA PHE B 197 23.87 -19.34 36.51
C PHE B 197 24.01 -19.69 35.03
N ASN B 198 23.79 -20.95 34.69
CA ASN B 198 23.83 -21.37 33.30
C ASN B 198 22.45 -21.16 32.67
N GLY B 199 22.21 -21.79 31.52
CA GLY B 199 20.97 -21.64 30.79
C GLY B 199 19.70 -21.70 31.60
N THR B 200 19.44 -22.84 32.23
CA THR B 200 18.23 -23.05 33.02
C THR B 200 18.61 -23.28 34.47
N GLY B 201 17.95 -22.57 35.38
CA GLY B 201 18.20 -22.72 36.80
C GLY B 201 17.57 -21.62 37.62
N PRO B 202 17.05 -21.97 38.80
CA PRO B 202 16.45 -20.94 39.67
C PRO B 202 17.48 -19.97 40.20
N CYS B 203 17.39 -18.71 39.76
CA CYS B 203 18.29 -17.65 40.20
C CYS B 203 17.70 -16.95 41.41
N ASN B 204 18.56 -16.63 42.38
CA ASN B 204 18.10 -16.04 43.63
C ASN B 204 18.37 -14.55 43.75
N ASN B 205 19.37 -14.02 43.04
CA ASN B 205 19.67 -12.60 43.07
C ASN B 205 18.97 -11.92 41.89
N VAL B 206 17.65 -11.92 41.95
CA VAL B 206 16.82 -11.38 40.88
C VAL B 206 16.74 -9.87 41.02
N SER B 207 16.78 -9.18 39.88
CA SER B 207 16.61 -7.73 39.82
C SER B 207 15.72 -7.39 38.65
N THR B 208 14.97 -6.29 38.78
CA THR B 208 14.02 -5.87 37.77
C THR B 208 14.47 -4.56 37.14
N VAL B 209 14.24 -4.44 35.83
CA VAL B 209 14.50 -3.23 35.06
C VAL B 209 13.37 -3.05 34.07
N GLN B 210 13.43 -1.96 33.31
CA GLN B 210 12.47 -1.71 32.25
C GLN B 210 13.08 -1.68 30.86
N CYS B 211 14.41 -1.69 30.77
CA CYS B 211 15.10 -1.67 29.48
C CYS B 211 16.34 -2.54 29.56
N THR B 212 16.63 -3.25 28.48
CA THR B 212 17.79 -4.12 28.44
C THR B 212 19.08 -3.30 28.36
N HIS B 213 20.20 -3.99 28.52
CA HIS B 213 21.51 -3.35 28.45
C HIS B 213 21.91 -3.16 26.99
N GLY B 214 23.17 -2.81 26.75
CA GLY B 214 23.64 -2.60 25.40
C GLY B 214 23.68 -3.90 24.63
N ILE B 215 22.89 -4.00 23.57
CA ILE B 215 22.81 -5.20 22.74
C ILE B 215 23.27 -4.80 21.34
N LYS B 216 24.44 -5.31 20.93
CA LYS B 216 24.98 -5.01 19.61
C LYS B 216 24.61 -6.15 18.67
N PRO B 217 23.70 -5.95 17.72
CA PRO B 217 23.34 -7.04 16.81
C PRO B 217 24.43 -7.36 15.81
N VAL B 218 25.11 -8.49 15.98
CA VAL B 218 26.17 -8.93 15.09
C VAL B 218 25.81 -10.32 14.58
N VAL B 219 26.57 -10.77 13.58
CA VAL B 219 26.37 -12.08 12.96
C VAL B 219 27.72 -12.78 12.87
N SER B 220 27.72 -14.07 13.17
CA SER B 220 28.93 -14.88 13.09
C SER B 220 28.53 -16.34 13.11
N THR B 221 29.48 -17.21 12.73
CA THR B 221 29.21 -18.64 12.63
C THR B 221 30.00 -19.46 13.62
N GLN B 222 31.33 -19.32 13.64
CA GLN B 222 32.15 -20.13 14.53
C GLN B 222 32.38 -19.45 15.87
N LEU B 223 32.86 -18.22 15.86
CA LEU B 223 33.17 -17.47 17.06
C LEU B 223 32.06 -16.45 17.33
N LEU B 224 32.20 -15.73 18.45
CA LEU B 224 31.35 -14.61 18.77
C LEU B 224 32.18 -13.33 18.71
N LEU B 225 31.53 -12.22 18.39
CA LEU B 225 32.23 -10.97 18.16
C LEU B 225 31.58 -9.84 18.94
N ASN B 226 32.41 -9.05 19.63
CA ASN B 226 31.95 -7.86 20.35
C ASN B 226 30.84 -8.21 21.35
N GLY B 227 31.00 -9.34 22.03
CA GLY B 227 30.03 -9.79 23.00
C GLY B 227 30.14 -9.02 24.31
N SER B 228 29.66 -9.66 25.37
CA SER B 228 29.67 -9.07 26.70
C SER B 228 30.15 -10.12 27.69
N LEU B 229 31.39 -9.99 28.15
CA LEU B 229 31.91 -10.89 29.16
C LEU B 229 31.10 -10.76 30.44
N ALA B 230 30.48 -11.85 30.87
CA ALA B 230 29.52 -11.77 31.96
C ALA B 230 30.22 -11.75 33.31
N GLU B 231 30.90 -12.84 33.67
CA GLU B 231 31.52 -12.99 34.98
C GLU B 231 32.59 -14.06 34.87
N GLU B 232 33.26 -14.31 36.01
CA GLU B 232 34.27 -15.35 36.06
C GLU B 232 33.61 -16.72 35.99
N GLU B 233 34.43 -17.78 36.08
CA GLU B 233 33.95 -19.16 36.04
C GLU B 233 33.18 -19.43 34.75
N ILE B 234 33.95 -19.45 33.66
CA ILE B 234 33.44 -19.56 32.29
C ILE B 234 32.28 -20.56 32.22
N ILE B 235 31.16 -20.12 31.68
CA ILE B 235 29.90 -20.86 31.74
C ILE B 235 29.75 -21.69 30.47
N ILE B 236 29.19 -22.89 30.63
CA ILE B 236 28.92 -23.77 29.51
C ILE B 236 27.41 -23.96 29.38
N ARG B 237 26.78 -23.13 28.55
CA ARG B 237 25.34 -23.16 28.40
C ARG B 237 24.93 -24.14 27.32
N SER B 238 23.88 -24.90 27.61
CA SER B 238 23.31 -25.86 26.67
C SER B 238 21.92 -26.24 27.14
N GLU B 239 21.28 -27.14 26.40
CA GLU B 239 19.98 -27.68 26.77
C GLU B 239 20.06 -29.15 27.12
N ASN B 240 20.58 -29.97 26.22
CA ASN B 240 20.81 -31.39 26.46
C ASN B 240 22.32 -31.61 26.42
N LEU B 241 22.96 -31.53 27.59
CA LEU B 241 24.40 -31.69 27.66
C LEU B 241 24.86 -33.11 27.35
N THR B 242 23.92 -34.04 27.18
CA THR B 242 24.22 -35.42 26.82
C THR B 242 23.59 -35.79 25.49
N ASP B 243 23.66 -34.87 24.52
CA ASP B 243 23.07 -35.08 23.21
C ASP B 243 24.08 -34.83 22.10
N ASN B 244 23.61 -34.81 20.85
CA ASN B 244 24.48 -34.62 19.69
C ASN B 244 24.03 -33.50 18.78
N VAL B 245 22.98 -32.76 19.12
CA VAL B 245 22.43 -31.71 18.28
C VAL B 245 22.54 -30.35 18.95
N LYS B 246 22.28 -30.28 20.26
CA LYS B 246 22.28 -29.00 20.95
C LYS B 246 23.67 -28.36 20.91
N THR B 247 23.72 -27.12 20.45
CA THR B 247 24.98 -26.41 20.28
C THR B 247 25.45 -25.85 21.62
N ILE B 248 26.63 -26.26 22.05
CA ILE B 248 27.20 -25.75 23.30
C ILE B 248 27.61 -24.30 23.08
N ILE B 249 27.11 -23.40 23.93
CA ILE B 249 27.43 -21.99 23.81
C ILE B 249 28.32 -21.58 24.99
N VAL B 250 29.64 -21.62 24.77
CA VAL B 250 30.57 -21.19 25.80
C VAL B 250 30.52 -19.68 25.94
N HIS B 251 30.74 -19.19 27.17
CA HIS B 251 30.75 -17.76 27.46
C HIS B 251 32.04 -17.45 28.22
N LEU B 252 32.98 -16.80 27.55
CA LEU B 252 34.30 -16.58 28.11
C LEU B 252 34.25 -15.53 29.22
N ASN B 253 35.35 -15.46 29.97
CA ASN B 253 35.55 -14.43 30.99
C ASN B 253 36.81 -13.62 30.79
N GLU B 254 37.67 -13.99 29.83
CA GLU B 254 38.88 -13.25 29.50
C GLU B 254 39.02 -13.29 27.98
N SER B 255 38.51 -12.26 27.31
CA SER B 255 38.47 -12.23 25.87
C SER B 255 39.84 -11.88 25.29
N VAL B 256 40.19 -12.51 24.18
CA VAL B 256 41.43 -12.24 23.48
C VAL B 256 41.10 -11.45 22.22
N GLU B 257 42.14 -10.88 21.62
CA GLU B 257 41.99 -9.97 20.50
C GLU B 257 42.05 -10.70 19.16
N ILE B 258 41.35 -10.14 18.18
CA ILE B 258 41.35 -10.66 16.82
C ILE B 258 41.36 -9.48 15.86
N THR B 259 42.41 -9.38 15.05
CA THR B 259 42.60 -8.25 14.13
C THR B 259 42.86 -8.77 12.74
N CYS B 260 42.14 -8.24 11.75
CA CYS B 260 42.45 -8.54 10.36
C CYS B 260 41.90 -7.46 9.43
N THR B 261 42.50 -7.41 8.25
CA THR B 261 42.39 -6.27 7.34
C THR B 261 42.21 -6.81 5.92
N ARG B 262 42.36 -5.92 4.94
CA ARG B 262 42.44 -6.29 3.53
C ARG B 262 43.55 -5.44 2.92
N PRO B 263 44.77 -6.00 2.78
CA PRO B 263 45.92 -5.18 2.39
C PRO B 263 45.89 -4.67 0.96
N ASN B 264 44.81 -4.87 0.21
CA ASN B 264 44.70 -4.34 -1.13
C ASN B 264 44.15 -2.91 -1.10
N ASN B 265 44.37 -2.19 -2.20
CA ASN B 265 43.92 -0.81 -2.37
C ASN B 265 43.09 -0.77 -3.64
N MET B 266 41.80 -1.08 -3.52
CA MET B 266 40.93 -1.23 -4.68
C MET B 266 40.07 0.01 -4.88
N THR B 267 39.75 0.28 -6.14
CA THR B 267 38.91 1.41 -6.50
C THR B 267 37.45 0.98 -6.56
N ARG B 268 36.59 1.83 -7.12
CA ARG B 268 35.16 1.54 -7.22
C ARG B 268 34.67 2.07 -8.57
N LYS B 269 34.56 1.17 -9.55
CA LYS B 269 34.06 1.53 -10.86
C LYS B 269 32.54 1.56 -10.87
N SER B 270 31.99 2.62 -11.47
CA SER B 270 30.54 2.83 -11.50
C SER B 270 30.05 2.54 -12.92
N VAL B 271 29.72 1.27 -13.18
CA VAL B 271 29.21 0.86 -14.48
C VAL B 271 27.72 1.15 -14.56
N ARG B 272 27.16 1.09 -15.76
CA ARG B 272 25.75 1.38 -15.98
C ARG B 272 25.10 0.22 -16.73
N ILE B 273 24.00 -0.29 -16.17
CA ILE B 273 23.24 -1.36 -16.80
C ILE B 273 21.76 -0.97 -16.79
N GLY B 274 21.11 -1.14 -17.93
CA GLY B 274 19.70 -0.83 -18.05
C GLY B 274 19.41 0.66 -18.02
N PRO B 275 18.22 1.06 -18.45
CA PRO B 275 17.84 2.47 -18.44
C PRO B 275 17.47 2.94 -17.05
N GLY B 276 18.32 3.79 -16.46
CA GLY B 276 18.06 4.35 -15.16
C GLY B 276 18.62 3.58 -13.99
N GLN B 277 19.37 2.51 -14.24
CA GLN B 277 19.96 1.70 -13.18
C GLN B 277 21.47 1.68 -13.32
N THR B 278 22.15 1.46 -12.20
CA THR B 278 23.60 1.37 -12.18
C THR B 278 24.04 0.75 -10.86
N PHE B 279 25.20 0.10 -10.89
CA PHE B 279 25.78 -0.51 -9.70
C PHE B 279 27.29 -0.32 -9.73
N TYR B 280 27.89 -0.38 -8.55
CA TYR B 280 29.32 -0.16 -8.37
C TYR B 280 30.03 -1.50 -8.31
N ALA B 281 30.94 -1.73 -9.25
CA ALA B 281 31.72 -2.96 -9.30
C ALA B 281 33.20 -2.64 -9.06
N LEU B 282 33.97 -3.70 -8.86
CA LEU B 282 35.39 -3.54 -8.60
C LEU B 282 36.11 -3.02 -9.84
N GLY B 283 37.09 -2.16 -9.63
CA GLY B 283 37.85 -1.58 -10.72
C GLY B 283 39.28 -2.05 -10.78
N ASP B 284 40.20 -1.21 -10.30
CA ASP B 284 41.62 -1.51 -10.32
C ASP B 284 42.11 -1.87 -8.92
N ILE B 285 43.15 -2.68 -8.86
CA ILE B 285 43.78 -3.09 -7.61
C ILE B 285 45.16 -2.44 -7.58
N ILE B 286 45.29 -1.36 -6.80
CA ILE B 286 46.56 -0.64 -6.73
C ILE B 286 47.55 -1.47 -5.93
N GLY B 287 48.75 -1.62 -6.47
CA GLY B 287 49.78 -2.38 -5.79
C GLY B 287 49.65 -3.87 -6.02
N ASP B 288 50.52 -4.62 -5.34
CA ASP B 288 50.51 -6.07 -5.45
C ASP B 288 49.36 -6.66 -4.65
N ILE B 289 48.81 -7.75 -5.14
CA ILE B 289 47.69 -8.41 -4.49
C ILE B 289 48.21 -9.25 -3.33
N ARG B 290 47.59 -9.08 -2.16
CA ARG B 290 47.95 -9.83 -0.97
C ARG B 290 46.69 -10.45 -0.36
N GLN B 291 46.90 -11.51 0.39
CA GLN B 291 45.79 -12.29 0.95
C GLN B 291 45.38 -11.72 2.30
N PRO B 292 44.07 -11.56 2.56
CA PRO B 292 43.63 -11.18 3.91
C PRO B 292 43.97 -12.26 4.92
N HIS B 293 44.11 -11.85 6.18
CA HIS B 293 44.58 -12.75 7.22
C HIS B 293 44.28 -12.16 8.59
N CYS B 294 43.77 -12.99 9.49
CA CYS B 294 43.51 -12.56 10.86
C CYS B 294 44.64 -13.01 11.77
N ASN B 295 44.84 -12.27 12.85
CA ASN B 295 46.00 -12.41 13.73
C ASN B 295 45.56 -12.61 15.19
N ILE B 296 44.72 -13.60 15.44
CA ILE B 296 44.46 -14.03 16.81
C ILE B 296 45.78 -14.33 17.49
N SER B 297 45.97 -13.75 18.68
CA SER B 297 47.22 -13.96 19.42
C SER B 297 47.39 -15.42 19.78
N GLU B 298 48.65 -15.86 19.83
CA GLU B 298 48.95 -17.29 20.02
C GLU B 298 48.90 -17.69 21.49
N ILE B 299 49.77 -17.09 22.31
CA ILE B 299 49.85 -17.50 23.71
C ILE B 299 48.58 -17.15 24.46
N LYS B 300 47.89 -16.09 24.06
CA LYS B 300 46.65 -15.71 24.72
C LYS B 300 45.50 -16.63 24.34
N TRP B 301 45.61 -17.35 23.22
CA TRP B 301 44.56 -18.28 22.81
C TRP B 301 44.81 -19.70 23.28
N GLU B 302 46.08 -20.09 23.42
CA GLU B 302 46.37 -21.46 23.86
C GLU B 302 45.84 -21.70 25.27
N LYS B 303 45.97 -20.73 26.15
CA LYS B 303 45.42 -20.86 27.50
C LYS B 303 43.91 -20.67 27.54
N THR B 304 43.30 -20.18 26.46
CA THR B 304 41.85 -20.12 26.42
C THR B 304 41.25 -21.50 26.16
N LEU B 305 41.84 -22.25 25.25
CA LEU B 305 41.42 -23.63 25.02
C LEU B 305 41.96 -24.59 26.08
N GLN B 306 42.71 -24.09 27.06
CA GLN B 306 43.13 -24.89 28.21
C GLN B 306 42.21 -24.69 29.41
N ARG B 307 41.72 -23.46 29.63
CA ARG B 307 40.73 -23.25 30.68
C ARG B 307 39.39 -23.86 30.30
N VAL B 308 39.06 -23.88 29.00
CA VAL B 308 37.82 -24.50 28.56
C VAL B 308 37.93 -26.02 28.65
N SER B 309 39.09 -26.58 28.27
CA SER B 309 39.28 -28.01 28.36
C SER B 309 39.27 -28.51 29.80
N GLU B 310 39.58 -27.66 30.76
CA GLU B 310 39.47 -28.03 32.18
C GLU B 310 38.12 -27.72 32.77
N LYS B 311 37.30 -26.91 32.10
CA LYS B 311 35.94 -26.63 32.53
C LYS B 311 34.94 -27.58 31.87
N LEU B 312 35.18 -27.93 30.60
CA LEU B 312 34.30 -28.85 29.89
C LEU B 312 34.54 -30.30 30.31
N ARG B 313 35.69 -30.61 30.90
CA ARG B 313 35.94 -31.97 31.37
C ARG B 313 35.06 -32.31 32.56
N GLU B 314 34.81 -31.34 33.45
CA GLU B 314 34.04 -31.60 34.65
C GLU B 314 32.60 -32.00 34.33
N HIS B 315 32.05 -31.49 33.21
CA HIS B 315 30.69 -31.83 32.84
C HIS B 315 30.60 -33.14 32.06
N PHE B 316 31.74 -33.75 31.70
CA PHE B 316 31.75 -35.00 30.97
C PHE B 316 32.60 -36.09 31.60
N ASN B 317 33.52 -35.75 32.51
CA ASN B 317 34.41 -36.72 33.15
C ASN B 317 35.24 -37.51 32.14
N LYS B 318 35.55 -36.88 31.01
CA LYS B 318 36.35 -37.51 29.96
C LYS B 318 37.37 -36.49 29.44
N THR B 319 38.40 -37.01 28.80
CA THR B 319 39.34 -36.15 28.09
C THR B 319 38.79 -35.83 26.71
N ILE B 320 38.99 -34.59 26.26
CA ILE B 320 38.37 -34.07 25.05
C ILE B 320 39.45 -33.73 24.03
N ILE B 321 39.14 -33.98 22.77
CA ILE B 321 40.02 -33.63 21.65
C ILE B 321 39.24 -32.75 20.70
N PHE B 322 39.93 -31.78 20.09
CA PHE B 322 39.31 -30.81 19.20
C PHE B 322 39.69 -31.11 17.76
N ASN B 323 38.68 -31.20 16.90
CA ASN B 323 38.87 -31.36 15.47
C ASN B 323 38.54 -30.06 14.76
N GLN B 324 38.72 -30.06 13.44
CA GLN B 324 38.43 -28.90 12.62
C GLN B 324 36.93 -28.84 12.35
N SER B 325 36.52 -27.93 11.46
CA SER B 325 35.12 -27.85 11.09
C SER B 325 34.72 -29.09 10.28
N SER B 326 33.41 -29.21 10.02
CA SER B 326 32.92 -30.38 9.31
C SER B 326 33.32 -30.35 7.84
N GLY B 327 32.89 -29.34 7.11
CA GLY B 327 33.18 -29.23 5.69
C GLY B 327 31.94 -29.09 4.84
N GLY B 328 32.12 -28.65 3.60
CA GLY B 328 31.00 -28.44 2.70
C GLY B 328 30.90 -27.01 2.21
N ASP B 329 29.86 -26.30 2.63
CA ASP B 329 29.66 -24.91 2.23
C ASP B 329 30.55 -23.99 3.07
N LEU B 330 30.30 -22.68 2.99
CA LEU B 330 31.10 -21.70 3.70
C LEU B 330 30.33 -20.97 4.80
N GLU B 331 29.03 -20.73 4.62
CA GLU B 331 28.27 -19.99 5.61
C GLU B 331 28.00 -20.81 6.87
N ILE B 332 28.03 -22.13 6.78
CA ILE B 332 27.67 -23.00 7.90
C ILE B 332 28.85 -23.76 8.47
N THR B 333 29.99 -23.80 7.78
CA THR B 333 31.12 -24.60 8.20
C THR B 333 32.21 -23.80 8.91
N THR B 334 32.66 -22.70 8.31
CA THR B 334 33.78 -21.94 8.81
C THR B 334 33.34 -20.56 9.28
N HIS B 335 34.31 -19.75 9.71
CA HIS B 335 34.04 -18.41 10.19
C HIS B 335 33.39 -17.57 9.11
N SER B 336 32.53 -16.65 9.52
CA SER B 336 31.85 -15.74 8.58
C SER B 336 31.38 -14.54 9.37
N PHE B 337 31.94 -13.37 9.05
CA PHE B 337 31.59 -12.15 9.79
C PHE B 337 31.71 -10.95 8.86
N ASN B 338 31.31 -9.80 9.40
CA ASN B 338 31.33 -8.53 8.67
C ASN B 338 32.38 -7.61 9.28
N CYS B 339 33.00 -6.79 8.44
CA CYS B 339 34.08 -5.91 8.88
C CYS B 339 34.04 -4.64 8.06
N GLY B 340 33.53 -3.56 8.65
CA GLY B 340 33.54 -2.25 8.03
C GLY B 340 32.75 -2.12 6.75
N GLY B 341 31.88 -3.10 6.48
CA GLY B 341 31.08 -3.10 5.28
C GLY B 341 31.47 -4.12 4.23
N GLU B 342 32.35 -5.06 4.56
CA GLU B 342 32.77 -6.11 3.64
C GLU B 342 32.71 -7.44 4.36
N PHE B 343 32.01 -8.40 3.76
CA PHE B 343 31.79 -9.70 4.40
C PHE B 343 32.98 -10.61 4.19
N PHE B 344 33.53 -11.12 5.29
CA PHE B 344 34.69 -12.00 5.26
C PHE B 344 34.25 -13.46 5.41
N TYR B 345 35.14 -14.37 5.00
CA TYR B 345 34.90 -15.80 5.13
C TYR B 345 36.26 -16.47 5.34
N CYS B 346 36.63 -16.70 6.60
CA CYS B 346 37.88 -17.36 6.92
C CYS B 346 37.65 -18.87 7.01
N ASN B 347 38.67 -19.61 7.46
CA ASN B 347 38.52 -21.05 7.68
C ASN B 347 38.70 -21.44 9.12
N THR B 348 39.81 -21.02 9.76
CA THR B 348 40.11 -21.36 11.16
C THR B 348 40.01 -22.87 11.39
N SER B 349 40.37 -23.65 10.37
CA SER B 349 40.09 -25.08 10.41
C SER B 349 41.13 -25.84 11.22
N ASP B 350 42.38 -25.83 10.76
CA ASP B 350 43.43 -26.62 11.38
C ASP B 350 44.64 -25.75 11.69
N LEU B 351 44.39 -24.59 12.29
CA LEU B 351 45.47 -23.75 12.80
C LEU B 351 45.43 -23.57 14.31
N PHE B 352 44.25 -23.54 14.92
CA PHE B 352 44.15 -23.59 16.37
C PHE B 352 43.07 -24.53 16.87
N PHE B 353 42.29 -25.16 15.98
CA PHE B 353 41.31 -26.17 16.36
C PHE B 353 41.79 -27.58 16.04
N ASN B 354 43.11 -27.79 16.01
CA ASN B 354 43.69 -29.10 15.74
C ASN B 354 44.52 -29.57 16.92
N LYS B 355 44.18 -29.12 18.12
CA LYS B 355 44.93 -29.43 19.32
C LYS B 355 44.05 -30.18 20.32
N THR B 356 44.66 -30.60 21.42
CA THR B 356 43.95 -31.33 22.46
C THR B 356 44.37 -30.83 23.85
N THR B 368 55.99 -18.36 23.12
CA THR B 368 56.53 -17.01 23.21
C THR B 368 55.46 -15.97 22.90
N ASN B 369 55.68 -15.20 21.84
CA ASN B 369 54.75 -14.16 21.41
C ASN B 369 54.55 -14.23 19.90
N SER B 370 54.32 -15.45 19.40
CA SER B 370 54.04 -15.64 17.98
C SER B 370 52.58 -15.26 17.71
N THR B 371 52.11 -15.54 16.50
CA THR B 371 50.74 -15.20 16.13
C THR B 371 50.24 -16.20 15.10
N ILE B 372 48.95 -16.50 15.17
CA ILE B 372 48.30 -17.39 14.22
C ILE B 372 47.73 -16.56 13.09
N THR B 373 48.09 -16.92 11.86
CA THR B 373 47.66 -16.20 10.66
C THR B 373 46.66 -17.07 9.91
N LEU B 374 45.41 -16.60 9.82
CA LEU B 374 44.34 -17.36 9.22
C LEU B 374 44.03 -16.84 7.83
N PRO B 375 44.26 -17.62 6.77
CA PRO B 375 43.93 -17.15 5.41
C PRO B 375 42.42 -17.07 5.24
N CYS B 376 41.92 -15.86 4.97
CA CYS B 376 40.50 -15.61 4.80
C CYS B 376 40.18 -15.37 3.34
N ARG B 377 38.88 -15.47 3.02
CA ARG B 377 38.38 -15.21 1.69
C ARG B 377 37.21 -14.24 1.77
N ILE B 378 37.06 -13.42 0.74
CA ILE B 378 36.03 -12.37 0.72
C ILE B 378 35.05 -12.67 -0.40
N LYS B 379 33.77 -12.50 -0.10
CA LYS B 379 32.70 -12.71 -1.07
C LYS B 379 31.81 -11.47 -1.11
N GLN B 380 31.14 -11.29 -2.25
CA GLN B 380 30.29 -10.12 -2.46
C GLN B 380 28.80 -10.42 -2.44
N ILE B 381 28.39 -11.59 -2.91
CA ILE B 381 26.98 -11.99 -2.91
C ILE B 381 26.77 -12.99 -1.79
N ILE B 382 25.84 -12.67 -0.89
CA ILE B 382 25.62 -13.45 0.32
C ILE B 382 24.17 -13.91 0.37
N ASN B 383 23.98 -15.21 0.56
CA ASN B 383 22.65 -15.78 0.76
C ASN B 383 22.35 -15.88 2.25
N MET B 384 22.37 -14.73 2.91
CA MET B 384 22.21 -14.68 4.36
C MET B 384 20.79 -15.06 4.76
N TRP B 385 20.63 -15.32 6.05
CA TRP B 385 19.38 -15.67 6.73
C TRP B 385 18.83 -17.03 6.33
N GLN B 386 19.53 -17.77 5.46
CA GLN B 386 19.21 -19.17 5.14
C GLN B 386 17.85 -19.30 4.47
N GLU B 387 17.68 -18.59 3.35
CA GLU B 387 16.54 -18.80 2.47
C GLU B 387 17.03 -18.90 1.03
N VAL B 388 16.16 -19.41 0.16
CA VAL B 388 16.48 -19.52 -1.26
C VAL B 388 16.42 -18.18 -1.98
N GLY B 389 15.82 -17.17 -1.36
CA GLY B 389 15.71 -15.86 -2.00
C GLY B 389 16.34 -14.75 -1.20
N ARG B 390 16.16 -13.51 -1.67
CA ARG B 390 16.68 -12.31 -1.01
C ARG B 390 18.19 -12.38 -0.82
N ALA B 391 18.89 -12.45 -1.95
CA ALA B 391 20.35 -12.45 -1.95
C ALA B 391 20.86 -11.02 -2.07
N MET B 392 21.78 -10.64 -1.20
CA MET B 392 22.30 -9.29 -1.17
C MET B 392 23.58 -9.17 -2.00
N TYR B 393 24.01 -7.93 -2.19
CA TYR B 393 25.24 -7.66 -2.94
C TYR B 393 25.89 -6.43 -2.31
N ALA B 394 26.92 -6.66 -1.50
CA ALA B 394 27.61 -5.56 -0.83
C ALA B 394 28.53 -4.86 -1.83
N PRO B 395 28.41 -3.55 -2.03
CA PRO B 395 29.30 -2.86 -2.95
C PRO B 395 30.73 -2.88 -2.44
N PRO B 396 31.71 -2.86 -3.32
CA PRO B 396 33.11 -2.87 -2.87
C PRO B 396 33.48 -1.54 -2.22
N ILE B 397 34.07 -1.64 -1.03
CA ILE B 397 34.50 -0.46 -0.29
C ILE B 397 35.91 -0.08 -0.72
N ALA B 398 36.06 1.12 -1.27
CA ALA B 398 37.35 1.57 -1.74
C ALA B 398 38.24 1.96 -0.56
N GLY B 399 39.49 1.52 -0.61
CA GLY B 399 40.44 1.88 0.42
C GLY B 399 41.14 0.69 1.05
N ASN B 400 41.12 0.63 2.38
CA ASN B 400 41.84 -0.41 3.11
C ASN B 400 41.07 -0.66 4.41
N ILE B 401 40.27 -1.73 4.41
CA ILE B 401 39.37 -2.02 5.52
C ILE B 401 40.17 -2.64 6.66
N THR B 402 39.90 -2.17 7.88
CA THR B 402 40.60 -2.64 9.07
C THR B 402 39.62 -2.75 10.23
N CYS B 403 39.65 -3.88 10.93
CA CYS B 403 38.83 -4.07 12.13
C CYS B 403 39.70 -4.59 13.26
N LYS B 404 39.23 -4.39 14.48
CA LYS B 404 39.88 -4.93 15.68
C LYS B 404 38.78 -5.23 16.69
N SER B 405 38.34 -6.48 16.74
CA SER B 405 37.21 -6.89 17.55
C SER B 405 37.66 -7.79 18.68
N ASN B 406 36.70 -8.22 19.50
CA ASN B 406 36.94 -9.15 20.59
C ASN B 406 36.11 -10.41 20.36
N ILE B 407 36.61 -11.53 20.85
CA ILE B 407 35.88 -12.80 20.82
C ILE B 407 35.57 -13.19 22.26
N THR B 408 34.29 -13.24 22.59
CA THR B 408 33.82 -13.59 23.92
C THR B 408 32.88 -14.80 23.78
N GLY B 409 33.46 -15.99 23.82
CA GLY B 409 32.67 -17.20 23.73
C GLY B 409 32.68 -17.85 22.37
N LEU B 410 32.69 -19.18 22.35
CA LEU B 410 32.72 -19.96 21.13
C LEU B 410 31.38 -20.68 20.94
N LEU B 411 31.27 -21.38 19.82
CA LEU B 411 30.13 -22.23 19.53
C LEU B 411 30.65 -23.62 19.18
N LEU B 412 30.23 -24.62 19.95
CA LEU B 412 30.74 -25.98 19.81
C LEU B 412 29.60 -26.94 19.48
N THR B 413 29.97 -28.15 19.09
CA THR B 413 29.01 -29.18 18.73
C THR B 413 29.68 -30.54 18.85
N ARG B 414 29.02 -31.48 19.51
CA ARG B 414 29.59 -32.81 19.68
C ARG B 414 29.53 -33.59 18.37
N ASP B 415 30.10 -34.79 18.38
CA ASP B 415 30.10 -35.69 17.23
C ASP B 415 29.29 -36.96 17.49
N GLY B 416 29.62 -37.69 18.55
CA GLY B 416 28.92 -38.93 18.84
C GLY B 416 29.73 -39.86 19.72
N GLY B 417 29.84 -41.12 19.30
CA GLY B 417 30.60 -42.11 20.05
C GLY B 417 29.96 -42.50 21.37
N THR B 422 36.78 -43.95 26.31
CA THR B 422 37.05 -43.28 25.04
C THR B 422 37.24 -41.77 25.25
N LYS B 423 37.23 -41.03 24.15
CA LYS B 423 37.39 -39.58 24.18
C LYS B 423 36.25 -38.92 23.41
N GLU B 424 35.93 -37.69 23.80
CA GLU B 424 34.89 -36.91 23.16
C GLU B 424 35.52 -35.90 22.21
N THR B 425 35.01 -35.85 20.98
CA THR B 425 35.55 -34.96 19.96
C THR B 425 34.61 -33.77 19.76
N PHE B 426 35.16 -32.56 19.88
CA PHE B 426 34.40 -31.34 19.71
C PHE B 426 34.86 -30.61 18.45
N ARG B 427 33.95 -29.85 17.87
CA ARG B 427 34.23 -29.08 16.66
C ARG B 427 33.27 -27.92 16.59
N PRO B 428 33.68 -26.79 16.01
CA PRO B 428 32.78 -25.63 15.94
C PRO B 428 31.73 -25.79 14.86
N GLY B 429 30.56 -25.23 15.14
CA GLY B 429 29.48 -25.26 14.18
C GLY B 429 28.32 -24.35 14.55
N GLY B 430 27.90 -23.51 13.60
CA GLY B 430 26.78 -22.63 13.81
C GLY B 430 25.45 -23.32 13.51
N GLY B 431 25.00 -24.15 14.44
CA GLY B 431 23.77 -24.90 14.22
C GLY B 431 22.58 -24.02 13.90
N ASN B 432 22.55 -22.80 14.42
CA ASN B 432 21.50 -21.85 14.12
C ASN B 432 22.06 -20.44 14.20
N MET B 433 21.26 -19.47 13.77
CA MET B 433 21.65 -18.06 13.80
C MET B 433 21.15 -17.35 15.05
N ARG B 434 20.05 -17.80 15.64
CA ARG B 434 19.52 -17.16 16.84
C ARG B 434 20.44 -17.29 18.04
N ASP B 435 21.36 -18.26 18.02
CA ASP B 435 22.27 -18.43 19.14
C ASP B 435 23.23 -17.26 19.31
N ASN B 436 23.42 -16.45 18.26
CA ASN B 436 24.25 -15.26 18.39
C ASN B 436 23.63 -14.22 19.30
N TRP B 437 22.32 -14.31 19.55
CA TRP B 437 21.63 -13.38 20.44
C TRP B 437 21.25 -14.00 21.78
N ARG B 438 21.23 -15.34 21.88
CA ARG B 438 21.00 -15.96 23.18
C ARG B 438 22.20 -15.84 24.11
N SER B 439 23.36 -15.47 23.58
CA SER B 439 24.53 -15.23 24.42
C SER B 439 24.45 -13.91 25.17
N GLU B 440 23.48 -13.05 24.83
CA GLU B 440 23.32 -11.78 25.49
C GLU B 440 21.92 -11.55 26.06
N LEU B 441 20.95 -12.38 25.69
CA LEU B 441 19.59 -12.32 26.20
C LEU B 441 19.24 -13.58 26.99
N TYR B 442 20.20 -14.08 27.75
CA TYR B 442 20.00 -15.30 28.53
C TYR B 442 19.54 -15.03 29.95
N LYS B 443 19.83 -13.85 30.49
CA LYS B 443 19.49 -13.51 31.87
C LYS B 443 18.28 -12.58 31.95
N TYR B 444 17.42 -12.57 30.93
CA TYR B 444 16.26 -11.69 30.90
C TYR B 444 14.99 -12.51 30.82
N LYS B 445 13.91 -11.94 31.33
CA LYS B 445 12.59 -12.58 31.30
C LYS B 445 11.54 -11.50 31.40
N VAL B 446 10.55 -11.55 30.51
CA VAL B 446 9.48 -10.55 30.46
C VAL B 446 8.26 -11.10 31.18
N VAL B 447 7.70 -10.30 32.09
CA VAL B 447 6.51 -10.67 32.84
C VAL B 447 5.60 -9.46 32.91
N GLU B 448 4.33 -9.72 33.20
CA GLU B 448 3.34 -8.68 33.40
C GLU B 448 2.88 -8.67 34.86
N VAL B 449 2.54 -7.47 35.33
CA VAL B 449 2.17 -7.28 36.73
C VAL B 449 0.66 -7.20 36.84
N LYS B 450 0.13 -7.74 37.94
CA LYS B 450 -1.30 -7.68 38.26
C LYS B 450 -1.42 -7.11 39.67
N PRO B 451 -1.54 -5.79 39.78
CA PRO B 451 -1.46 -5.14 41.10
C PRO B 451 -2.74 -5.21 41.93
N LEU B 452 -3.70 -6.06 41.57
CA LEU B 452 -4.92 -6.21 42.34
C LEU B 452 -4.79 -7.41 43.26
N GLY B 453 -4.87 -7.17 44.56
CA GLY B 453 -4.76 -8.24 45.54
C GLY B 453 -6.02 -8.44 46.35
N ILE B 454 -6.16 -9.60 46.98
CA ILE B 454 -7.32 -9.93 47.78
C ILE B 454 -6.85 -10.60 49.06
N ALA B 455 -7.34 -10.11 50.21
CA ALA B 455 -6.92 -10.66 51.48
C ALA B 455 -8.00 -10.41 52.52
N PRO B 456 -8.31 -11.38 53.37
CA PRO B 456 -9.33 -11.15 54.40
C PRO B 456 -8.79 -10.28 55.52
N THR B 457 -9.65 -9.45 56.09
CA THR B 457 -9.29 -8.58 57.19
C THR B 457 -10.53 -8.26 58.01
N GLU B 458 -10.32 -7.60 59.15
CA GLU B 458 -11.41 -7.22 60.04
C GLU B 458 -11.79 -5.76 59.78
N CYS B 459 -12.35 -5.53 58.59
CA CYS B 459 -12.76 -4.20 58.19
C CYS B 459 -13.86 -4.33 57.14
N ASN B 460 -15.07 -3.93 57.50
CA ASN B 460 -16.21 -3.98 56.60
C ASN B 460 -16.61 -2.56 56.19
N ARG B 461 -17.53 -2.48 55.23
CA ARG B 461 -18.00 -1.20 54.73
C ARG B 461 -18.79 -0.49 55.82
N THR B 462 -18.22 0.57 56.37
CA THR B 462 -18.86 1.34 57.44
C THR B 462 -20.04 2.14 56.90
N LEU C 2 -1.94 29.19 52.81
CA LEU C 2 -1.22 28.54 53.90
C LEU C 2 -1.04 27.06 53.58
N TRP C 3 -2.03 26.47 52.92
CA TRP C 3 -1.99 25.07 52.53
C TRP C 3 -1.99 24.95 51.01
N VAL C 4 -1.34 23.92 50.51
CA VAL C 4 -1.23 23.69 49.07
C VAL C 4 -2.51 23.03 48.58
N THR C 5 -2.99 23.49 47.42
CA THR C 5 -4.13 22.87 46.76
C THR C 5 -3.90 22.86 45.26
N VAL C 6 -4.51 21.90 44.58
CA VAL C 6 -4.36 21.76 43.15
C VAL C 6 -5.60 22.33 42.47
N TYR C 7 -5.45 22.68 41.20
CA TYR C 7 -6.53 23.24 40.40
C TYR C 7 -6.58 22.54 39.05
N TYR C 8 -7.79 22.18 38.63
CA TYR C 8 -8.00 21.56 37.33
C TYR C 8 -8.56 22.59 36.35
N GLY C 9 -8.08 22.54 35.12
CA GLY C 9 -8.53 23.48 34.11
C GLY C 9 -8.06 24.90 34.33
N VAL C 10 -6.75 25.11 34.20
CA VAL C 10 -6.18 26.45 34.35
C VAL C 10 -5.58 26.88 33.02
N PRO C 11 -5.60 28.17 32.69
CA PRO C 11 -5.03 28.61 31.41
C PRO C 11 -3.51 28.59 31.43
N VAL C 12 -2.93 27.40 31.23
CA VAL C 12 -1.48 27.23 31.21
C VAL C 12 -1.13 26.41 29.98
N TRP C 13 -0.31 26.98 29.10
CA TRP C 13 0.13 26.32 27.89
C TRP C 13 1.65 26.23 27.86
N ARG C 14 2.16 25.47 26.89
CA ARG C 14 3.59 25.31 26.71
C ARG C 14 3.84 24.85 25.28
N GLU C 15 4.75 25.52 24.59
CA GLU C 15 5.02 25.20 23.20
C GLU C 15 5.59 23.79 23.07
N ALA C 16 5.08 23.05 22.09
CA ALA C 16 5.51 21.69 21.84
C ALA C 16 5.25 21.35 20.38
N LYS C 17 5.41 20.07 20.04
CA LYS C 17 5.17 19.60 18.68
C LYS C 17 4.43 18.28 18.73
N THR C 18 3.55 18.06 17.76
CA THR C 18 2.73 16.86 17.71
C THR C 18 2.47 16.52 16.25
N THR C 19 1.56 15.57 16.02
CA THR C 19 1.18 15.15 14.68
C THR C 19 -0.25 15.58 14.42
N LEU C 20 -0.44 16.38 13.37
CA LEU C 20 -1.75 16.88 13.00
C LEU C 20 -2.43 15.91 12.03
N PHE C 21 -3.63 16.26 11.58
CA PHE C 21 -4.34 15.42 10.63
C PHE C 21 -5.20 16.30 9.73
N CYS C 22 -5.70 15.69 8.65
CA CYS C 22 -6.49 16.40 7.66
C CYS C 22 -7.88 16.74 8.20
N ALA C 23 -8.49 17.73 7.56
CA ALA C 23 -9.88 18.09 7.82
C ALA C 23 -10.37 18.90 6.64
N SER C 24 -11.42 18.42 5.95
CA SER C 24 -11.95 19.10 4.79
C SER C 24 -13.46 19.02 4.82
N ASP C 25 -14.09 19.69 3.85
CA ASP C 25 -15.54 19.70 3.77
C ASP C 25 -16.06 18.36 3.25
N ALA C 26 -17.31 18.06 3.60
CA ALA C 26 -17.95 16.82 3.18
C ALA C 26 -18.73 17.06 1.88
N LYS C 27 -17.98 17.34 0.82
CA LYS C 27 -18.53 17.59 -0.50
C LYS C 27 -18.40 16.41 -1.45
N SER C 28 -17.78 15.32 -0.99
CA SER C 28 -17.61 14.14 -1.84
C SER C 28 -18.91 13.34 -1.94
N VAL C 33 -13.98 10.43 -7.62
CA VAL C 33 -13.10 11.35 -8.30
C VAL C 33 -11.64 10.93 -8.10
N HIS C 34 -11.31 10.55 -6.86
CA HIS C 34 -9.98 10.07 -6.50
C HIS C 34 -8.91 11.12 -6.81
N ASN C 35 -9.00 12.25 -6.11
CA ASN C 35 -8.00 13.29 -6.26
C ASN C 35 -6.62 12.78 -5.81
N VAL C 36 -5.58 13.50 -6.26
CA VAL C 36 -4.23 13.15 -5.85
C VAL C 36 -4.07 13.32 -4.34
N TRP C 37 -4.80 14.27 -3.76
CA TRP C 37 -4.86 14.42 -2.32
C TRP C 37 -5.95 13.50 -1.77
N ALA C 38 -5.59 12.66 -0.82
CA ALA C 38 -6.53 11.66 -0.31
C ALA C 38 -7.57 12.31 0.57
N THR C 39 -8.44 13.12 -0.03
CA THR C 39 -9.50 13.79 0.73
C THR C 39 -10.72 12.91 0.90
N HIS C 40 -10.95 11.97 -0.02
CA HIS C 40 -12.06 11.04 0.12
C HIS C 40 -11.89 10.12 1.33
N ALA C 41 -10.69 10.05 1.90
CA ALA C 41 -10.43 9.30 3.12
C ALA C 41 -10.12 10.20 4.30
N CYS C 42 -10.44 11.50 4.19
CA CYS C 42 -10.16 12.47 5.22
C CYS C 42 -11.44 12.76 6.02
N VAL C 43 -11.25 13.08 7.30
CA VAL C 43 -12.40 13.29 8.18
C VAL C 43 -13.08 14.61 7.84
N PRO C 44 -14.41 14.65 7.77
CA PRO C 44 -15.08 15.92 7.46
C PRO C 44 -14.95 16.92 8.61
N THR C 45 -15.13 18.19 8.27
CA THR C 45 -15.00 19.27 9.22
C THR C 45 -16.35 19.59 9.84
N ASP C 46 -16.43 20.69 10.59
CA ASP C 46 -17.65 21.15 11.24
C ASP C 46 -18.17 22.40 10.56
N PRO C 47 -19.50 22.58 10.50
CA PRO C 47 -20.05 23.76 9.83
C PRO C 47 -19.88 25.06 10.60
N ASN C 48 -19.39 25.01 11.84
CA ASN C 48 -19.22 26.23 12.64
C ASN C 48 -17.98 26.06 13.51
N PRO C 49 -16.81 26.48 13.02
CA PRO C 49 -15.60 26.41 13.84
C PRO C 49 -15.66 27.39 15.00
N GLN C 50 -15.73 26.87 16.23
CA GLN C 50 -15.84 27.70 17.41
C GLN C 50 -14.45 28.06 17.92
N GLU C 51 -14.19 29.36 18.09
CA GLU C 51 -12.92 29.84 18.58
C GLU C 51 -13.16 30.81 19.74
N LEU C 52 -12.13 31.00 20.55
CA LEU C 52 -12.15 31.92 21.68
C LEU C 52 -11.30 33.15 21.36
N VAL C 53 -11.40 34.14 22.23
CA VAL C 53 -10.63 35.38 22.11
C VAL C 53 -9.91 35.58 23.43
N LEU C 54 -8.63 35.20 23.48
CA LEU C 54 -7.83 35.41 24.69
C LEU C 54 -7.64 36.90 24.91
N GLU C 55 -8.24 37.37 25.97
CA GLU C 55 -8.20 38.82 26.18
C GLU C 55 -6.96 39.23 26.93
N ASN C 56 -6.38 40.33 26.54
CA ASN C 56 -5.36 40.99 27.38
C ASN C 56 -4.16 40.07 27.56
N VAL C 57 -3.60 39.56 26.46
CA VAL C 57 -2.45 38.66 26.55
C VAL C 57 -1.58 38.88 25.32
N THR C 58 -0.26 38.87 25.53
CA THR C 58 0.71 39.08 24.46
C THR C 58 1.56 37.83 24.33
N GLU C 59 1.43 37.13 23.21
CA GLU C 59 2.17 35.91 22.93
C GLU C 59 3.04 36.13 21.71
N ASN C 60 4.31 35.73 21.80
CA ASN C 60 5.26 35.86 20.72
C ASN C 60 5.56 34.49 20.13
N PHE C 61 5.61 34.42 18.80
CA PHE C 61 5.92 33.17 18.12
C PHE C 61 6.65 33.47 16.82
N ASN C 62 7.59 32.60 16.47
CA ASN C 62 8.37 32.75 15.25
C ASN C 62 7.59 32.21 14.06
N MET C 63 8.02 32.65 12.87
CA MET C 63 7.42 32.20 11.61
C MET C 63 8.31 31.26 10.83
N TRP C 64 9.62 31.48 10.85
CA TRP C 64 10.55 30.63 10.10
C TRP C 64 10.94 29.38 10.87
N LYS C 65 10.89 29.41 12.19
CA LYS C 65 11.20 28.24 13.02
C LYS C 65 9.97 27.40 13.31
N ASN C 66 8.93 27.50 12.48
CA ASN C 66 7.71 26.76 12.71
C ASN C 66 7.89 25.29 12.35
N ASP C 67 6.98 24.46 12.84
CA ASP C 67 6.99 23.03 12.57
C ASP C 67 5.91 22.57 11.62
N MET C 68 4.80 23.32 11.50
CA MET C 68 3.74 22.93 10.59
C MET C 68 4.20 22.95 9.14
N VAL C 69 5.15 23.82 8.81
CA VAL C 69 5.67 23.86 7.45
C VAL C 69 6.58 22.67 7.18
N ASP C 70 7.25 22.17 8.21
CA ASP C 70 8.08 20.98 8.05
C ASP C 70 7.27 19.70 8.03
N GLN C 71 6.04 19.73 8.53
CA GLN C 71 5.16 18.56 8.47
C GLN C 71 4.30 18.56 7.21
N MET C 72 3.86 19.73 6.76
CA MET C 72 3.06 19.80 5.54
C MET C 72 3.90 19.43 4.32
N HIS C 73 5.16 19.87 4.30
CA HIS C 73 6.03 19.54 3.17
C HIS C 73 6.35 18.06 3.14
N GLU C 74 6.51 17.44 4.31
CA GLU C 74 6.76 16.00 4.39
C GLU C 74 5.48 15.19 4.18
N ASP C 75 4.32 15.82 4.23
CA ASP C 75 3.07 15.11 3.96
C ASP C 75 2.80 15.02 2.45
N ILE C 76 3.02 16.12 1.72
CA ILE C 76 2.78 16.11 0.29
C ILE C 76 3.79 15.23 -0.43
N ILE C 77 5.03 15.17 0.08
CA ILE C 77 6.03 14.29 -0.52
C ILE C 77 5.59 12.84 -0.43
N SER C 78 5.16 12.43 0.76
CA SER C 78 4.68 11.06 0.96
C SER C 78 3.31 10.81 0.37
N LEU C 79 2.59 11.87 -0.01
CA LEU C 79 1.27 11.71 -0.61
C LEU C 79 1.33 11.46 -2.11
N TRP C 80 2.27 12.11 -2.80
CA TRP C 80 2.42 11.87 -4.23
C TRP C 80 2.93 10.45 -4.49
N ASP C 81 3.85 9.96 -3.66
CA ASP C 81 4.33 8.60 -3.84
C ASP C 81 3.24 7.58 -3.56
N GLN C 82 2.28 7.92 -2.69
CA GLN C 82 1.16 7.04 -2.45
C GLN C 82 0.18 7.01 -3.61
N SER C 83 0.16 8.06 -4.43
CA SER C 83 -0.71 8.14 -5.59
C SER C 83 -0.01 7.77 -6.90
N LEU C 84 1.30 7.58 -6.87
CA LEU C 84 2.06 7.17 -8.05
C LEU C 84 2.63 5.77 -7.92
N LYS C 85 2.38 5.07 -6.80
CA LYS C 85 2.90 3.72 -6.64
C LYS C 85 2.19 2.72 -7.55
N PRO C 86 0.85 2.68 -7.63
CA PRO C 86 0.20 1.73 -8.54
C PRO C 86 0.19 2.21 -9.99
N CYS C 87 1.00 3.21 -10.30
CA CYS C 87 1.07 3.76 -11.64
C CYS C 87 2.01 2.93 -12.51
N VAL C 88 1.78 2.99 -13.81
CA VAL C 88 2.62 2.29 -14.77
C VAL C 88 3.86 3.12 -15.06
N LYS C 89 5.01 2.46 -15.12
CA LYS C 89 6.28 3.14 -15.34
C LYS C 89 6.63 3.16 -16.82
N LEU C 90 7.23 4.25 -17.27
CA LEU C 90 7.66 4.40 -18.66
C LEU C 90 9.11 3.98 -18.85
N THR C 91 9.43 2.77 -18.40
CA THR C 91 10.80 2.27 -18.57
C THR C 91 11.10 1.91 -20.03
N PRO C 92 10.27 1.15 -20.74
CA PRO C 92 10.58 0.83 -22.14
C PRO C 92 10.34 1.95 -23.12
N LEU C 93 10.16 3.19 -22.65
CA LEU C 93 9.81 4.29 -23.53
C LEU C 93 11.03 4.82 -24.30
N CYS C 94 12.06 5.25 -23.57
CA CYS C 94 13.15 5.99 -24.19
C CYS C 94 14.04 5.05 -24.99
N VAL C 95 13.94 5.13 -26.30
CA VAL C 95 14.80 4.43 -27.25
C VAL C 95 15.32 5.47 -28.24
N THR C 96 16.00 5.03 -29.29
CA THR C 96 16.51 5.98 -30.26
C THR C 96 15.37 6.60 -31.04
N LEU C 97 14.88 7.75 -30.58
CA LEU C 97 13.74 8.41 -31.22
C LEU C 97 14.21 9.10 -32.49
N ASN C 98 13.53 8.93 -33.61
CA ASN C 98 13.98 9.57 -34.88
C ASN C 98 13.15 10.83 -35.13
N CYS C 99 13.11 11.72 -34.15
CA CYS C 99 12.27 12.91 -34.11
C CYS C 99 12.55 13.83 -35.29
N SER C 100 11.47 14.36 -35.88
CA SER C 100 11.56 15.32 -36.97
C SER C 100 10.67 16.52 -36.63
N ASP C 101 10.72 17.53 -37.49
CA ASP C 101 9.95 18.74 -37.25
C ASP C 101 8.45 18.47 -37.43
N ALA C 102 7.65 19.08 -36.56
CA ALA C 102 6.20 18.90 -36.64
C ALA C 102 5.64 19.62 -37.85
N LYS C 103 4.64 19.01 -38.48
CA LYS C 103 4.02 19.56 -39.69
C LYS C 103 3.02 20.65 -39.28
N VAL C 104 3.57 21.83 -39.00
CA VAL C 104 2.83 23.02 -38.56
C VAL C 104 1.67 22.70 -37.62
N ARG C 112 8.53 29.48 -31.43
CA ARG C 112 7.53 29.32 -32.47
C ARG C 112 7.38 27.85 -32.86
N GLU C 113 8.51 27.17 -33.02
CA GLU C 113 8.55 25.75 -33.36
C GLU C 113 9.20 25.01 -32.19
N GLU C 114 8.38 24.62 -31.22
CA GLU C 114 8.86 23.98 -30.00
C GLU C 114 8.34 22.55 -29.85
N ILE C 115 7.63 22.03 -30.85
CA ILE C 115 7.04 20.69 -30.79
C ILE C 115 7.60 19.87 -31.93
N LYS C 116 7.99 18.63 -31.64
CA LYS C 116 8.60 17.74 -32.61
C LYS C 116 7.72 16.51 -32.83
N ASN C 117 7.93 15.86 -33.97
CA ASN C 117 7.24 14.63 -34.34
C ASN C 117 8.24 13.48 -34.26
N CYS C 118 8.05 12.60 -33.29
CA CYS C 118 8.97 11.49 -33.04
C CYS C 118 8.34 10.17 -33.43
N SER C 119 9.15 9.27 -33.98
CA SER C 119 8.71 7.94 -34.38
C SER C 119 9.75 6.94 -33.89
N PHE C 120 9.33 6.02 -33.03
CA PHE C 120 10.27 5.10 -32.39
C PHE C 120 9.84 3.64 -32.56
N ASN C 121 10.54 2.74 -31.88
CA ASN C 121 10.22 1.31 -31.91
C ASN C 121 9.79 0.88 -30.51
N ALA C 122 8.64 0.21 -30.43
CA ALA C 122 8.11 -0.24 -29.16
C ALA C 122 7.55 -1.65 -29.31
N THR C 123 7.58 -2.40 -28.20
CA THR C 123 7.05 -3.76 -28.23
C THR C 123 5.54 -3.74 -28.34
N THR C 124 5.00 -4.69 -29.11
CA THR C 124 3.57 -4.77 -29.35
C THR C 124 2.89 -5.43 -28.14
N GLU C 125 1.63 -5.82 -28.30
CA GLU C 125 0.86 -6.39 -27.19
C GLU C 125 1.55 -7.61 -26.60
N LEU C 126 2.25 -8.39 -27.41
CA LEU C 126 3.01 -9.52 -26.92
C LEU C 126 4.50 -9.23 -27.06
N ARG C 127 5.29 -9.82 -26.16
CA ARG C 127 6.69 -9.41 -25.99
C ARG C 127 7.56 -9.82 -27.17
N ASP C 128 7.21 -10.90 -27.88
CA ASP C 128 8.11 -11.45 -28.88
C ASP C 128 8.29 -10.52 -30.07
N LYS C 129 7.29 -9.69 -30.38
CA LYS C 129 7.32 -8.86 -31.57
C LYS C 129 7.34 -7.38 -31.18
N LYS C 130 7.74 -6.55 -32.14
CA LYS C 130 7.80 -5.10 -31.95
C LYS C 130 7.16 -4.40 -33.13
N ARG C 131 6.92 -3.11 -32.97
CA ARG C 131 6.22 -2.31 -33.97
C ARG C 131 6.92 -0.96 -34.07
N ARG C 132 6.27 -0.01 -34.75
CA ARG C 132 6.82 1.33 -34.94
C ARG C 132 5.67 2.32 -34.86
N GLU C 133 5.60 3.05 -33.75
CA GLU C 133 4.55 4.03 -33.53
C GLU C 133 5.07 5.44 -33.80
N TYR C 134 4.23 6.43 -33.54
CA TYR C 134 4.61 7.83 -33.70
C TYR C 134 3.88 8.66 -32.65
N ALA C 135 4.57 9.68 -32.15
CA ALA C 135 4.00 10.55 -31.12
C ALA C 135 4.57 11.95 -31.30
N LEU C 136 4.02 12.88 -30.51
CA LEU C 136 4.42 14.28 -30.56
C LEU C 136 4.92 14.70 -29.18
N PHE C 137 6.15 15.22 -29.14
CA PHE C 137 6.75 15.68 -27.90
C PHE C 137 7.26 17.11 -28.07
N TYR C 138 7.44 17.79 -26.95
CA TYR C 138 7.94 19.15 -26.95
C TYR C 138 9.46 19.16 -26.99
N ARG C 139 10.02 20.24 -27.51
CA ARG C 139 11.48 20.36 -27.58
C ARG C 139 12.11 20.41 -26.20
N LEU C 140 11.39 20.96 -25.21
CA LEU C 140 11.89 21.01 -23.85
C LEU C 140 11.89 19.65 -23.16
N ASP C 141 11.32 18.63 -23.79
CA ASP C 141 11.19 17.32 -23.16
C ASP C 141 12.13 16.27 -23.72
N ILE C 142 12.87 16.57 -24.78
CA ILE C 142 13.81 15.61 -25.37
C ILE C 142 15.16 16.30 -25.53
N VAL C 143 16.22 15.49 -25.48
CA VAL C 143 17.57 15.98 -25.65
C VAL C 143 18.23 15.22 -26.80
N PRO C 144 19.10 15.87 -27.58
CA PRO C 144 19.78 15.15 -28.66
C PRO C 144 20.96 14.35 -28.17
N LEU C 145 21.27 13.28 -28.91
CA LEU C 145 22.39 12.41 -28.57
C LEU C 145 23.70 12.91 -29.18
N SER C 146 23.73 13.07 -30.50
CA SER C 146 24.90 13.56 -31.21
C SER C 146 24.81 15.07 -31.29
N GLY C 147 25.42 15.75 -30.31
CA GLY C 147 25.40 17.19 -30.26
C GLY C 147 26.30 17.84 -31.29
N SER C 153 17.63 14.89 -36.02
CA SER C 153 18.53 13.75 -36.03
C SER C 153 17.96 12.60 -35.21
N GLU C 154 18.57 12.33 -34.06
CA GLU C 154 18.14 11.27 -33.16
C GLU C 154 18.12 11.79 -31.73
N TYR C 155 16.94 11.83 -31.13
CA TYR C 155 16.75 12.33 -29.78
C TYR C 155 16.37 11.18 -28.84
N ARG C 156 16.35 11.49 -27.55
CA ARG C 156 15.96 10.49 -26.54
C ARG C 156 15.35 11.23 -25.36
N LEU C 157 14.57 10.58 -24.49
CA LEU C 157 13.87 11.23 -23.40
C LEU C 157 14.87 11.98 -22.51
N ILE C 158 14.35 12.95 -21.77
CA ILE C 158 15.22 13.91 -21.11
C ILE C 158 15.91 13.31 -19.89
N ASN C 159 15.18 12.57 -19.05
CA ASN C 159 15.71 12.14 -17.76
C ASN C 159 15.42 10.68 -17.50
N CYS C 160 15.68 9.82 -18.48
CA CYS C 160 15.67 8.38 -18.25
C CYS C 160 17.06 7.80 -18.11
N ASN C 161 18.10 8.64 -18.15
CA ASN C 161 19.45 8.20 -17.89
C ASN C 161 19.87 8.37 -16.44
N THR C 162 19.12 9.15 -15.66
CA THR C 162 19.44 9.37 -14.26
C THR C 162 18.46 8.70 -13.31
N SER C 163 17.23 8.43 -13.74
CA SER C 163 16.25 7.82 -12.87
C SER C 163 15.14 7.20 -13.71
N VAL C 164 14.37 6.33 -13.07
CA VAL C 164 13.19 5.73 -13.70
C VAL C 164 12.09 6.78 -13.75
N ILE C 165 11.20 6.64 -14.74
CA ILE C 165 10.13 7.61 -14.98
C ILE C 165 8.80 6.86 -14.96
N THR C 166 7.82 7.46 -14.28
CA THR C 166 6.47 6.91 -14.22
C THR C 166 5.47 7.99 -14.60
N GLN C 167 4.32 7.56 -15.12
CA GLN C 167 3.27 8.48 -15.51
C GLN C 167 2.18 8.51 -14.44
N ILE C 168 1.19 9.36 -14.66
CA ILE C 168 0.07 9.53 -13.74
C ILE C 168 -1.19 9.04 -14.44
N CYS C 169 -2.00 8.28 -13.72
CA CYS C 169 -3.24 7.78 -14.28
C CYS C 169 -4.21 8.94 -14.51
N PRO C 170 -4.93 8.96 -15.62
CA PRO C 170 -5.90 10.03 -15.88
C PRO C 170 -7.12 9.99 -14.97
N LYS C 171 -7.23 9.01 -14.08
CA LYS C 171 -8.35 8.91 -13.17
C LYS C 171 -8.22 9.85 -11.97
N VAL C 172 -7.10 10.55 -11.84
CA VAL C 172 -6.88 11.46 -10.73
C VAL C 172 -6.77 12.89 -11.26
N THR C 173 -6.95 13.85 -10.36
CA THR C 173 -6.88 15.26 -10.71
C THR C 173 -6.07 16.00 -9.65
N PHE C 174 -5.49 17.12 -10.06
CA PHE C 174 -4.64 17.94 -9.19
C PHE C 174 -5.35 19.23 -8.77
N ASP C 175 -6.65 19.17 -8.57
CA ASP C 175 -7.38 20.35 -8.16
C ASP C 175 -7.01 20.74 -6.73
N PRO C 176 -6.44 21.92 -6.51
CA PRO C 176 -6.11 22.32 -5.14
C PRO C 176 -7.35 22.67 -4.32
N ILE C 177 -7.71 21.79 -3.40
CA ILE C 177 -8.86 22.00 -2.54
C ILE C 177 -8.37 22.32 -1.13
N PRO C 178 -9.06 23.19 -0.40
CA PRO C 178 -8.55 23.60 0.91
C PRO C 178 -8.65 22.48 1.93
N ILE C 179 -7.60 22.35 2.73
CA ILE C 179 -7.56 21.37 3.81
C ILE C 179 -7.26 22.10 5.11
N HIS C 180 -7.75 21.54 6.20
CA HIS C 180 -7.55 22.10 7.54
C HIS C 180 -6.65 21.17 8.34
N TYR C 181 -5.48 21.67 8.73
CA TYR C 181 -4.57 20.90 9.58
C TYR C 181 -5.04 21.06 11.02
N CYS C 182 -5.63 20.01 11.58
CA CYS C 182 -6.25 20.07 12.90
C CYS C 182 -5.48 19.20 13.89
N ALA C 183 -5.30 19.72 15.13
CA ALA C 183 -4.53 19.16 16.23
C ALA C 183 -5.38 18.20 17.06
N PRO C 184 -4.77 17.18 17.65
CA PRO C 184 -5.55 16.20 18.43
C PRO C 184 -6.13 16.80 19.70
N ALA C 185 -6.93 16.01 20.42
CA ALA C 185 -7.51 16.47 21.66
C ALA C 185 -6.43 16.66 22.71
N GLY C 186 -6.47 17.80 23.40
CA GLY C 186 -5.46 18.15 24.36
C GLY C 186 -4.47 19.20 23.89
N TYR C 187 -4.55 19.61 22.62
CA TYR C 187 -3.70 20.63 22.06
C TYR C 187 -4.54 21.76 21.50
N ALA C 188 -3.93 22.92 21.35
CA ALA C 188 -4.62 24.11 20.84
C ALA C 188 -3.70 24.84 19.89
N ILE C 189 -4.20 25.13 18.69
CA ILE C 189 -3.44 25.85 17.68
C ILE C 189 -3.75 27.34 17.83
N LEU C 190 -2.79 28.09 18.34
CA LEU C 190 -2.99 29.53 18.51
C LEU C 190 -3.08 30.21 17.15
N LYS C 191 -3.62 31.43 17.16
CA LYS C 191 -3.82 32.19 15.94
C LYS C 191 -3.69 33.67 16.26
N CYS C 192 -2.97 34.40 15.42
CA CYS C 192 -2.77 35.82 15.62
C CYS C 192 -3.86 36.63 14.90
N ASN C 193 -4.05 37.87 15.37
CA ASN C 193 -4.99 38.78 14.74
C ASN C 193 -4.43 40.18 14.55
N ASN C 194 -3.16 40.41 14.87
CA ASN C 194 -2.55 41.70 14.62
C ASN C 194 -2.44 41.95 13.12
N LYS C 195 -2.92 43.11 12.67
CA LYS C 195 -3.00 43.37 11.23
C LYS C 195 -1.61 43.57 10.63
N THR C 196 -0.77 44.38 11.27
CA THR C 196 0.56 44.69 10.76
C THR C 196 1.62 43.75 11.31
N PHE C 197 1.26 42.52 11.65
CA PHE C 197 2.19 41.56 12.22
C PHE C 197 3.09 41.00 11.13
N ASN C 198 4.39 41.27 11.25
CA ASN C 198 5.37 40.73 10.33
C ASN C 198 5.70 39.30 10.72
N GLY C 199 6.78 38.75 10.16
CA GLY C 199 7.18 37.38 10.43
C GLY C 199 7.27 37.01 11.90
N THR C 200 8.19 37.62 12.62
CA THR C 200 8.38 37.37 14.04
C THR C 200 7.87 38.55 14.86
N GLY C 201 7.66 38.31 16.14
CA GLY C 201 7.22 39.35 17.05
C GLY C 201 6.01 38.94 17.87
N PRO C 202 5.76 39.66 18.97
CA PRO C 202 4.62 39.34 19.83
C PRO C 202 3.32 39.88 19.25
N CYS C 203 2.29 39.03 19.22
CA CYS C 203 0.96 39.43 18.78
C CYS C 203 0.15 39.88 20.00
N ASN C 204 -0.31 41.12 19.96
CA ASN C 204 -1.04 41.69 21.09
C ASN C 204 -2.52 41.36 21.08
N ASN C 205 -3.01 40.65 20.06
CA ASN C 205 -4.41 40.28 19.97
C ASN C 205 -4.54 38.82 19.56
N VAL C 206 -3.78 37.95 20.22
CA VAL C 206 -3.82 36.53 19.89
C VAL C 206 -5.16 35.94 20.30
N SER C 207 -5.68 35.03 19.48
CA SER C 207 -6.95 34.37 19.75
C SER C 207 -6.81 32.90 19.40
N THR C 208 -7.13 32.03 20.34
CA THR C 208 -7.00 30.60 20.12
C THR C 208 -8.08 30.09 19.18
N VAL C 209 -7.83 28.92 18.60
CA VAL C 209 -8.76 28.27 17.69
C VAL C 209 -8.44 26.79 17.70
N GLN C 210 -9.42 25.96 17.34
CA GLN C 210 -9.18 24.52 17.31
C GLN C 210 -8.18 24.16 16.23
N CYS C 211 -8.35 24.69 15.03
CA CYS C 211 -7.42 24.46 13.93
C CYS C 211 -7.64 25.51 12.86
N THR C 212 -6.78 25.48 11.83
CA THR C 212 -6.62 26.58 10.89
C THR C 212 -7.79 26.64 9.92
N HIS C 213 -7.73 27.62 9.02
CA HIS C 213 -8.73 27.80 7.98
C HIS C 213 -8.31 27.05 6.72
N GLY C 214 -8.99 27.32 5.61
CA GLY C 214 -8.69 26.63 4.37
C GLY C 214 -7.31 26.99 3.85
N ILE C 215 -6.58 25.97 3.40
CA ILE C 215 -5.23 26.12 2.87
C ILE C 215 -5.19 25.40 1.53
N LYS C 216 -5.05 26.15 0.45
CA LYS C 216 -4.98 25.55 -0.88
C LYS C 216 -3.55 25.11 -1.16
N PRO C 217 -3.28 23.83 -1.38
CA PRO C 217 -1.90 23.36 -1.64
C PRO C 217 -1.46 23.61 -3.08
N VAL C 218 -1.17 24.86 -3.38
CA VAL C 218 -0.73 25.25 -4.71
C VAL C 218 0.79 25.26 -4.75
N VAL C 219 1.35 25.12 -5.95
CA VAL C 219 2.79 25.10 -6.16
C VAL C 219 3.15 26.18 -7.15
N SER C 220 4.02 27.10 -6.74
CA SER C 220 4.50 28.16 -7.61
C SER C 220 5.92 28.52 -7.19
N THR C 221 6.62 29.24 -8.07
CA THR C 221 8.03 29.54 -7.85
C THR C 221 8.35 31.02 -7.79
N GLN C 222 7.64 31.87 -8.51
CA GLN C 222 7.94 33.30 -8.52
C GLN C 222 6.80 34.17 -8.02
N LEU C 223 5.57 33.89 -8.44
CA LEU C 223 4.40 34.65 -8.02
C LEU C 223 3.42 33.72 -7.33
N LEU C 224 2.99 34.10 -6.14
CA LEU C 224 2.07 33.26 -5.38
C LEU C 224 0.69 33.26 -6.02
N LEU C 225 0.10 32.07 -6.13
CA LEU C 225 -1.21 31.90 -6.72
C LEU C 225 -2.28 32.02 -5.64
N ASN C 226 -3.49 31.52 -5.91
CA ASN C 226 -4.64 31.66 -5.02
C ASN C 226 -4.24 31.52 -3.55
N GLY C 227 -4.65 32.51 -2.76
CA GLY C 227 -4.29 32.50 -1.35
C GLY C 227 -4.98 33.65 -0.63
N SER C 228 -4.73 33.70 0.68
CA SER C 228 -5.35 34.72 1.52
C SER C 228 -4.66 36.07 1.32
N LEU C 229 -5.47 37.13 1.36
CA LEU C 229 -4.97 38.49 1.19
C LEU C 229 -4.82 39.17 2.55
N ALA C 230 -3.89 40.12 2.62
CA ALA C 230 -3.73 40.90 3.83
C ALA C 230 -4.92 41.83 4.03
N GLU C 231 -5.13 42.22 5.28
CA GLU C 231 -6.30 43.04 5.63
C GLU C 231 -6.03 44.53 5.47
N GLU C 232 -5.02 45.05 6.17
CA GLU C 232 -4.81 46.49 6.22
C GLU C 232 -3.86 46.96 5.13
N GLU C 233 -2.63 46.47 5.12
CA GLU C 233 -1.60 46.99 4.22
C GLU C 233 -0.70 45.85 3.77
N ILE C 234 0.30 46.20 2.96
CA ILE C 234 1.28 45.25 2.46
C ILE C 234 2.24 44.89 3.58
N ILE C 235 2.49 43.59 3.76
CA ILE C 235 3.40 43.08 4.78
C ILE C 235 4.65 42.57 4.08
N ILE C 236 5.82 42.92 4.61
CA ILE C 236 7.09 42.45 4.07
C ILE C 236 7.74 41.51 5.07
N ARG C 237 7.50 40.22 4.92
CA ARG C 237 8.00 39.23 5.86
C ARG C 237 9.36 38.70 5.42
N SER C 238 10.26 38.56 6.38
CA SER C 238 11.61 38.06 6.10
C SER C 238 12.23 37.61 7.40
N GLU C 239 13.27 36.77 7.27
CA GLU C 239 14.01 36.31 8.43
C GLU C 239 15.14 37.28 8.80
N ASN C 240 15.79 37.86 7.79
CA ASN C 240 16.85 38.85 8.02
C ASN C 240 16.90 39.72 6.78
N LEU C 241 16.32 40.91 6.87
CA LEU C 241 16.25 41.80 5.70
C LEU C 241 17.62 42.24 5.25
N THR C 242 18.56 42.39 6.17
CA THR C 242 19.92 42.81 5.84
C THR C 242 20.81 41.66 5.37
N ASP C 243 20.22 40.49 5.11
CA ASP C 243 20.98 39.34 4.64
C ASP C 243 21.05 39.37 3.12
N ASN C 244 21.53 38.28 2.52
CA ASN C 244 21.67 38.19 1.07
C ASN C 244 21.13 36.91 0.48
N VAL C 245 20.80 35.91 1.29
CA VAL C 245 20.31 34.62 0.81
C VAL C 245 18.85 34.40 1.16
N LYS C 246 18.42 34.87 2.33
CA LYS C 246 17.04 34.65 2.78
C LYS C 246 16.06 35.34 1.84
N THR C 247 15.06 34.58 1.38
CA THR C 247 14.07 35.12 0.48
C THR C 247 13.15 36.09 1.21
N ILE C 248 12.69 37.10 0.47
CA ILE C 248 11.83 38.14 1.00
C ILE C 248 10.41 37.85 0.52
N ILE C 249 9.58 37.33 1.42
CA ILE C 249 8.18 37.07 1.09
C ILE C 249 7.41 38.38 1.18
N VAL C 250 6.86 38.83 0.06
CA VAL C 250 6.06 40.03 0.01
C VAL C 250 4.59 39.62 -0.10
N HIS C 251 3.81 39.93 0.91
CA HIS C 251 2.38 39.63 0.90
C HIS C 251 1.63 40.82 0.32
N LEU C 252 0.57 40.53 -0.43
CA LEU C 252 -0.15 41.54 -1.19
C LEU C 252 -1.56 41.74 -0.64
N ASN C 253 -2.09 42.94 -0.88
CA ASN C 253 -3.50 43.24 -0.71
C ASN C 253 -4.04 43.75 -2.05
N GLU C 254 -5.32 43.52 -2.30
CA GLU C 254 -5.96 43.87 -3.56
C GLU C 254 -5.23 43.19 -4.72
N SER C 255 -5.35 41.86 -4.72
CA SER C 255 -4.60 41.02 -5.64
C SER C 255 -4.88 41.38 -7.10
N VAL C 256 -3.97 40.98 -7.98
CA VAL C 256 -4.06 41.20 -9.41
C VAL C 256 -4.43 39.89 -10.07
N GLU C 257 -5.38 39.94 -11.01
CA GLU C 257 -5.84 38.75 -11.69
C GLU C 257 -4.85 38.32 -12.77
N ILE C 258 -5.01 37.09 -13.24
CA ILE C 258 -4.13 36.52 -14.25
C ILE C 258 -4.89 35.41 -14.98
N THR C 259 -4.77 35.39 -16.30
CA THR C 259 -5.44 34.40 -17.14
C THR C 259 -4.40 33.77 -18.06
N CYS C 260 -4.12 32.49 -17.83
CA CYS C 260 -3.16 31.74 -18.65
C CYS C 260 -3.91 30.72 -19.49
N THR C 261 -3.76 30.81 -20.80
CA THR C 261 -4.54 30.02 -21.74
C THR C 261 -3.62 29.36 -22.77
N ARG C 262 -4.21 28.46 -23.55
CA ARG C 262 -3.58 27.92 -24.75
C ARG C 262 -4.67 27.62 -25.77
N PRO C 263 -4.77 28.39 -26.85
CA PRO C 263 -5.88 28.24 -27.78
C PRO C 263 -5.68 27.10 -28.78
N ASN C 264 -4.72 26.23 -28.53
CA ASN C 264 -4.48 25.08 -29.38
C ASN C 264 -5.24 23.87 -28.85
N ASN C 265 -5.65 23.00 -29.78
CA ASN C 265 -6.30 21.76 -29.41
C ASN C 265 -5.29 20.61 -29.37
N MET C 266 -5.69 19.53 -28.71
CA MET C 266 -4.83 18.37 -28.57
C MET C 266 -5.70 17.12 -28.45
N THR C 267 -5.30 16.06 -29.15
CA THR C 267 -6.03 14.79 -29.14
C THR C 267 -5.12 13.72 -28.56
N ARG C 268 -5.53 13.13 -27.45
CA ARG C 268 -4.76 12.06 -26.84
C ARG C 268 -4.89 10.77 -27.64
N LYS C 269 -3.93 9.88 -27.46
CA LYS C 269 -3.89 8.61 -28.18
C LYS C 269 -3.16 7.59 -27.34
N SER C 270 -3.76 6.41 -27.20
CA SER C 270 -3.19 5.33 -26.41
C SER C 270 -2.31 4.45 -27.29
N VAL C 271 -1.03 4.37 -26.96
CA VAL C 271 -0.08 3.54 -27.68
C VAL C 271 0.39 2.42 -26.77
N ARG C 272 0.78 1.31 -27.37
CA ARG C 272 1.22 0.13 -26.63
C ARG C 272 2.73 0.13 -26.49
N ILE C 273 3.21 -0.09 -25.26
CA ILE C 273 4.64 -0.11 -25.00
C ILE C 273 5.01 -1.39 -24.26
N GLY C 274 4.18 -2.42 -24.38
CA GLY C 274 4.45 -3.68 -23.74
C GLY C 274 3.18 -4.41 -23.35
N PRO C 275 3.33 -5.66 -22.91
CA PRO C 275 2.15 -6.44 -22.52
C PRO C 275 1.48 -5.92 -21.26
N GLY C 276 0.27 -5.38 -21.40
CA GLY C 276 -0.46 -4.87 -20.27
C GLY C 276 -0.11 -3.46 -19.86
N GLN C 277 0.75 -2.77 -20.61
CA GLN C 277 1.15 -1.41 -20.31
C GLN C 277 0.87 -0.52 -21.50
N THR C 278 0.38 0.69 -21.23
CA THR C 278 0.10 1.66 -22.27
C THR C 278 0.09 3.06 -21.67
N PHE C 279 0.46 4.04 -22.49
CA PHE C 279 0.47 5.43 -22.05
C PHE C 279 -0.06 6.31 -23.17
N TYR C 280 -0.59 7.46 -22.79
CA TYR C 280 -1.23 8.37 -23.73
C TYR C 280 -0.23 9.41 -24.20
N ALA C 281 -0.20 9.64 -25.51
CA ALA C 281 0.69 10.61 -26.13
C ALA C 281 -0.14 11.67 -26.85
N LEU C 282 0.53 12.56 -27.56
CA LEU C 282 -0.11 13.64 -28.30
C LEU C 282 -0.32 13.20 -29.74
N GLY C 283 -1.58 13.18 -30.18
CA GLY C 283 -1.90 12.81 -31.54
C GLY C 283 -1.90 14.00 -32.48
N ASP C 284 -3.01 14.22 -33.17
CA ASP C 284 -3.12 15.34 -34.08
C ASP C 284 -3.32 16.64 -33.30
N ILE C 285 -3.25 17.75 -34.03
CA ILE C 285 -3.47 19.09 -33.46
C ILE C 285 -4.45 19.80 -34.36
N ILE C 286 -5.65 20.07 -33.85
CA ILE C 286 -6.67 20.76 -34.63
C ILE C 286 -6.31 22.23 -34.76
N GLY C 287 -6.28 22.74 -35.99
CA GLY C 287 -5.94 24.12 -36.23
C GLY C 287 -4.44 24.36 -36.17
N ASP C 288 -4.08 25.62 -36.40
CA ASP C 288 -2.67 26.01 -36.38
C ASP C 288 -2.18 26.16 -34.94
N ILE C 289 -0.88 26.41 -34.81
CA ILE C 289 -0.22 26.50 -33.52
C ILE C 289 -0.23 27.94 -33.05
N ARG C 290 -0.57 28.15 -31.78
CA ARG C 290 -0.53 29.47 -31.16
C ARG C 290 0.21 29.36 -29.83
N GLN C 291 0.92 30.43 -29.49
CA GLN C 291 1.76 30.42 -28.30
C GLN C 291 0.89 30.44 -27.04
N PRO C 292 1.04 29.47 -26.14
CA PRO C 292 0.33 29.54 -24.85
C PRO C 292 0.92 30.65 -23.99
N HIS C 293 0.07 31.62 -23.63
CA HIS C 293 0.54 32.82 -22.95
C HIS C 293 -0.43 33.20 -21.83
N CYS C 294 0.06 34.05 -20.93
CA CYS C 294 -0.73 34.60 -19.85
C CYS C 294 -1.00 36.07 -20.08
N ASN C 295 -2.00 36.59 -19.37
CA ASN C 295 -2.42 37.98 -19.50
C ASN C 295 -2.45 38.64 -18.13
N ILE C 296 -1.99 39.89 -18.07
CA ILE C 296 -1.93 40.65 -16.83
C ILE C 296 -2.36 42.08 -17.14
N SER C 297 -3.33 42.59 -16.39
CA SER C 297 -3.76 43.97 -16.55
C SER C 297 -2.63 44.90 -16.10
N GLU C 298 -2.11 45.70 -17.04
CA GLU C 298 -0.93 46.50 -16.76
C GLU C 298 -1.22 47.67 -15.84
N ILE C 299 -2.43 48.22 -15.90
CA ILE C 299 -2.75 49.37 -15.05
C ILE C 299 -2.76 48.96 -13.59
N LYS C 300 -3.38 47.81 -13.26
CA LYS C 300 -3.38 47.34 -11.90
C LYS C 300 -2.01 46.84 -11.47
N TRP C 301 -1.24 46.25 -12.39
CA TRP C 301 0.08 45.75 -12.03
C TRP C 301 1.05 46.91 -11.77
N GLU C 302 1.06 47.90 -12.67
CA GLU C 302 1.93 49.07 -12.46
C GLU C 302 1.55 49.80 -11.17
N LYS C 303 0.27 49.80 -10.82
CA LYS C 303 -0.16 50.39 -9.55
C LYS C 303 0.28 49.54 -8.37
N THR C 304 0.57 48.26 -8.58
CA THR C 304 1.02 47.40 -7.50
C THR C 304 2.52 47.53 -7.27
N LEU C 305 3.32 47.44 -8.34
CA LEU C 305 4.76 47.53 -8.21
C LEU C 305 5.19 48.91 -7.72
N GLN C 306 4.38 49.95 -7.97
CA GLN C 306 4.70 51.26 -7.45
C GLN C 306 4.52 51.33 -5.93
N ARG C 307 3.77 50.42 -5.34
CA ARG C 307 3.56 50.39 -3.91
C ARG C 307 4.54 49.45 -3.20
N VAL C 308 4.84 48.30 -3.83
CA VAL C 308 5.85 47.41 -3.25
C VAL C 308 7.22 48.06 -3.29
N SER C 309 7.46 48.92 -4.27
CA SER C 309 8.71 49.66 -4.34
C SER C 309 8.74 50.85 -3.41
N GLU C 310 7.68 51.08 -2.64
CA GLU C 310 7.64 52.17 -1.67
C GLU C 310 7.96 51.73 -0.25
N LYS C 311 7.57 50.51 0.12
CA LYS C 311 7.84 50.02 1.47
C LYS C 311 9.21 49.38 1.60
N LEU C 312 9.72 48.77 0.53
CA LEU C 312 11.09 48.27 0.58
C LEU C 312 12.10 49.40 0.71
N ARG C 313 11.78 50.56 0.14
CA ARG C 313 12.63 51.73 0.34
C ARG C 313 12.60 52.19 1.80
N GLU C 314 11.49 51.98 2.49
CA GLU C 314 11.37 52.40 3.88
C GLU C 314 12.36 51.65 4.78
N HIS C 315 12.61 50.37 4.48
CA HIS C 315 13.50 49.57 5.29
C HIS C 315 14.96 49.66 4.87
N PHE C 316 15.25 50.22 3.69
CA PHE C 316 16.61 50.29 3.19
C PHE C 316 17.15 51.71 3.05
N ASN C 317 16.30 52.73 3.13
CA ASN C 317 16.68 54.14 3.09
C ASN C 317 17.37 54.54 1.78
N LYS C 318 17.37 53.66 0.78
CA LYS C 318 18.00 53.94 -0.51
C LYS C 318 17.08 53.46 -1.62
N THR C 319 17.37 53.93 -2.84
CA THR C 319 16.53 53.58 -3.98
C THR C 319 16.69 52.12 -4.34
N ILE C 320 15.66 51.57 -4.98
CA ILE C 320 15.61 50.16 -5.35
C ILE C 320 15.23 50.03 -6.81
N ILE C 321 15.72 48.96 -7.44
CA ILE C 321 15.40 48.66 -8.84
C ILE C 321 15.12 47.18 -8.96
N PHE C 322 14.22 46.84 -9.88
CA PHE C 322 13.92 45.45 -10.21
C PHE C 322 14.71 45.06 -11.46
N ASN C 323 14.99 43.75 -11.58
CA ASN C 323 15.81 43.27 -12.68
C ASN C 323 15.32 41.89 -13.08
N GLN C 324 15.81 41.43 -14.23
CA GLN C 324 15.47 40.12 -14.74
C GLN C 324 15.95 39.03 -13.79
N SER C 325 15.37 37.83 -13.94
CA SER C 325 15.82 36.68 -13.17
C SER C 325 17.28 36.37 -13.49
N SER C 326 17.91 35.57 -12.61
CA SER C 326 19.32 35.26 -12.76
C SER C 326 19.58 34.51 -14.06
N GLY C 327 19.00 33.33 -14.21
CA GLY C 327 19.17 32.51 -15.39
C GLY C 327 19.59 31.11 -15.01
N GLY C 328 20.26 30.44 -15.94
CA GLY C 328 20.70 29.09 -15.73
C GLY C 328 19.73 28.06 -16.27
N ASP C 329 19.11 27.29 -15.37
CA ASP C 329 18.15 26.28 -15.78
C ASP C 329 16.78 26.93 -15.98
N LEU C 330 15.75 26.10 -16.15
CA LEU C 330 14.40 26.59 -16.38
C LEU C 330 13.44 26.35 -15.23
N GLU C 331 13.71 25.36 -14.38
CA GLU C 331 12.81 25.05 -13.27
C GLU C 331 12.88 26.06 -12.14
N ILE C 332 13.80 27.04 -12.22
CA ILE C 332 13.99 28.02 -11.16
C ILE C 332 13.65 29.42 -11.61
N THR C 333 14.01 29.78 -12.84
CA THR C 333 13.85 31.15 -13.35
C THR C 333 12.62 31.30 -14.22
N THR C 334 11.53 30.60 -13.90
CA THR C 334 10.28 30.73 -14.62
C THR C 334 9.13 30.71 -13.62
N HIS C 335 7.92 30.93 -14.14
CA HIS C 335 6.71 30.89 -13.32
C HIS C 335 6.08 29.50 -13.45
N SER C 336 6.81 28.51 -12.94
CA SER C 336 6.40 27.12 -13.10
C SER C 336 5.22 26.79 -12.21
N PHE C 337 4.00 26.98 -12.72
CA PHE C 337 2.78 26.72 -11.98
C PHE C 337 1.98 25.62 -12.69
N ASN C 338 0.81 25.31 -12.14
CA ASN C 338 -0.06 24.28 -12.66
C ASN C 338 -1.42 24.86 -12.99
N CYS C 339 -2.02 24.38 -14.08
CA CYS C 339 -3.32 24.87 -14.51
C CYS C 339 -3.99 23.81 -15.37
N GLY C 340 -5.10 23.27 -14.91
CA GLY C 340 -5.87 22.31 -15.68
C GLY C 340 -5.33 20.90 -15.67
N GLY C 341 -4.01 20.77 -15.56
CA GLY C 341 -3.38 19.46 -15.60
C GLY C 341 -2.13 19.45 -16.44
N GLU C 342 -1.73 20.61 -16.95
CA GLU C 342 -0.51 20.78 -17.72
C GLU C 342 0.37 21.81 -17.04
N PHE C 343 1.60 21.43 -16.74
CA PHE C 343 2.51 22.31 -16.01
C PHE C 343 3.10 23.35 -16.95
N PHE C 344 2.81 24.62 -16.67
CA PHE C 344 3.31 25.71 -17.49
C PHE C 344 4.69 26.17 -17.01
N TYR C 345 5.41 26.83 -17.92
CA TYR C 345 6.70 27.46 -17.60
C TYR C 345 6.71 28.81 -18.33
N CYS C 346 6.40 29.87 -17.60
CA CYS C 346 6.22 31.19 -18.19
C CYS C 346 7.47 32.04 -18.02
N ASN C 347 7.72 32.89 -19.02
CA ASN C 347 8.88 33.79 -19.01
C ASN C 347 8.45 35.09 -18.34
N THR C 348 8.32 35.04 -17.01
CA THR C 348 7.87 36.19 -16.24
C THR C 348 9.01 37.16 -15.95
N SER C 349 9.71 37.59 -17.00
CA SER C 349 10.83 38.51 -16.85
C SER C 349 10.85 39.46 -18.03
N ASP C 350 11.57 40.57 -17.85
CA ASP C 350 11.75 41.62 -18.84
C ASP C 350 10.44 42.26 -19.28
N LEU C 351 9.33 41.93 -18.62
CA LEU C 351 8.07 42.64 -18.85
C LEU C 351 7.54 43.15 -17.51
N PHE C 352 7.78 42.39 -16.45
CA PHE C 352 7.45 42.82 -15.10
C PHE C 352 8.64 43.46 -14.40
N PHE C 353 9.73 42.71 -14.23
CA PHE C 353 10.89 43.19 -13.50
C PHE C 353 11.98 43.66 -14.48
N ASN C 354 11.74 44.82 -15.07
CA ASN C 354 12.74 45.43 -15.94
C ASN C 354 12.79 46.95 -15.79
N LYS C 355 12.35 47.49 -14.66
CA LYS C 355 12.23 48.94 -14.51
C LYS C 355 12.51 49.33 -13.08
N THR C 356 12.40 50.62 -12.81
CA THR C 356 12.61 51.17 -11.46
C THR C 356 11.41 52.01 -11.05
N PHE C 357 11.50 52.71 -9.92
CA PHE C 357 10.42 53.55 -9.44
C PHE C 357 10.98 54.73 -8.68
N ASN C 358 10.48 55.92 -8.97
CA ASN C 358 10.90 57.14 -8.32
C ASN C 358 9.67 57.98 -7.96
N GLU C 359 9.93 59.09 -7.26
CA GLU C 359 8.89 60.03 -6.86
C GLU C 359 7.78 59.35 -6.07
N SER C 367 -3.55 53.45 -20.19
CA SER C 367 -4.89 53.95 -19.90
C SER C 367 -5.95 52.99 -20.43
N THR C 368 -5.70 52.43 -21.61
CA THR C 368 -6.62 51.49 -22.24
C THR C 368 -6.36 50.05 -21.83
N ASN C 369 -5.70 49.84 -20.69
CA ASN C 369 -5.40 48.51 -20.17
C ASN C 369 -4.60 47.69 -21.18
N SER C 370 -3.40 48.16 -21.48
CA SER C 370 -2.51 47.46 -22.40
C SER C 370 -2.00 46.19 -21.75
N THR C 371 -2.69 45.08 -21.99
CA THR C 371 -2.42 43.85 -21.26
C THR C 371 -1.05 43.30 -21.61
N ILE C 372 -0.28 42.95 -20.58
CA ILE C 372 1.05 42.36 -20.76
C ILE C 372 0.89 40.89 -21.09
N THR C 373 1.56 40.44 -22.15
CA THR C 373 1.51 39.06 -22.59
C THR C 373 2.83 38.36 -22.27
N LEU C 374 2.74 37.19 -21.66
CA LEU C 374 3.94 36.44 -21.26
C LEU C 374 4.03 35.15 -22.07
N PRO C 375 5.02 35.00 -22.94
CA PRO C 375 5.16 33.75 -23.69
C PRO C 375 5.57 32.58 -22.80
N CYS C 376 4.67 31.63 -22.60
CA CYS C 376 4.91 30.49 -21.74
C CYS C 376 5.24 29.26 -22.57
N ARG C 377 5.96 28.32 -21.95
CA ARG C 377 6.31 27.05 -22.56
C ARG C 377 5.80 25.91 -21.69
N ILE C 378 5.26 24.88 -22.31
CA ILE C 378 4.65 23.76 -21.61
C ILE C 378 5.64 22.60 -21.58
N LYS C 379 5.72 21.94 -20.42
CA LYS C 379 6.60 20.80 -20.22
C LYS C 379 5.80 19.68 -19.55
N GLN C 380 6.06 18.44 -19.98
CA GLN C 380 5.32 17.29 -19.48
C GLN C 380 6.08 16.58 -18.35
N ILE C 381 7.30 16.13 -18.65
CA ILE C 381 8.10 15.38 -17.67
C ILE C 381 8.67 16.39 -16.69
N ILE C 382 8.10 16.44 -15.48
CA ILE C 382 8.53 17.36 -14.44
C ILE C 382 9.00 16.55 -13.24
N ASN C 383 10.12 16.96 -12.65
CA ASN C 383 10.65 16.36 -11.43
C ASN C 383 10.58 17.40 -10.33
N MET C 384 9.43 17.46 -9.67
CA MET C 384 9.19 18.47 -8.66
C MET C 384 10.02 18.20 -7.40
N TRP C 385 10.11 19.22 -6.55
CA TRP C 385 10.80 19.15 -5.27
C TRP C 385 12.28 18.79 -5.41
N GLN C 386 12.86 19.08 -6.59
CA GLN C 386 14.27 18.88 -6.91
C GLN C 386 14.83 17.57 -6.35
N GLU C 387 14.03 16.51 -6.37
CA GLU C 387 14.43 15.21 -5.85
C GLU C 387 14.71 14.28 -7.04
N VAL C 388 15.99 14.02 -7.29
CA VAL C 388 16.36 13.10 -8.36
C VAL C 388 16.02 11.68 -7.90
N GLY C 389 15.20 10.99 -8.69
CA GLY C 389 14.76 9.66 -8.33
C GLY C 389 13.32 9.41 -8.71
N ARG C 390 12.53 10.48 -8.83
CA ARG C 390 11.13 10.37 -9.23
C ARG C 390 10.83 11.50 -10.20
N ALA C 391 10.48 11.15 -11.44
CA ALA C 391 10.10 12.10 -12.47
C ALA C 391 8.75 11.70 -13.03
N MET C 392 7.71 12.46 -12.73
CA MET C 392 6.37 12.13 -13.15
C MET C 392 6.13 12.59 -14.59
N TYR C 393 5.15 11.95 -15.23
CA TYR C 393 4.76 12.26 -16.60
C TYR C 393 3.28 12.58 -16.62
N ALA C 394 2.93 13.75 -17.15
CA ALA C 394 1.54 14.18 -17.17
C ALA C 394 0.90 13.86 -18.51
N PRO C 395 -0.25 13.19 -18.54
CA PRO C 395 -0.90 12.91 -19.81
C PRO C 395 -1.43 14.18 -20.43
N PRO C 396 -1.55 14.24 -21.75
CA PRO C 396 -2.07 15.45 -22.39
C PRO C 396 -3.56 15.59 -22.18
N ILE C 397 -3.98 16.81 -21.84
CA ILE C 397 -5.39 17.12 -21.62
C ILE C 397 -6.01 17.55 -22.94
N ALA C 398 -7.06 16.84 -23.35
CA ALA C 398 -7.71 17.15 -24.62
C ALA C 398 -8.45 18.47 -24.55
N GLY C 399 -8.34 19.26 -25.61
CA GLY C 399 -9.02 20.54 -25.67
C GLY C 399 -8.14 21.71 -25.31
N ASN C 400 -8.72 22.74 -24.70
CA ASN C 400 -7.97 23.91 -24.27
C ASN C 400 -8.28 24.18 -22.79
N ILE C 401 -7.26 24.65 -22.08
CA ILE C 401 -7.39 24.94 -20.65
C ILE C 401 -7.36 26.44 -20.44
N THR C 402 -8.07 26.89 -19.41
CA THR C 402 -8.18 28.30 -19.09
C THR C 402 -8.45 28.44 -17.61
N CYS C 403 -7.59 29.18 -16.90
CA CYS C 403 -7.76 29.37 -15.46
C CYS C 403 -7.48 30.83 -15.12
N LYS C 404 -8.51 31.52 -14.65
CA LYS C 404 -8.39 32.90 -14.18
C LYS C 404 -8.04 32.85 -12.70
N SER C 405 -6.76 32.99 -12.38
CA SER C 405 -6.26 32.84 -11.03
C SER C 405 -5.96 34.19 -10.39
N ASN C 406 -5.61 34.15 -9.11
CA ASN C 406 -5.25 35.32 -8.34
C ASN C 406 -3.75 35.32 -8.06
N ILE C 407 -3.19 36.51 -7.92
CA ILE C 407 -1.78 36.68 -7.59
C ILE C 407 -1.73 37.42 -6.26
N THR C 408 -1.57 36.66 -5.18
CA THR C 408 -1.53 37.20 -3.82
C THR C 408 -0.15 36.91 -3.24
N GLY C 409 0.80 37.79 -3.51
CA GLY C 409 2.14 37.63 -2.96
C GLY C 409 3.22 37.35 -4.00
N LEU C 410 4.43 37.81 -3.72
CA LEU C 410 5.57 37.59 -4.60
C LEU C 410 6.76 37.10 -3.78
N LEU C 411 7.82 36.70 -4.48
CA LEU C 411 9.05 36.25 -3.86
C LEU C 411 10.21 37.02 -4.47
N LEU C 412 10.94 37.76 -3.64
CA LEU C 412 12.03 38.60 -4.09
C LEU C 412 13.29 38.27 -3.32
N THR C 413 14.44 38.45 -3.98
CA THR C 413 15.75 38.27 -3.36
C THR C 413 16.63 39.45 -3.73
N ARG C 414 17.69 39.64 -2.93
CA ARG C 414 18.62 40.74 -3.13
C ARG C 414 19.85 40.27 -3.88
N ASP C 415 20.77 41.21 -4.13
CA ASP C 415 22.03 40.90 -4.80
C ASP C 415 23.24 41.19 -3.92
N GLY C 416 23.29 42.35 -3.28
CA GLY C 416 24.41 42.69 -2.41
C GLY C 416 25.16 43.92 -2.83
N GLY C 417 24.50 44.82 -3.55
CA GLY C 417 25.15 46.05 -3.98
C GLY C 417 25.40 46.98 -2.81
N GLY C 418 26.54 47.67 -2.86
CA GLY C 418 26.92 48.60 -1.82
C GLY C 418 27.24 47.93 -0.49
N THR C 422 23.88 54.21 -3.75
CA THR C 422 23.76 52.89 -4.36
C THR C 422 22.31 52.58 -4.71
N LYS C 423 22.04 51.30 -4.98
CA LYS C 423 20.69 50.86 -5.33
C LYS C 423 20.61 49.35 -5.12
N GLU C 424 19.57 48.90 -4.41
CA GLU C 424 19.39 47.50 -4.10
C GLU C 424 18.65 46.82 -5.24
N THR C 425 19.36 46.03 -6.03
CA THR C 425 18.76 45.32 -7.15
C THR C 425 17.97 44.11 -6.65
N PHE C 426 16.70 44.04 -7.00
CA PHE C 426 15.83 42.96 -6.58
C PHE C 426 15.54 42.03 -7.75
N ARG C 427 15.57 40.73 -7.49
CA ARG C 427 15.29 39.73 -8.50
C ARG C 427 14.26 38.74 -7.98
N PRO C 428 13.27 38.37 -8.80
CA PRO C 428 12.28 37.39 -8.36
C PRO C 428 12.83 35.98 -8.41
N GLY C 429 12.16 35.10 -7.67
CA GLY C 429 12.58 33.71 -7.60
C GLY C 429 12.72 33.22 -6.17
N GLY C 430 12.07 32.09 -5.87
CA GLY C 430 12.10 31.54 -4.53
C GLY C 430 13.44 30.87 -4.22
N GLY C 431 13.54 30.41 -2.98
CA GLY C 431 14.74 29.73 -2.53
C GLY C 431 14.47 28.30 -2.12
N ASN C 432 13.21 27.96 -1.93
CA ASN C 432 12.82 26.60 -1.55
C ASN C 432 11.37 26.38 -1.96
N MET C 433 10.92 25.14 -1.85
CA MET C 433 9.54 24.82 -2.13
C MET C 433 8.64 24.94 -0.90
N ARG C 434 9.22 24.94 0.29
CA ARG C 434 8.46 25.17 1.52
C ARG C 434 8.11 26.64 1.73
N ASP C 435 8.66 27.53 0.92
CA ASP C 435 8.42 28.96 1.10
C ASP C 435 6.98 29.34 0.77
N ASN C 436 6.29 28.57 -0.07
CA ASN C 436 4.91 28.89 -0.41
C ASN C 436 4.00 28.77 0.80
N TRP C 437 4.16 27.69 1.57
CA TRP C 437 3.28 27.45 2.71
C TRP C 437 3.64 28.29 3.93
N ARG C 438 4.76 29.00 3.90
CA ARG C 438 5.10 29.91 4.98
C ARG C 438 4.38 31.25 4.88
N SER C 439 3.53 31.43 3.87
CA SER C 439 2.70 32.62 3.76
C SER C 439 1.27 32.38 4.23
N GLU C 440 0.81 31.14 4.22
CA GLU C 440 -0.50 30.80 4.76
C GLU C 440 -0.44 30.36 6.22
N LEU C 441 0.72 29.89 6.68
CA LEU C 441 0.91 29.48 8.06
C LEU C 441 1.71 30.50 8.86
N TYR C 442 1.53 31.79 8.58
CA TYR C 442 2.28 32.85 9.24
C TYR C 442 1.59 33.37 10.49
N LYS C 443 0.40 32.86 10.81
CA LYS C 443 -0.33 33.29 12.00
C LYS C 443 -0.88 32.08 12.74
N TYR C 444 -0.08 31.04 12.88
CA TYR C 444 -0.49 29.83 13.57
C TYR C 444 0.67 29.28 14.39
N LYS C 445 0.33 28.60 15.47
CA LYS C 445 1.33 28.03 16.38
C LYS C 445 0.64 26.96 17.22
N VAL C 446 1.28 25.80 17.34
CA VAL C 446 0.73 24.67 18.08
C VAL C 446 1.31 24.66 19.49
N VAL C 447 0.43 24.55 20.49
CA VAL C 447 0.84 24.47 21.89
C VAL C 447 -0.02 23.42 22.58
N GLU C 448 0.51 22.89 23.68
CA GLU C 448 -0.20 21.94 24.51
C GLU C 448 -0.56 22.60 25.85
N VAL C 449 -1.69 22.22 26.40
CA VAL C 449 -2.19 22.80 27.63
C VAL C 449 -1.77 21.92 28.81
N LYS C 450 -1.48 22.56 29.93
CA LYS C 450 -1.15 21.88 31.19
C LYS C 450 -2.22 22.25 32.20
N PRO C 451 -3.36 21.55 32.20
CA PRO C 451 -4.50 21.95 33.03
C PRO C 451 -4.28 21.78 34.52
N LEU C 452 -3.15 21.21 34.96
CA LEU C 452 -2.89 21.02 36.38
C LEU C 452 -2.19 22.26 36.93
N GLY C 453 -2.79 22.85 37.95
CA GLY C 453 -2.21 24.02 38.59
C GLY C 453 -2.00 23.85 40.07
N ILE C 454 -1.17 24.69 40.67
CA ILE C 454 -0.86 24.63 42.10
C ILE C 454 -0.82 26.04 42.64
N ALA C 455 -1.58 26.30 43.72
CA ALA C 455 -1.63 27.61 44.33
C ALA C 455 -1.91 27.44 45.82
N PRO C 456 -1.38 28.31 46.67
CA PRO C 456 -1.64 28.19 48.10
C PRO C 456 -2.95 28.85 48.50
N THR C 457 -3.55 28.32 49.57
CA THR C 457 -4.78 28.86 50.12
C THR C 457 -4.85 28.52 51.60
N GLU C 458 -5.97 28.86 52.23
CA GLU C 458 -6.20 28.63 53.65
C GLU C 458 -7.12 27.45 53.89
N CYS C 459 -6.96 26.37 53.11
CA CYS C 459 -7.84 25.21 53.19
C CYS C 459 -7.01 23.94 53.12
N ASN C 460 -7.24 23.03 54.08
CA ASN C 460 -6.64 21.71 54.08
C ASN C 460 -7.75 20.67 53.92
N ARG C 461 -7.36 19.40 53.92
CA ARG C 461 -8.30 18.31 53.66
C ARG C 461 -9.10 17.91 54.90
N THR C 462 -9.15 18.76 55.93
CA THR C 462 -9.97 18.51 57.12
C THR C 462 -11.02 19.61 57.17
N VAL C 463 -12.23 19.29 56.72
CA VAL C 463 -13.33 20.25 56.71
C VAL C 463 -14.50 19.72 57.50
N VAL D 2 15.31 2.93 -64.05
CA VAL D 2 14.79 1.56 -64.01
C VAL D 2 15.08 0.84 -65.32
N GLN D 3 15.16 -0.49 -65.27
CA GLN D 3 15.44 -1.29 -66.45
C GLN D 3 15.06 -2.73 -66.17
N LEU D 4 14.28 -3.32 -67.07
CA LEU D 4 13.87 -4.72 -66.98
C LEU D 4 14.29 -5.43 -68.26
N VAL D 5 15.11 -6.47 -68.10
CA VAL D 5 15.60 -7.26 -69.24
C VAL D 5 15.12 -8.69 -69.07
N GLU D 6 14.69 -9.29 -70.18
CA GLU D 6 14.18 -10.65 -70.19
C GLU D 6 15.18 -11.59 -70.85
N SER D 7 15.04 -12.87 -70.55
CA SER D 7 15.92 -13.89 -71.10
C SER D 7 15.12 -15.17 -71.31
N GLY D 8 15.73 -16.11 -72.04
CA GLY D 8 15.12 -17.39 -72.33
C GLY D 8 14.42 -17.47 -73.67
N GLY D 9 14.35 -16.37 -74.42
CA GLY D 9 13.69 -16.38 -75.70
C GLY D 9 14.53 -16.97 -76.81
N GLY D 10 13.90 -17.13 -77.96
CA GLY D 10 14.56 -17.68 -79.12
C GLY D 10 13.59 -18.50 -79.95
N VAL D 11 14.13 -19.24 -80.90
CA VAL D 11 13.34 -20.11 -81.77
C VAL D 11 13.16 -21.45 -81.08
N VAL D 12 11.93 -21.96 -81.11
CA VAL D 12 11.60 -23.23 -80.47
C VAL D 12 10.82 -24.10 -81.45
N GLN D 13 10.76 -25.39 -81.14
CA GLN D 13 10.06 -26.37 -81.95
C GLN D 13 8.76 -26.79 -81.26
N PRO D 14 7.76 -27.23 -82.02
CA PRO D 14 6.50 -27.66 -81.40
C PRO D 14 6.69 -28.89 -80.52
N GLY D 15 6.14 -28.83 -79.31
CA GLY D 15 6.20 -29.93 -78.38
C GLY D 15 7.38 -29.90 -77.42
N THR D 16 8.31 -28.96 -77.58
CA THR D 16 9.48 -28.87 -76.72
C THR D 16 9.15 -28.03 -75.48
N SER D 17 10.17 -27.71 -74.70
CA SER D 17 10.01 -26.92 -73.49
C SER D 17 10.95 -25.73 -73.53
N LEU D 18 10.66 -24.74 -72.67
CA LEU D 18 11.48 -23.54 -72.59
C LEU D 18 11.23 -22.88 -71.24
N ARG D 19 12.26 -22.20 -70.73
CA ARG D 19 12.18 -21.50 -69.46
C ARG D 19 12.63 -20.06 -69.66
N LEU D 20 11.72 -19.13 -69.41
CA LEU D 20 12.03 -17.71 -69.57
C LEU D 20 12.60 -17.14 -68.28
N SER D 21 13.38 -16.07 -68.42
CA SER D 21 13.98 -15.38 -67.30
C SER D 21 13.73 -13.88 -67.42
N CYS D 22 13.69 -13.20 -66.28
CA CYS D 22 13.45 -11.76 -66.25
C CYS D 22 14.30 -11.17 -65.13
N ALA D 23 15.43 -10.57 -65.49
CA ALA D 23 16.32 -9.98 -64.51
C ALA D 23 15.78 -8.61 -64.09
N ALA D 24 15.72 -8.39 -62.78
CA ALA D 24 15.20 -7.16 -62.21
C ALA D 24 16.33 -6.35 -61.58
N SER D 25 16.23 -5.03 -61.67
CA SER D 25 17.25 -4.14 -61.11
C SER D 25 16.64 -2.77 -60.91
N GLN D 26 17.41 -1.90 -60.23
CA GLN D 26 17.02 -0.53 -59.90
C GLN D 26 15.83 -0.46 -58.95
N PHE D 27 15.51 -1.56 -58.26
CA PHE D 27 14.46 -1.54 -57.26
C PHE D 27 14.63 -2.76 -56.35
N ARG D 28 13.86 -2.78 -55.27
CA ARG D 28 13.92 -3.87 -54.31
C ARG D 28 13.18 -5.07 -54.87
N PHE D 29 13.94 -6.13 -55.20
CA PHE D 29 13.35 -7.30 -55.85
C PHE D 29 12.32 -7.97 -54.96
N ASP D 30 12.65 -8.19 -53.69
CA ASP D 30 11.76 -8.89 -52.78
C ASP D 30 10.63 -8.03 -52.24
N GLY D 31 10.39 -6.85 -52.83
CA GLY D 31 9.38 -5.96 -52.32
C GLY D 31 8.26 -5.65 -53.29
N TYR D 32 8.20 -6.36 -54.42
CA TYR D 32 7.18 -6.11 -55.41
C TYR D 32 6.79 -7.41 -56.09
N GLY D 33 5.53 -7.49 -56.52
CA GLY D 33 5.08 -8.63 -57.29
C GLY D 33 5.35 -8.47 -58.78
N MET D 34 5.31 -9.58 -59.49
CA MET D 34 5.59 -9.60 -60.91
C MET D 34 4.45 -10.28 -61.65
N HIS D 35 4.26 -9.87 -62.91
CA HIS D 35 3.23 -10.43 -63.78
C HIS D 35 3.83 -10.76 -65.13
N TRP D 36 3.25 -11.76 -65.80
CA TRP D 36 3.68 -12.17 -67.13
C TRP D 36 2.50 -12.04 -68.09
N VAL D 37 2.72 -11.36 -69.21
CA VAL D 37 1.68 -11.08 -70.18
C VAL D 37 2.12 -11.57 -71.55
N ARG D 38 1.17 -11.56 -72.49
CA ARG D 38 1.45 -11.94 -73.87
C ARG D 38 0.39 -11.31 -74.77
N GLN D 39 0.80 -10.92 -75.97
CA GLN D 39 -0.10 -10.27 -76.93
C GLN D 39 0.20 -10.82 -78.31
N ALA D 40 -0.76 -11.52 -78.90
CA ALA D 40 -0.58 -12.04 -80.25
C ALA D 40 -0.52 -10.89 -81.25
N PRO D 41 0.22 -11.05 -82.34
CA PRO D 41 0.29 -9.99 -83.37
C PRO D 41 -1.09 -9.72 -83.96
N GLY D 42 -1.55 -8.49 -83.80
CA GLY D 42 -2.87 -8.10 -84.24
C GLY D 42 -3.96 -8.28 -83.21
N LYS D 43 -3.64 -8.81 -82.04
CA LYS D 43 -4.60 -9.06 -80.98
C LYS D 43 -4.24 -8.23 -79.75
N GLY D 44 -4.94 -8.47 -78.65
CA GLY D 44 -4.71 -7.77 -77.41
C GLY D 44 -3.81 -8.54 -76.46
N LEU D 45 -3.58 -7.94 -75.30
CA LEU D 45 -2.74 -8.54 -74.28
C LEU D 45 -3.49 -9.68 -73.59
N GLU D 46 -2.75 -10.47 -72.80
CA GLU D 46 -3.34 -11.61 -72.11
C GLU D 46 -2.42 -12.01 -70.96
N TRP D 47 -3.00 -12.15 -69.77
CA TRP D 47 -2.22 -12.55 -68.60
C TRP D 47 -1.78 -14.00 -68.73
N VAL D 48 -0.60 -14.29 -68.18
CA VAL D 48 -0.01 -15.62 -68.20
C VAL D 48 0.11 -16.20 -66.80
N ALA D 49 0.75 -15.46 -65.89
CA ALA D 49 0.94 -15.93 -64.52
C ALA D 49 1.09 -14.72 -63.60
N SER D 50 1.06 -14.99 -62.30
CA SER D 50 1.21 -13.95 -61.30
C SER D 50 1.81 -14.57 -60.05
N ILE D 51 2.79 -13.88 -59.45
CA ILE D 51 3.49 -14.37 -58.27
C ILE D 51 3.59 -13.24 -57.26
N SER D 52 3.70 -13.61 -55.99
CA SER D 52 3.84 -12.65 -54.90
C SER D 52 5.32 -12.29 -54.73
N HIS D 53 5.64 -11.57 -53.67
CA HIS D 53 7.02 -11.16 -53.43
C HIS D 53 7.87 -12.31 -52.91
N ASP D 54 7.27 -13.26 -52.20
CA ASP D 54 7.99 -14.40 -51.66
C ASP D 54 7.77 -15.69 -52.42
N GLY D 55 6.77 -15.74 -53.30
CA GLY D 55 6.51 -16.92 -54.09
C GLY D 55 5.62 -17.96 -53.45
N ILE D 56 4.97 -17.63 -52.33
CA ILE D 56 4.09 -18.60 -51.68
C ILE D 56 2.72 -18.66 -52.33
N LYS D 57 2.38 -17.68 -53.16
CA LYS D 57 1.10 -17.64 -53.87
C LYS D 57 1.37 -17.59 -55.37
N LYS D 58 0.87 -18.58 -56.09
CA LYS D 58 1.05 -18.66 -57.53
C LYS D 58 -0.31 -18.79 -58.21
N TYR D 59 -0.50 -18.03 -59.29
CA TYR D 59 -1.75 -18.04 -60.03
C TYR D 59 -1.45 -18.02 -61.52
N HIS D 60 -2.20 -18.82 -62.29
CA HIS D 60 -1.99 -18.92 -63.72
C HIS D 60 -3.31 -18.81 -64.47
N ALA D 61 -3.29 -19.08 -65.77
CA ALA D 61 -4.49 -19.07 -66.59
C ALA D 61 -5.16 -20.44 -66.57
N GLU D 62 -6.42 -20.47 -67.03
CA GLU D 62 -7.18 -21.71 -67.01
C GLU D 62 -6.67 -22.70 -68.05
N LYS D 63 -6.11 -22.21 -69.16
CA LYS D 63 -5.71 -23.06 -70.26
C LYS D 63 -4.33 -23.68 -70.08
N VAL D 64 -3.56 -23.26 -69.06
CA VAL D 64 -2.19 -23.72 -68.90
C VAL D 64 -1.99 -24.32 -67.52
N TRP D 65 -3.06 -24.86 -66.94
CA TRP D 65 -2.95 -25.51 -65.63
C TRP D 65 -2.15 -26.79 -65.73
N GLY D 66 -1.17 -26.94 -64.85
CA GLY D 66 -0.34 -28.12 -64.81
C GLY D 66 0.89 -28.08 -65.68
N ARG D 67 0.90 -27.25 -66.73
CA ARG D 67 2.04 -27.14 -67.64
C ARG D 67 2.89 -25.91 -67.43
N PHE D 68 2.28 -24.78 -67.06
CA PHE D 68 2.99 -23.52 -66.87
C PHE D 68 3.18 -23.27 -65.38
N THR D 69 4.41 -22.93 -64.99
CA THR D 69 4.73 -22.61 -63.60
C THR D 69 5.55 -21.33 -63.56
N ILE D 70 5.60 -20.73 -62.37
CA ILE D 70 6.31 -19.47 -62.15
C ILE D 70 6.93 -19.50 -60.76
N SER D 71 8.15 -18.99 -60.65
CA SER D 71 8.84 -18.93 -59.38
C SER D 71 9.90 -17.85 -59.44
N ARG D 72 10.27 -17.34 -58.27
CA ARG D 72 11.29 -16.31 -58.15
C ARG D 72 12.35 -16.77 -57.15
N ASP D 73 13.41 -15.96 -57.04
CA ASP D 73 14.55 -16.29 -56.20
C ASP D 73 15.12 -15.02 -55.59
N ASN D 74 15.21 -15.00 -54.26
CA ASN D 74 15.67 -13.80 -53.57
C ASN D 74 17.18 -13.60 -53.70
N SER D 75 17.94 -14.65 -54.04
CA SER D 75 19.38 -14.54 -54.12
C SER D 75 19.89 -14.26 -55.53
N LYS D 76 19.07 -14.50 -56.55
CA LYS D 76 19.48 -14.25 -57.94
C LYS D 76 18.57 -13.28 -58.68
N ASN D 77 17.39 -12.96 -58.14
CA ASN D 77 16.54 -11.89 -58.66
C ASN D 77 16.15 -12.10 -60.12
N THR D 78 15.42 -13.18 -60.37
CA THR D 78 14.88 -13.43 -61.70
C THR D 78 13.58 -14.20 -61.57
N LEU D 79 12.79 -14.17 -62.64
CA LEU D 79 11.49 -14.84 -62.69
C LEU D 79 11.54 -15.95 -63.73
N TYR D 80 11.13 -17.15 -63.32
CA TYR D 80 11.13 -18.31 -64.19
C TYR D 80 9.73 -18.59 -64.69
N LEU D 81 9.64 -19.09 -65.93
CA LEU D 81 8.35 -19.43 -66.53
C LEU D 81 8.59 -20.62 -67.46
N GLN D 82 8.23 -21.81 -67.00
CA GLN D 82 8.37 -23.01 -67.82
C GLN D 82 7.19 -23.12 -68.77
N MET D 83 7.47 -23.16 -70.06
CA MET D 83 6.45 -23.25 -71.11
C MET D 83 6.59 -24.60 -71.80
N ASN D 84 5.60 -25.47 -71.63
CA ASN D 84 5.57 -26.79 -72.23
C ASN D 84 4.44 -26.88 -73.24
N SER D 85 4.59 -27.82 -74.17
CA SER D 85 3.59 -28.09 -75.22
C SER D 85 3.32 -26.83 -76.04
N LEU D 86 4.35 -26.38 -76.74
CA LEU D 86 4.24 -25.17 -77.56
C LEU D 86 3.21 -25.37 -78.66
N ARG D 87 2.34 -24.38 -78.83
CA ARG D 87 1.28 -24.41 -79.82
C ARG D 87 1.40 -23.21 -80.76
N PRO D 88 0.93 -23.36 -82.01
CA PRO D 88 1.06 -22.25 -82.96
C PRO D 88 0.34 -20.98 -82.53
N GLU D 89 -0.66 -21.08 -81.65
CA GLU D 89 -1.37 -19.91 -81.14
C GLU D 89 -0.70 -19.31 -79.91
N ASP D 90 0.53 -19.71 -79.60
CA ASP D 90 1.26 -19.18 -78.45
C ASP D 90 2.22 -18.06 -78.83
N THR D 91 2.49 -17.84 -80.11
CA THR D 91 3.39 -16.79 -80.54
C THR D 91 2.81 -15.43 -80.19
N ALA D 92 3.46 -14.72 -79.25
CA ALA D 92 2.92 -13.46 -78.76
C ALA D 92 4.08 -12.61 -78.23
N LEU D 93 3.76 -11.38 -77.84
CA LEU D 93 4.74 -10.45 -77.28
C LEU D 93 4.77 -10.66 -75.77
N TYR D 94 5.68 -11.51 -75.32
CA TYR D 94 5.81 -11.85 -73.91
C TYR D 94 6.67 -10.82 -73.20
N TYR D 95 6.09 -10.11 -72.23
CA TYR D 95 6.77 -9.09 -71.47
C TYR D 95 6.85 -9.49 -70.01
N CYS D 96 7.63 -8.72 -69.24
CA CYS D 96 7.81 -8.94 -67.82
C CYS D 96 7.29 -7.70 -67.10
N ALA D 97 6.27 -7.88 -66.27
CA ALA D 97 5.62 -6.78 -65.57
C ALA D 97 6.03 -6.75 -64.10
N LYS D 98 5.88 -5.57 -63.50
CA LYS D 98 6.22 -5.34 -62.10
C LYS D 98 5.07 -4.63 -61.41
N ASP D 99 4.66 -5.14 -60.26
CA ASP D 99 3.57 -4.54 -59.52
C ASP D 99 4.04 -3.28 -58.79
N LEU D 100 3.08 -2.51 -58.28
CA LEU D 100 3.37 -1.24 -57.62
C LEU D 100 3.27 -1.33 -56.10
N ARG D 101 2.33 -2.12 -55.58
CA ARG D 101 2.11 -2.19 -54.14
C ARG D 101 3.27 -2.92 -53.48
N GLU D 102 3.97 -2.24 -52.57
CA GLU D 102 5.09 -2.81 -51.84
C GLU D 102 4.61 -3.36 -50.50
N ASP D 103 5.14 -4.52 -50.13
CA ASP D 103 4.77 -5.19 -48.88
C ASP D 103 5.46 -4.47 -47.72
N GLU D 104 4.86 -3.38 -47.28
CA GLU D 104 5.37 -2.64 -46.14
C GLU D 104 5.10 -3.43 -44.86
N CYS D 105 6.15 -3.78 -44.14
CA CYS D 105 6.01 -4.59 -42.94
C CYS D 105 5.47 -3.76 -41.78
N GLU D 106 4.74 -4.42 -40.89
CA GLU D 106 4.17 -3.78 -39.71
C GLU D 106 4.67 -4.34 -38.39
N GLU D 107 5.01 -5.63 -38.32
CA GLU D 107 5.52 -6.25 -37.06
C GLU D 107 6.74 -7.10 -37.33
N TRP D 108 7.91 -6.64 -36.91
CA TRP D 108 9.14 -7.41 -37.03
C TRP D 108 9.31 -8.30 -35.81
N TRP D 109 10.00 -9.43 -36.00
CA TRP D 109 10.39 -10.24 -34.86
C TRP D 109 11.40 -9.47 -34.01
N SER D 110 11.32 -9.65 -32.70
CA SER D 110 12.17 -8.89 -31.81
C SER D 110 12.83 -9.77 -30.77
N ASP D 111 13.54 -9.15 -29.83
CA ASP D 111 14.19 -9.87 -28.76
C ASP D 111 14.34 -8.95 -27.56
N TYS D 112 13.38 -9.04 -26.64
CA TYS D 112 13.42 -8.28 -25.42
CB TYS D 112 12.22 -8.63 -24.54
CG TYS D 112 11.74 -7.47 -23.71
CD1 TYS D 112 11.65 -7.61 -22.33
CD2 TYS D 112 11.35 -6.27 -24.30
CE1 TYS D 112 11.19 -6.56 -21.55
CE2 TYS D 112 10.91 -5.22 -23.50
CZ TYS D 112 10.81 -5.36 -22.13
OH TYS D 112 10.36 -4.29 -21.38
S TYS D 112 10.18 -4.27 -19.84
O1 TYS D 112 10.21 -5.47 -19.04
O2 TYS D 112 11.81 -4.25 -19.71
O3 TYS D 112 10.20 -2.99 -19.16
C TYS D 112 14.73 -8.58 -24.72
O TYS D 112 15.18 -9.73 -24.82
N TYS D 113 15.31 -7.56 -24.08
CA TYS D 113 16.63 -7.61 -23.44
CB TYS D 113 16.97 -8.93 -22.75
CG TYS D 113 15.89 -9.36 -21.77
CD1 TYS D 113 15.75 -10.71 -21.45
CD2 TYS D 113 15.06 -8.42 -21.17
CE1 TYS D 113 14.78 -11.12 -20.55
CE2 TYS D 113 14.09 -8.83 -20.27
CZ TYS D 113 13.95 -10.17 -19.95
OH TYS D 113 12.98 -10.56 -19.06
S TYS D 113 13.13 -10.20 -17.57
O1 TYS D 113 14.39 -11.24 -17.51
O2 TYS D 113 14.08 -9.19 -17.16
O3 TYS D 113 12.51 -11.04 -16.57
C TYS D 113 17.68 -7.32 -24.47
O TYS D 113 18.88 -7.26 -24.12
N ASP D 114 17.28 -7.13 -25.73
CA ASP D 114 18.21 -6.74 -26.78
C ASP D 114 17.69 -5.52 -27.52
N PHE D 115 16.60 -5.71 -28.26
CA PHE D 115 15.89 -4.65 -28.98
C PHE D 115 16.78 -3.94 -30.00
N GLY D 116 17.90 -4.56 -30.38
CA GLY D 116 18.78 -3.96 -31.35
C GLY D 116 19.01 -4.86 -32.56
N LYS D 117 18.84 -6.17 -32.36
CA LYS D 117 19.03 -7.12 -33.45
C LYS D 117 17.89 -6.98 -34.46
N GLN D 118 18.25 -6.89 -35.73
CA GLN D 118 17.27 -6.74 -36.81
C GLN D 118 16.87 -8.13 -37.27
N LEU D 119 15.75 -8.63 -36.74
CA LEU D 119 15.23 -9.93 -37.09
C LEU D 119 14.30 -9.85 -38.29
N PRO D 120 14.01 -10.97 -38.96
CA PRO D 120 13.13 -10.93 -40.13
C PRO D 120 11.72 -10.44 -39.81
N CYS D 121 10.93 -10.19 -40.84
CA CYS D 121 9.58 -9.66 -40.69
C CYS D 121 8.62 -10.76 -40.25
N ALA D 122 7.52 -10.35 -39.63
CA ALA D 122 6.53 -11.28 -39.13
C ALA D 122 5.17 -11.11 -39.79
N LYS D 123 4.63 -9.90 -39.81
CA LYS D 123 3.29 -9.63 -40.35
C LYS D 123 3.37 -8.45 -41.31
N SER D 124 3.42 -8.75 -42.61
CA SER D 124 3.45 -7.75 -43.65
C SER D 124 2.06 -7.58 -44.25
N ARG D 125 1.86 -6.44 -44.92
CA ARG D 125 0.61 -6.13 -45.59
C ARG D 125 0.89 -5.65 -47.00
N GLY D 126 -0.04 -5.95 -47.90
CA GLY D 126 0.10 -5.55 -49.29
C GLY D 126 0.36 -6.71 -50.22
N GLY D 127 -0.57 -6.98 -51.13
CA GLY D 127 -0.42 -8.06 -52.09
C GLY D 127 -0.38 -7.56 -53.52
N LEU D 128 -0.93 -8.35 -54.44
CA LEU D 128 -0.94 -7.96 -55.84
C LEU D 128 -2.13 -7.04 -56.13
N VAL D 129 -1.93 -6.09 -57.04
CA VAL D 129 -2.98 -5.17 -57.44
C VAL D 129 -3.25 -5.20 -58.93
N GLY D 130 -2.42 -5.88 -59.73
CA GLY D 130 -2.64 -5.94 -61.15
C GLY D 130 -2.29 -4.68 -61.91
N ILE D 131 -1.37 -3.88 -61.36
CA ILE D 131 -0.93 -2.64 -61.99
C ILE D 131 0.55 -2.78 -62.31
N ALA D 132 0.90 -2.61 -63.59
CA ALA D 132 2.27 -2.73 -64.06
C ALA D 132 2.80 -1.34 -64.39
N ASP D 133 3.75 -0.87 -63.58
CA ASP D 133 4.36 0.44 -63.81
C ASP D 133 5.63 0.37 -64.63
N ASN D 134 6.28 -0.79 -64.69
CA ASN D 134 7.52 -0.96 -65.44
C ASN D 134 7.35 -2.13 -66.41
N TRP D 135 7.69 -1.89 -67.67
CA TRP D 135 7.59 -2.90 -68.71
C TRP D 135 8.95 -3.04 -69.40
N GLY D 136 9.43 -4.28 -69.52
CA GLY D 136 10.68 -4.55 -70.17
C GLY D 136 10.55 -4.57 -71.69
N GLN D 137 11.63 -4.98 -72.33
CA GLN D 137 11.63 -5.08 -73.79
C GLN D 137 11.01 -6.38 -74.27
N GLY D 138 11.07 -7.43 -73.46
CA GLY D 138 10.45 -8.70 -73.80
C GLY D 138 11.26 -9.49 -74.83
N THR D 139 11.03 -10.80 -74.82
CA THR D 139 11.67 -11.72 -75.76
C THR D 139 10.61 -12.38 -76.62
N MET D 140 10.81 -12.36 -77.93
CA MET D 140 9.84 -12.92 -78.86
C MET D 140 10.07 -14.41 -79.03
N VAL D 141 8.99 -15.19 -78.97
CA VAL D 141 9.05 -16.62 -79.18
C VAL D 141 8.40 -16.94 -80.52
N THR D 142 8.83 -18.05 -81.13
CA THR D 142 8.34 -18.45 -82.43
C THR D 142 8.31 -19.96 -82.52
N VAL D 143 7.15 -20.52 -82.84
CA VAL D 143 6.96 -21.96 -82.98
C VAL D 143 6.37 -22.24 -84.34
N SER D 144 6.85 -23.32 -84.99
CA SER D 144 6.36 -23.69 -86.31
C SER D 144 6.62 -25.18 -86.58
N GLN E 1 -11.95 -17.64 -69.20
CA GLN E 1 -11.86 -17.39 -70.64
C GLN E 1 -12.76 -16.24 -71.07
N SER E 2 -12.93 -15.27 -70.17
CA SER E 2 -13.73 -14.09 -70.48
C SER E 2 -12.96 -13.17 -71.43
N VAL E 3 -13.68 -12.20 -71.98
CA VAL E 3 -13.11 -11.25 -72.93
C VAL E 3 -13.75 -9.89 -72.70
N LEU E 4 -12.99 -8.83 -72.99
CA LEU E 4 -13.45 -7.45 -72.85
C LEU E 4 -13.84 -6.93 -74.23
N THR E 5 -15.12 -6.65 -74.42
CA THR E 5 -15.62 -6.16 -75.69
C THR E 5 -15.18 -4.72 -75.91
N GLN E 6 -14.31 -4.50 -76.88
CA GLN E 6 -13.80 -3.18 -77.21
C GLN E 6 -13.76 -3.02 -78.73
N PRO E 7 -13.95 -1.81 -79.23
CA PRO E 7 -13.88 -1.59 -80.68
C PRO E 7 -12.47 -1.82 -81.19
N PRO E 8 -12.33 -2.46 -82.36
CA PRO E 8 -10.97 -2.73 -82.86
C PRO E 8 -10.23 -1.48 -83.29
N SER E 9 -10.91 -0.54 -83.93
CA SER E 9 -10.28 0.70 -84.37
C SER E 9 -11.36 1.76 -84.55
N VAL E 10 -11.06 2.98 -84.10
CA VAL E 10 -11.99 4.11 -84.23
C VAL E 10 -11.25 5.26 -84.89
N SER E 11 -12.02 6.14 -85.50
CA SER E 11 -11.46 7.31 -86.17
C SER E 11 -11.00 8.34 -85.15
N ALA E 12 -9.86 8.97 -85.41
CA ALA E 12 -9.28 9.96 -84.51
C ALA E 12 -8.72 11.11 -85.34
N ALA E 13 -9.53 12.16 -85.51
CA ALA E 13 -9.14 13.37 -86.19
C ALA E 13 -8.71 14.43 -85.18
N PRO E 14 -7.72 15.25 -85.53
CA PRO E 14 -7.23 16.26 -84.57
C PRO E 14 -8.30 17.29 -84.21
N GLY E 15 -8.76 17.27 -82.97
CA GLY E 15 -9.72 18.24 -82.48
C GLY E 15 -11.06 17.67 -82.07
N GLN E 16 -11.38 16.42 -82.39
CA GLN E 16 -12.67 15.85 -82.04
C GLN E 16 -12.54 15.05 -80.74
N LYS E 17 -13.61 14.34 -80.39
CA LYS E 17 -13.68 13.59 -79.15
C LYS E 17 -13.79 12.10 -79.44
N VAL E 18 -13.04 11.30 -78.68
CA VAL E 18 -13.01 9.85 -78.85
C VAL E 18 -13.31 9.21 -77.51
N THR E 19 -14.22 8.23 -77.51
CA THR E 19 -14.62 7.51 -76.31
C THR E 19 -14.20 6.05 -76.44
N ILE E 20 -13.54 5.54 -75.41
CA ILE E 20 -13.10 4.16 -75.36
C ILE E 20 -13.87 3.44 -74.26
N SER E 21 -14.63 2.42 -74.65
CA SER E 21 -15.47 1.67 -73.72
C SER E 21 -14.83 0.34 -73.36
N CYS E 22 -15.36 -0.28 -72.30
CA CYS E 22 -14.86 -1.56 -71.83
C CYS E 22 -16.00 -2.27 -71.10
N SER E 23 -16.64 -3.22 -71.78
CA SER E 23 -17.75 -3.98 -71.23
C SER E 23 -17.29 -5.40 -70.92
N GLY E 24 -17.57 -5.86 -69.71
CA GLY E 24 -17.18 -7.20 -69.30
C GLY E 24 -18.34 -7.99 -68.72
N ASN E 25 -18.18 -8.47 -67.50
CA ASN E 25 -19.22 -9.25 -66.83
C ASN E 25 -19.21 -8.87 -65.35
N THR E 26 -19.91 -9.65 -64.53
CA THR E 26 -19.99 -9.36 -63.11
C THR E 26 -18.78 -9.91 -62.35
N SER E 27 -18.17 -10.99 -62.82
CA SER E 27 -17.09 -11.63 -62.07
C SER E 27 -15.79 -10.84 -62.15
N ASN E 28 -15.55 -10.14 -63.27
CA ASN E 28 -14.28 -9.46 -63.48
C ASN E 28 -14.30 -8.00 -63.07
N ILE E 29 -15.37 -7.27 -63.39
CA ILE E 29 -15.43 -5.84 -63.09
C ILE E 29 -16.55 -5.50 -62.10
N GLY E 30 -17.52 -6.39 -61.88
CA GLY E 30 -18.63 -6.09 -60.99
C GLY E 30 -18.23 -6.00 -59.52
N ASN E 31 -17.10 -6.59 -59.14
CA ASN E 31 -16.65 -6.55 -57.75
C ASN E 31 -15.18 -6.14 -57.62
N ASN E 32 -14.55 -5.73 -58.72
CA ASN E 32 -13.14 -5.34 -58.69
C ASN E 32 -12.95 -4.07 -59.51
N PHE E 33 -11.86 -3.37 -59.22
CA PHE E 33 -11.54 -2.15 -59.94
C PHE E 33 -11.10 -2.46 -61.36
N VAL E 34 -11.07 -1.43 -62.19
CA VAL E 34 -10.65 -1.54 -63.58
C VAL E 34 -9.50 -0.59 -63.82
N SER E 35 -8.65 -0.93 -64.79
CA SER E 35 -7.49 -0.13 -65.14
C SER E 35 -7.50 0.15 -66.63
N TRP E 36 -6.53 0.95 -67.07
CA TRP E 36 -6.39 1.30 -68.47
C TRP E 36 -4.90 1.42 -68.81
N TYR E 37 -4.58 1.12 -70.07
CA TYR E 37 -3.21 1.17 -70.55
C TYR E 37 -3.19 1.67 -71.98
N GLN E 38 -2.01 2.08 -72.42
CA GLN E 38 -1.80 2.54 -73.79
C GLN E 38 -0.52 1.92 -74.33
N GLN E 39 -0.60 1.35 -75.54
CA GLN E 39 0.55 0.74 -76.19
C GLN E 39 0.69 1.38 -77.58
N ARG E 40 1.61 2.33 -77.69
CA ARG E 40 1.84 2.99 -78.96
C ARG E 40 2.45 2.02 -79.97
N PRO E 41 2.19 2.21 -81.26
CA PRO E 41 2.71 1.28 -82.28
C PRO E 41 4.24 1.26 -82.26
N GLY E 42 4.79 0.08 -82.00
CA GLY E 42 6.23 -0.09 -81.96
C GLY E 42 6.88 0.31 -80.65
N ARG E 43 6.10 0.56 -79.60
CA ARG E 43 6.63 0.98 -78.31
C ARG E 43 6.05 0.08 -77.22
N ALA E 44 6.67 0.17 -76.04
CA ALA E 44 6.26 -0.65 -74.91
C ALA E 44 5.04 -0.05 -74.21
N PRO E 45 4.20 -0.88 -73.61
CA PRO E 45 3.04 -0.37 -72.88
C PRO E 45 3.46 0.43 -71.65
N GLN E 46 2.47 1.08 -71.04
CA GLN E 46 2.71 1.92 -69.87
C GLN E 46 1.40 2.07 -69.11
N LEU E 47 1.52 2.31 -67.80
CA LEU E 47 0.35 2.45 -66.95
C LEU E 47 -0.30 3.81 -67.18
N LEU E 48 -1.63 3.80 -67.31
CA LEU E 48 -2.39 5.02 -67.54
C LEU E 48 -3.41 5.29 -66.44
N ILE E 49 -4.21 4.29 -66.07
CA ILE E 49 -5.25 4.44 -65.06
C ILE E 49 -5.11 3.30 -64.07
N TYR E 50 -5.03 3.64 -62.78
CA TYR E 50 -4.98 2.65 -61.71
C TYR E 50 -5.99 3.02 -60.64
N GLU E 51 -6.62 2.00 -60.06
CA GLU E 51 -7.67 2.13 -59.06
C GLU E 51 -8.90 2.87 -59.57
N THR E 52 -9.01 3.07 -60.89
CA THR E 52 -10.21 3.55 -61.58
C THR E 52 -10.47 5.03 -61.28
N ASP E 53 -9.72 5.61 -60.35
CA ASP E 53 -9.92 7.03 -60.02
C ASP E 53 -8.62 7.79 -59.77
N LYS E 54 -7.46 7.17 -59.95
CA LYS E 54 -6.18 7.82 -59.70
C LYS E 54 -5.32 7.75 -60.95
N ARG E 55 -4.57 8.82 -61.19
CA ARG E 55 -3.71 8.91 -62.36
C ARG E 55 -2.27 9.18 -61.94
N PRO E 56 -1.29 8.59 -62.62
CA PRO E 56 0.11 8.86 -62.30
C PRO E 56 0.49 10.31 -62.59
N SER E 57 1.62 10.71 -62.03
CA SER E 57 2.10 12.09 -62.19
C SER E 57 2.68 12.35 -63.58
N GLY E 58 2.86 11.33 -64.40
CA GLY E 58 3.44 11.50 -65.71
C GLY E 58 2.48 11.84 -66.83
N ILE E 59 1.18 11.75 -66.59
CA ILE E 59 0.18 12.02 -67.62
C ILE E 59 -0.55 13.31 -67.29
N PRO E 60 -0.97 14.08 -68.29
CA PRO E 60 -1.71 15.32 -68.05
C PRO E 60 -3.15 15.01 -67.64
N ASP E 61 -3.94 16.08 -67.49
CA ASP E 61 -5.34 15.96 -67.15
C ASP E 61 -6.20 15.61 -68.35
N ARG E 62 -5.62 15.53 -69.55
CA ARG E 62 -6.41 15.19 -70.72
C ARG E 62 -6.90 13.75 -70.67
N PHE E 63 -6.13 12.85 -70.08
CA PHE E 63 -6.52 11.45 -69.96
C PHE E 63 -7.47 11.29 -68.79
N SER E 64 -8.68 10.82 -69.06
CA SER E 64 -9.68 10.61 -68.02
C SER E 64 -10.47 9.36 -68.35
N ALA E 65 -10.99 8.70 -67.32
CA ALA E 65 -11.77 7.49 -67.48
C ALA E 65 -12.75 7.35 -66.32
N SER E 66 -13.78 6.55 -66.55
CA SER E 66 -14.79 6.30 -65.53
C SER E 66 -15.44 4.95 -65.81
N LYS E 67 -16.25 4.50 -64.84
CA LYS E 67 -16.95 3.23 -64.96
C LYS E 67 -18.40 3.43 -64.54
N SER E 68 -19.26 2.53 -65.04
CA SER E 68 -20.69 2.58 -64.72
C SER E 68 -21.19 1.14 -64.66
N GLY E 69 -21.34 0.62 -63.44
CA GLY E 69 -21.82 -0.73 -63.26
C GLY E 69 -20.83 -1.80 -63.72
N THR E 70 -21.16 -2.48 -64.80
CA THR E 70 -20.33 -3.54 -65.35
C THR E 70 -19.57 -3.12 -66.60
N SER E 71 -19.53 -1.82 -66.90
CA SER E 71 -18.84 -1.32 -68.08
C SER E 71 -18.17 -0.01 -67.76
N GLY E 72 -16.95 0.16 -68.27
CA GLY E 72 -16.17 1.37 -68.07
C GLY E 72 -16.01 2.13 -69.37
N THR E 73 -15.83 3.45 -69.26
CA THR E 73 -15.68 4.32 -70.41
C THR E 73 -14.52 5.27 -70.20
N LEU E 74 -13.72 5.47 -71.24
CA LEU E 74 -12.59 6.38 -71.22
C LEU E 74 -12.92 7.60 -72.06
N ALA E 75 -12.90 8.78 -71.43
CA ALA E 75 -13.18 10.04 -72.11
C ALA E 75 -11.94 10.92 -72.03
N ILE E 76 -11.38 11.26 -73.20
CA ILE E 76 -10.17 12.06 -73.29
C ILE E 76 -10.48 13.29 -74.14
N THR E 77 -10.04 14.45 -73.66
CA THR E 77 -10.23 15.72 -74.37
C THR E 77 -8.90 16.21 -74.92
N GLY E 78 -8.98 17.08 -75.92
CA GLY E 78 -7.79 17.61 -76.55
C GLY E 78 -7.05 16.56 -77.37
N LEU E 79 -7.65 16.12 -78.46
CA LEU E 79 -7.05 15.09 -79.29
C LEU E 79 -6.07 15.71 -80.27
N GLN E 80 -4.85 15.18 -80.31
CA GLN E 80 -3.80 15.61 -81.22
C GLN E 80 -3.43 14.46 -82.16
N THR E 81 -2.46 14.73 -83.03
CA THR E 81 -2.03 13.71 -83.99
C THR E 81 -1.22 12.61 -83.32
N GLY E 82 -0.42 12.96 -82.32
CA GLY E 82 0.42 12.01 -81.62
C GLY E 82 -0.30 11.10 -80.65
N ASP E 83 -1.61 11.26 -80.48
CA ASP E 83 -2.38 10.44 -79.55
C ASP E 83 -2.89 9.14 -80.18
N GLU E 84 -2.73 8.97 -81.48
CA GLU E 84 -3.19 7.77 -82.17
C GLU E 84 -2.33 6.59 -81.73
N ALA E 85 -2.88 5.76 -80.86
CA ALA E 85 -2.16 4.59 -80.33
C ALA E 85 -3.19 3.52 -79.99
N ASP E 86 -2.72 2.44 -79.38
CA ASP E 86 -3.57 1.33 -78.98
C ASP E 86 -3.80 1.40 -77.48
N TYR E 87 -5.06 1.53 -77.08
CA TYR E 87 -5.44 1.57 -75.68
C TYR E 87 -6.14 0.27 -75.31
N TYR E 88 -5.92 -0.17 -74.07
CA TYR E 88 -6.44 -1.45 -73.60
C TYR E 88 -7.20 -1.26 -72.30
N CYS E 89 -8.07 -2.23 -72.01
CA CYS E 89 -8.76 -2.34 -70.74
C CYS E 89 -8.20 -3.53 -69.97
N ALA E 90 -8.18 -3.42 -68.64
CA ALA E 90 -7.54 -4.45 -67.83
C ALA E 90 -8.28 -4.61 -66.51
N THR E 91 -8.60 -5.85 -66.17
CA THR E 91 -9.16 -6.21 -64.87
C THR E 91 -8.30 -7.29 -64.26
N TRP E 92 -8.20 -7.28 -62.92
CA TRP E 92 -7.37 -8.24 -62.22
C TRP E 92 -7.92 -8.47 -60.82
N ALA E 93 -8.07 -9.73 -60.44
CA ALA E 93 -8.56 -10.10 -59.12
C ALA E 93 -7.85 -11.36 -58.66
N ALA E 94 -7.36 -11.36 -57.42
CA ALA E 94 -6.64 -12.50 -56.88
C ALA E 94 -7.56 -13.64 -56.47
N SER E 95 -8.87 -13.45 -56.53
CA SER E 95 -9.80 -14.50 -56.12
C SER E 95 -9.87 -15.60 -57.17
N LEU E 96 -10.21 -15.24 -58.40
CA LEU E 96 -10.34 -16.20 -59.49
C LEU E 96 -9.54 -15.73 -60.69
N SER E 97 -9.05 -16.69 -61.47
CA SER E 97 -8.25 -16.40 -62.65
C SER E 97 -9.10 -16.06 -63.87
N SER E 98 -10.43 -16.02 -63.73
CA SER E 98 -11.32 -15.62 -64.81
C SER E 98 -11.52 -14.10 -64.86
N ALA E 99 -10.97 -13.37 -63.91
CA ALA E 99 -11.10 -11.91 -63.88
C ALA E 99 -9.88 -11.20 -64.43
N ARG E 100 -8.79 -11.91 -64.72
CA ARG E 100 -7.56 -11.32 -65.23
C ARG E 100 -7.58 -11.45 -66.75
N VAL E 101 -8.23 -10.49 -67.41
CA VAL E 101 -8.35 -10.49 -68.87
C VAL E 101 -8.08 -9.07 -69.36
N PHE E 102 -7.19 -8.94 -70.35
CA PHE E 102 -6.89 -7.66 -70.96
C PHE E 102 -7.89 -7.34 -72.07
N GLY E 103 -7.94 -6.07 -72.46
CA GLY E 103 -8.80 -5.67 -73.55
C GLY E 103 -8.26 -6.09 -74.90
N THR E 104 -9.16 -6.15 -75.88
CA THR E 104 -8.78 -6.55 -77.23
C THR E 104 -8.04 -5.47 -78.00
N GLY E 105 -7.95 -4.26 -77.44
CA GLY E 105 -7.24 -3.19 -78.10
C GLY E 105 -8.15 -2.19 -78.79
N THR E 106 -7.85 -0.91 -78.64
CA THR E 106 -8.63 0.17 -79.25
C THR E 106 -7.67 1.10 -79.99
N LYS E 107 -7.63 0.99 -81.30
CA LYS E 107 -6.77 1.82 -82.14
C LYS E 107 -7.47 3.15 -82.42
N VAL E 108 -6.88 4.24 -81.94
CA VAL E 108 -7.44 5.56 -82.18
C VAL E 108 -6.60 6.31 -83.21
N GLY F 4 -12.94 -7.97 27.72
CA GLY F 4 -13.13 -7.45 29.06
C GLY F 4 -14.11 -6.30 29.12
N LEU F 5 -13.89 -5.29 28.28
CA LEU F 5 -14.75 -4.12 28.22
C LEU F 5 -15.99 -4.35 27.38
N GLY F 6 -16.10 -5.50 26.70
CA GLY F 6 -17.24 -5.75 25.84
C GLY F 6 -18.35 -6.54 26.54
N ALA F 7 -17.96 -7.46 27.42
CA ALA F 7 -18.96 -8.24 28.14
C ALA F 7 -19.71 -7.42 29.18
N VAL F 8 -19.15 -6.29 29.61
CA VAL F 8 -19.84 -5.45 30.58
C VAL F 8 -20.84 -4.54 29.89
N PHE F 9 -20.52 -4.08 28.68
CA PHE F 9 -21.44 -3.22 27.95
C PHE F 9 -22.63 -3.99 27.39
N LEU F 10 -22.43 -5.29 27.12
CA LEU F 10 -23.52 -6.11 26.61
C LEU F 10 -24.53 -6.48 27.68
N GLY F 11 -24.13 -6.43 28.96
CA GLY F 11 -25.06 -6.76 30.03
C GLY F 11 -26.13 -5.71 30.28
N PHE F 12 -25.86 -4.46 29.89
CA PHE F 12 -26.86 -3.40 30.06
C PHE F 12 -28.07 -3.59 29.15
N LEU F 13 -27.90 -4.28 28.02
CA LEU F 13 -28.95 -4.41 27.04
C LEU F 13 -29.95 -5.52 27.37
N GLY F 14 -29.75 -6.23 28.47
CA GLY F 14 -30.60 -7.36 28.81
C GLY F 14 -32.01 -7.03 29.25
N ALA F 15 -32.39 -5.75 29.25
CA ALA F 15 -33.73 -5.34 29.66
C ALA F 15 -34.28 -4.30 28.69
N ALA F 16 -34.11 -4.57 27.39
CA ALA F 16 -34.52 -3.60 26.38
C ALA F 16 -36.03 -3.39 26.37
N GLY F 17 -36.80 -4.42 26.71
CA GLY F 17 -38.25 -4.30 26.68
C GLY F 17 -38.87 -4.10 28.03
N SER F 18 -38.09 -4.27 29.09
CA SER F 18 -38.61 -4.09 30.44
C SER F 18 -38.88 -2.62 30.72
N THR F 19 -39.80 -2.37 31.64
CA THR F 19 -40.14 -1.00 32.01
C THR F 19 -38.99 -0.34 32.76
N MET F 20 -39.02 1.00 32.77
CA MET F 20 -37.96 1.74 33.43
C MET F 20 -37.93 1.48 34.93
N GLY F 21 -39.11 1.33 35.54
CA GLY F 21 -39.16 1.08 36.97
C GLY F 21 -38.70 -0.30 37.37
N ALA F 22 -38.71 -1.26 36.44
CA ALA F 22 -38.27 -2.61 36.73
C ALA F 22 -36.87 -2.91 36.21
N ALA F 23 -36.29 -2.01 35.42
CA ALA F 23 -34.95 -2.25 34.88
C ALA F 23 -33.89 -2.26 35.98
N SER F 24 -34.13 -1.55 37.08
CA SER F 24 -33.17 -1.54 38.18
C SER F 24 -33.16 -2.86 38.92
N ASN F 25 -34.26 -3.62 38.87
CA ASN F 25 -34.35 -4.90 39.54
C ASN F 25 -34.33 -6.09 38.60
N THR F 26 -34.54 -5.89 37.30
CA THR F 26 -34.49 -7.00 36.36
C THR F 26 -33.06 -7.49 36.13
N LEU F 27 -32.09 -6.59 36.19
CA LEU F 27 -30.69 -7.00 36.07
C LEU F 27 -30.22 -7.80 37.26
N THR F 28 -30.94 -7.74 38.39
CA THR F 28 -30.54 -8.51 39.56
C THR F 28 -30.78 -10.00 39.36
N VAL F 29 -31.96 -10.37 38.87
CA VAL F 29 -32.28 -11.78 38.65
C VAL F 29 -31.49 -12.38 37.51
N GLN F 30 -30.79 -11.56 36.73
CA GLN F 30 -29.94 -12.07 35.65
C GLN F 30 -28.50 -12.27 36.10
N ALA F 31 -27.95 -11.33 36.88
CA ALA F 31 -26.59 -11.48 37.38
C ALA F 31 -26.50 -12.58 38.42
N ARG F 32 -27.52 -12.68 39.29
CA ARG F 32 -27.53 -13.74 40.29
C ARG F 32 -27.84 -15.10 39.68
N GLN F 33 -28.36 -15.13 38.45
CA GLN F 33 -28.64 -16.40 37.80
C GLN F 33 -27.35 -17.07 37.34
N LEU F 34 -26.42 -16.30 36.79
CA LEU F 34 -25.16 -16.84 36.32
C LEU F 34 -24.19 -17.07 37.48
N LEU F 58 0.61 -7.09 11.12
CA LEU F 58 1.11 -6.18 10.10
C LEU F 58 0.23 -6.21 8.86
N GLY F 59 -0.57 -7.27 8.74
CA GLY F 59 -1.45 -7.45 7.59
C GLY F 59 -2.68 -6.57 7.66
N VAL F 60 -3.75 -7.03 6.99
CA VAL F 60 -4.99 -6.26 6.97
C VAL F 60 -5.70 -6.37 8.32
N TRP F 61 -5.64 -7.53 8.96
CA TRP F 61 -6.25 -7.69 10.27
C TRP F 61 -5.39 -7.14 11.40
N GLY F 62 -4.07 -7.05 11.19
CA GLY F 62 -3.22 -6.41 12.18
C GLY F 62 -3.49 -4.94 12.32
N PHE F 63 -4.02 -4.31 11.27
CA PHE F 63 -4.42 -2.91 11.31
C PHE F 63 -5.91 -2.73 11.58
N LYS F 64 -6.73 -3.71 11.21
CA LYS F 64 -8.16 -3.61 11.48
C LYS F 64 -8.46 -3.86 12.95
N GLN F 65 -7.79 -4.84 13.56
CA GLN F 65 -7.96 -5.07 14.99
C GLN F 65 -7.36 -3.93 15.79
N LEU F 66 -6.24 -3.38 15.34
CA LEU F 66 -5.64 -2.24 16.02
C LEU F 66 -6.55 -1.03 16.00
N GLN F 67 -7.26 -0.82 14.89
CA GLN F 67 -8.23 0.27 14.80
C GLN F 67 -9.48 0.02 15.64
N ALA F 68 -9.69 -1.22 16.10
CA ALA F 68 -10.83 -1.53 16.94
C ALA F 68 -10.51 -1.37 18.43
N ARG F 69 -9.30 -1.72 18.84
CA ARG F 69 -8.92 -1.55 20.24
C ARG F 69 -8.79 -0.07 20.60
N VAL F 70 -8.36 0.76 19.66
CA VAL F 70 -8.33 2.20 19.91
C VAL F 70 -9.74 2.75 19.93
N LEU F 71 -10.63 2.22 19.10
CA LEU F 71 -12.01 2.69 19.07
C LEU F 71 -12.79 2.23 20.30
N ALA F 72 -12.41 1.07 20.86
CA ALA F 72 -13.10 0.59 22.05
C ALA F 72 -12.76 1.43 23.27
N ILE F 73 -11.49 1.84 23.39
CA ILE F 73 -11.09 2.70 24.51
C ILE F 73 -11.72 4.08 24.37
N GLU F 74 -11.82 4.58 23.13
CA GLU F 74 -12.39 5.90 22.93
C GLU F 74 -13.87 5.94 23.28
N ARG F 75 -14.60 4.84 23.07
CA ARG F 75 -16.01 4.79 23.41
C ARG F 75 -16.25 4.60 24.91
N TYR F 76 -15.29 4.04 25.64
CA TYR F 76 -15.47 3.78 27.06
C TYR F 76 -15.28 5.05 27.88
N LEU F 77 -14.09 5.65 27.80
CA LEU F 77 -13.80 6.81 28.62
C LEU F 77 -14.61 8.04 28.22
N GLU F 78 -15.17 8.04 27.00
CA GLU F 78 -16.05 9.15 26.62
C GLU F 78 -17.28 9.21 27.53
N VAL F 79 -17.77 8.04 27.98
CA VAL F 79 -18.84 8.03 28.97
C VAL F 79 -18.28 8.28 30.35
N GLN F 80 -17.08 7.76 30.64
CA GLN F 80 -16.45 8.01 31.93
C GLN F 80 -15.96 9.44 32.08
N GLN F 81 -15.98 10.24 31.01
CA GLN F 81 -15.64 11.64 31.10
C GLN F 81 -16.85 12.50 31.43
N LEU F 82 -17.99 12.26 30.77
CA LEU F 82 -19.20 12.99 31.09
C LEU F 82 -19.66 12.73 32.52
N LEU F 83 -19.33 11.56 33.07
CA LEU F 83 -19.63 11.25 34.46
C LEU F 83 -18.66 11.91 35.43
N GLY F 84 -17.63 12.59 34.93
CA GLY F 84 -16.69 13.28 35.80
C GLY F 84 -17.03 14.76 35.94
N MET F 85 -17.68 15.32 34.93
CA MET F 85 -18.04 16.73 34.97
C MET F 85 -19.29 17.01 35.79
N TRP F 86 -20.11 15.99 36.06
CA TRP F 86 -21.33 16.15 36.84
C TRP F 86 -21.19 15.57 38.25
N GLY F 87 -19.96 15.30 38.69
CA GLY F 87 -19.78 14.63 39.94
C GLY F 87 -20.15 13.15 39.83
N CYS F 88 -20.14 12.48 40.98
CA CYS F 88 -20.46 11.06 41.12
C CYS F 88 -19.86 10.24 39.99
N SER F 89 -18.53 10.29 39.91
CA SER F 89 -17.79 9.64 38.84
C SER F 89 -17.67 8.13 39.03
N GLY F 90 -18.26 7.56 40.08
CA GLY F 90 -18.16 6.14 40.32
C GLY F 90 -19.47 5.49 40.70
N LYS F 91 -20.51 6.29 40.84
CA LYS F 91 -21.82 5.78 41.22
C LYS F 91 -22.62 5.34 39.99
N LEU F 92 -23.56 4.42 40.22
CA LEU F 92 -24.42 3.92 39.15
C LEU F 92 -25.70 4.74 39.07
N ILE F 93 -26.49 4.76 40.14
CA ILE F 93 -27.71 5.54 40.22
C ILE F 93 -27.35 6.80 41.00
N CYS F 94 -26.93 7.83 40.28
CA CYS F 94 -26.47 9.07 40.89
C CYS F 94 -27.66 10.02 41.08
N CYS F 95 -27.37 11.24 41.54
CA CYS F 95 -28.42 12.23 41.76
C CYS F 95 -27.77 13.61 41.72
N THR F 96 -28.40 14.53 40.99
CA THR F 96 -27.87 15.88 40.82
C THR F 96 -28.87 16.91 41.32
N ASN F 97 -28.36 18.11 41.61
CA ASN F 97 -29.17 19.20 42.14
C ASN F 97 -29.58 20.13 41.01
N VAL F 98 -30.47 19.62 40.16
CA VAL F 98 -31.02 20.41 39.05
C VAL F 98 -32.53 20.23 39.02
N PRO F 99 -33.31 21.31 39.02
CA PRO F 99 -34.76 21.16 38.96
C PRO F 99 -35.22 20.68 37.60
N TRP F 100 -36.16 19.74 37.60
CA TRP F 100 -36.68 19.16 36.37
C TRP F 100 -37.64 20.16 35.73
N ASN F 101 -37.24 20.72 34.59
CA ASN F 101 -38.07 21.68 33.88
C ASN F 101 -39.31 20.98 33.31
N SER F 102 -40.47 21.61 33.49
CA SER F 102 -41.73 21.05 33.03
C SER F 102 -41.98 21.30 31.54
N SER F 103 -40.99 21.82 30.81
CA SER F 103 -41.15 22.06 29.38
C SER F 103 -40.54 20.97 28.51
N TRP F 104 -39.54 20.24 29.03
CA TRP F 104 -38.94 19.17 28.26
C TRP F 104 -39.87 17.95 28.20
N SER F 105 -40.58 17.68 29.29
CA SER F 105 -41.53 16.57 29.33
C SER F 105 -42.75 17.01 30.12
N ASN F 106 -43.93 16.86 29.52
CA ASN F 106 -45.19 17.26 30.15
C ASN F 106 -45.91 16.08 30.79
N LYS F 107 -45.16 15.11 31.29
CA LYS F 107 -45.71 13.92 31.94
C LYS F 107 -45.49 13.99 33.44
N THR F 108 -46.03 12.99 34.14
CA THR F 108 -45.92 12.91 35.59
C THR F 108 -44.79 11.95 35.97
N TYR F 109 -44.59 11.79 37.28
CA TYR F 109 -43.52 10.91 37.76
C TYR F 109 -43.98 9.46 37.84
N ASN F 110 -45.21 9.22 38.28
CA ASN F 110 -45.70 7.86 38.39
C ASN F 110 -45.94 7.21 37.04
N GLU F 111 -46.16 8.01 35.99
CA GLU F 111 -46.43 7.48 34.66
C GLU F 111 -45.18 7.01 33.94
N ILE F 112 -44.01 7.54 34.28
CA ILE F 112 -42.78 7.20 33.58
C ILE F 112 -42.28 5.83 34.01
N TRP F 113 -42.24 5.58 35.31
CA TRP F 113 -41.59 4.39 35.86
C TRP F 113 -42.51 3.18 35.92
N ASP F 114 -43.66 3.20 35.26
CA ASP F 114 -44.54 2.05 35.30
C ASP F 114 -45.00 1.62 33.92
N ASN F 115 -45.12 2.55 32.98
CA ASN F 115 -45.66 2.29 31.66
C ASN F 115 -44.80 2.93 30.58
N MET F 116 -43.48 2.72 30.68
CA MET F 116 -42.56 3.27 29.70
C MET F 116 -41.26 2.49 29.73
N THR F 117 -40.71 2.21 28.56
CA THR F 117 -39.43 1.54 28.44
C THR F 117 -38.33 2.56 28.14
N TRP F 118 -37.09 2.15 28.36
CA TRP F 118 -35.97 3.08 28.27
C TRP F 118 -35.72 3.53 26.84
N MET F 119 -35.96 2.67 25.86
CA MET F 119 -35.71 3.06 24.47
C MET F 119 -36.79 4.01 23.96
N GLN F 120 -38.04 3.80 24.37
CA GLN F 120 -39.12 4.68 23.94
C GLN F 120 -39.02 6.04 24.60
N TRP F 121 -38.49 6.10 25.83
CA TRP F 121 -38.35 7.37 26.53
C TRP F 121 -37.32 8.27 25.85
N ASP F 122 -36.37 7.69 25.12
CA ASP F 122 -35.29 8.48 24.54
C ASP F 122 -35.77 9.33 23.37
N ARG F 123 -36.72 8.80 22.58
CA ARG F 123 -37.16 9.53 21.39
C ARG F 123 -37.94 10.77 21.75
N GLU F 124 -38.57 10.81 22.93
CA GLU F 124 -39.34 11.98 23.34
C GLU F 124 -38.48 13.07 23.95
N ILE F 125 -37.26 12.74 24.37
CA ILE F 125 -36.38 13.71 25.03
C ILE F 125 -35.02 13.83 24.36
N GLY F 126 -34.59 12.87 23.54
CA GLY F 126 -33.24 12.82 23.02
C GLY F 126 -32.81 13.97 22.14
N ASN F 127 -33.65 15.00 21.99
CA ASN F 127 -33.24 16.24 21.35
C ASN F 127 -32.96 17.35 22.33
N TYR F 128 -33.21 17.13 23.62
CA TYR F 128 -32.85 18.07 24.68
C TYR F 128 -31.65 17.61 25.48
N THR F 129 -30.82 16.73 24.91
CA THR F 129 -29.67 16.22 25.63
C THR F 129 -28.52 17.21 25.64
N ASP F 130 -28.27 17.88 24.50
CA ASP F 130 -27.18 18.83 24.42
C ASP F 130 -27.39 20.04 25.31
N THR F 131 -28.64 20.36 25.64
CA THR F 131 -28.93 21.45 26.57
C THR F 131 -29.04 20.99 28.01
N ILE F 132 -29.23 19.70 28.25
CA ILE F 132 -29.29 19.18 29.61
C ILE F 132 -27.94 18.66 30.08
N TYR F 133 -27.03 18.32 29.16
CA TYR F 133 -25.67 17.95 29.57
C TYR F 133 -24.88 19.19 29.97
N LYS F 134 -25.12 20.31 29.29
CA LYS F 134 -24.40 21.55 29.63
C LYS F 134 -24.94 22.15 30.93
N LEU F 135 -26.25 22.09 31.12
CA LEU F 135 -26.83 22.62 32.35
C LEU F 135 -26.43 21.78 33.56
N LEU F 136 -26.29 20.47 33.40
CA LEU F 136 -25.83 19.63 34.49
C LEU F 136 -24.36 19.90 34.82
N GLU F 137 -23.58 20.32 33.84
CA GLU F 137 -22.16 20.61 34.07
C GLU F 137 -21.98 21.89 34.87
N VAL F 138 -22.86 22.87 34.70
CA VAL F 138 -22.73 24.12 35.43
C VAL F 138 -23.15 23.95 36.89
N SER F 139 -24.11 23.07 37.15
CA SER F 139 -24.59 22.88 38.52
C SER F 139 -23.51 22.29 39.41
N GLN F 140 -22.79 21.27 38.91
CA GLN F 140 -21.72 20.69 39.71
C GLN F 140 -20.52 21.62 39.79
N PHE F 141 -20.26 22.40 38.74
CA PHE F 141 -19.17 23.36 38.79
C PHE F 141 -19.48 24.50 39.75
N GLN F 142 -20.75 24.91 39.84
CA GLN F 142 -21.14 25.94 40.78
C GLN F 142 -21.12 25.43 42.21
N GLN F 143 -21.46 24.15 42.41
CA GLN F 143 -21.44 23.58 43.75
C GLN F 143 -20.03 23.45 44.29
N GLU F 144 -19.04 23.32 43.41
CA GLU F 144 -17.66 23.17 43.88
C GLU F 144 -17.12 24.48 44.41
N ILE F 145 -17.45 25.60 43.77
CA ILE F 145 -16.97 26.90 44.23
C ILE F 145 -17.64 27.29 45.54
N ASN F 146 -18.94 27.00 45.66
CA ASN F 146 -19.68 27.39 46.86
C ASN F 146 -19.26 26.60 48.09
N GLU F 147 -18.65 25.43 47.91
CA GLU F 147 -18.25 24.60 49.05
C GLU F 147 -16.83 24.91 49.50
N LYS F 148 -15.89 24.95 48.57
CA LYS F 148 -14.49 25.20 48.93
C LYS F 148 -14.25 26.62 49.44
N ASP F 149 -15.20 27.53 49.24
CA ASP F 149 -15.06 28.86 49.81
C ASP F 149 -15.22 28.85 51.32
N ASN F 150 -16.03 27.94 51.85
CA ASN F 150 -16.24 27.83 53.29
C ASN F 150 -15.10 27.06 53.95
N VAL G 2 -12.03 11.80 20.59
CA VAL G 2 -11.50 13.07 20.12
C VAL G 2 -12.67 14.03 19.86
N VAL G 3 -13.88 13.47 19.77
CA VAL G 3 -15.06 14.27 19.49
C VAL G 3 -15.68 14.87 20.74
N GLY G 4 -15.40 14.31 21.92
CA GLY G 4 -15.97 14.81 23.15
C GLY G 4 -14.98 15.54 24.03
N LEU G 5 -13.74 15.05 24.05
CA LEU G 5 -12.67 15.64 24.87
C LEU G 5 -11.77 16.57 24.07
N GLY G 6 -12.16 16.94 22.86
CA GLY G 6 -11.36 17.83 22.05
C GLY G 6 -11.65 19.29 22.31
N ALA G 7 -12.88 19.59 22.76
CA ALA G 7 -13.31 20.96 23.02
C ALA G 7 -13.47 21.24 24.50
N VAL G 8 -12.89 20.40 25.37
CA VAL G 8 -12.97 20.63 26.81
C VAL G 8 -11.64 21.21 27.29
N PHE G 9 -10.54 20.80 26.65
CA PHE G 9 -9.24 21.37 27.01
C PHE G 9 -9.10 22.79 26.51
N LEU G 10 -9.61 23.07 25.30
CA LEU G 10 -9.66 24.44 24.81
C LEU G 10 -10.69 25.27 25.57
N GLY G 11 -11.62 24.63 26.26
CA GLY G 11 -12.66 25.33 26.98
C GLY G 11 -12.15 26.25 28.06
N PHE G 12 -11.39 25.72 29.01
CA PHE G 12 -10.85 26.54 30.09
C PHE G 12 -9.59 27.31 29.69
N LEU G 13 -9.15 27.17 28.44
CA LEU G 13 -8.00 27.95 27.98
C LEU G 13 -8.33 29.42 27.83
N GLY G 14 -9.61 29.76 27.72
CA GLY G 14 -10.02 31.15 27.66
C GLY G 14 -9.76 31.87 28.97
N ALA G 15 -9.93 33.19 28.91
CA ALA G 15 -9.69 34.07 30.06
C ALA G 15 -8.27 33.90 30.61
N ALA G 16 -7.31 33.71 29.71
CA ALA G 16 -5.92 33.55 30.11
C ALA G 16 -5.28 34.85 30.51
N GLY G 17 -5.97 35.98 30.35
CA GLY G 17 -5.42 37.27 30.74
C GLY G 17 -5.96 37.74 32.07
N SER G 18 -6.99 37.07 32.57
CA SER G 18 -7.57 37.44 33.85
C SER G 18 -6.67 36.99 35.00
N THR G 19 -6.90 37.58 36.17
CA THR G 19 -6.11 37.25 37.33
C THR G 19 -6.46 35.86 37.86
N MET G 20 -5.68 35.41 38.84
CA MET G 20 -5.90 34.08 39.40
C MET G 20 -7.17 34.04 40.23
N GLY G 21 -7.35 35.03 41.11
CA GLY G 21 -8.52 35.08 41.97
C GLY G 21 -9.82 35.32 41.24
N ALA G 22 -9.78 35.68 39.96
CA ALA G 22 -10.97 35.91 39.17
C ALA G 22 -11.16 34.88 38.05
N ALA G 23 -10.21 33.96 37.88
CA ALA G 23 -10.36 32.95 36.84
C ALA G 23 -11.48 31.96 37.16
N SER G 24 -11.77 31.78 38.44
CA SER G 24 -12.85 30.88 38.86
C SER G 24 -14.22 31.55 38.83
N ASN G 25 -14.29 32.83 38.49
CA ASN G 25 -15.55 33.56 38.45
C ASN G 25 -15.95 33.99 37.05
N THR G 26 -15.01 34.54 36.26
CA THR G 26 -15.33 34.94 34.90
C THR G 26 -15.60 33.75 33.99
N LEU G 27 -15.06 32.57 34.32
CA LEU G 27 -15.35 31.38 33.52
C LEU G 27 -16.77 30.86 33.75
N THR G 28 -17.40 31.23 34.86
CA THR G 28 -18.78 30.85 35.10
C THR G 28 -19.71 31.52 34.08
N VAL G 29 -19.62 32.84 33.96
CA VAL G 29 -20.43 33.57 32.99
C VAL G 29 -19.93 33.43 31.56
N GLN G 30 -18.74 32.85 31.38
CA GLN G 30 -18.21 32.66 30.02
C GLN G 30 -19.02 31.65 29.24
N ALA G 31 -19.56 30.63 29.91
CA ALA G 31 -20.36 29.59 29.27
C ALA G 31 -21.85 29.89 29.31
N ARG G 32 -22.23 31.16 29.40
CA ARG G 32 -23.63 31.56 29.43
C ARG G 32 -24.23 31.72 28.04
N GLN G 33 -23.60 31.18 27.02
CA GLN G 33 -24.11 31.29 25.65
C GLN G 33 -25.29 30.34 25.44
N LEU G 56 -10.01 2.74 1.35
CA LEU G 56 -8.76 2.07 1.68
C LEU G 56 -8.46 2.15 3.18
N GLN G 57 -8.48 3.37 3.70
CA GLN G 57 -8.23 3.63 5.13
C GLN G 57 -6.86 3.16 5.57
N LEU G 58 -5.91 3.08 4.63
CA LEU G 58 -4.53 2.71 4.93
C LEU G 58 -3.53 3.71 4.37
N GLY G 59 -3.99 4.84 3.84
CA GLY G 59 -3.11 5.84 3.27
C GLY G 59 -2.36 6.63 4.31
N VAL G 60 -1.86 7.79 3.89
CA VAL G 60 -1.10 8.62 4.81
C VAL G 60 -2.01 9.37 5.77
N TRP G 61 -3.24 9.67 5.37
CA TRP G 61 -4.16 10.35 6.28
C TRP G 61 -4.77 9.39 7.28
N GLY G 62 -4.89 8.11 6.93
CA GLY G 62 -5.43 7.14 7.87
C GLY G 62 -4.48 6.83 9.01
N PHE G 63 -3.17 6.84 8.75
CA PHE G 63 -2.21 6.57 9.80
C PHE G 63 -1.95 7.77 10.69
N LYS G 64 -2.16 8.99 10.18
CA LYS G 64 -1.98 10.18 11.01
C LYS G 64 -3.17 10.40 11.94
N GLN G 65 -4.37 10.03 11.51
CA GLN G 65 -5.53 10.13 12.40
C GLN G 65 -5.46 9.10 13.51
N LEU G 66 -5.02 7.87 13.19
CA LEU G 66 -4.81 6.87 14.23
C LEU G 66 -3.68 7.26 15.17
N GLN G 67 -2.66 7.94 14.65
CA GLN G 67 -1.60 8.45 15.51
C GLN G 67 -2.11 9.58 16.40
N ALA G 68 -3.14 10.31 15.96
CA ALA G 68 -3.65 11.41 16.75
C ALA G 68 -4.57 10.94 17.87
N ARG G 69 -5.41 9.92 17.60
CA ARG G 69 -6.32 9.45 18.61
C ARG G 69 -5.59 8.79 19.78
N VAL G 70 -4.41 8.24 19.54
CA VAL G 70 -3.62 7.69 20.63
C VAL G 70 -3.02 8.79 21.48
N LEU G 71 -2.57 9.88 20.83
CA LEU G 71 -2.04 11.02 21.58
C LEU G 71 -3.11 11.73 22.38
N ALA G 72 -4.38 11.62 21.99
CA ALA G 72 -5.45 12.22 22.77
C ALA G 72 -5.71 11.44 24.05
N ILE G 73 -5.74 10.12 23.96
CA ILE G 73 -5.96 9.30 25.15
C ILE G 73 -4.74 9.33 26.05
N GLU G 74 -3.55 9.33 25.46
CA GLU G 74 -2.32 9.34 26.26
C GLU G 74 -2.19 10.63 27.05
N ARG G 75 -2.70 11.74 26.53
CA ARG G 75 -2.62 13.03 27.21
C ARG G 75 -3.77 13.29 28.16
N TYR G 76 -4.85 12.51 28.08
CA TYR G 76 -6.00 12.72 28.95
C TYR G 76 -5.85 11.98 30.27
N LEU G 77 -5.68 10.66 30.23
CA LEU G 77 -5.57 9.90 31.47
C LEU G 77 -4.26 10.18 32.20
N GLU G 78 -3.24 10.68 31.51
CA GLU G 78 -2.02 11.07 32.20
C GLU G 78 -2.30 12.17 33.22
N VAL G 79 -3.18 13.10 32.89
CA VAL G 79 -3.64 14.08 33.88
C VAL G 79 -4.54 13.40 34.89
N GLN G 80 -5.34 12.43 34.45
CA GLN G 80 -6.23 11.73 35.36
C GLN G 80 -5.46 10.78 36.27
N GLN G 81 -4.33 10.24 35.79
CA GLN G 81 -3.54 9.34 36.62
C GLN G 81 -2.79 10.10 37.71
N LEU G 82 -2.43 11.36 37.45
CA LEU G 82 -1.77 12.15 38.47
C LEU G 82 -2.74 12.58 39.57
N LEU G 83 -4.00 12.81 39.22
CA LEU G 83 -4.98 13.21 40.22
C LEU G 83 -5.37 12.05 41.12
N GLY G 84 -5.53 10.86 40.54
CA GLY G 84 -5.94 9.70 41.32
C GLY G 84 -4.94 9.30 42.39
N MET G 85 -3.70 9.74 42.27
CA MET G 85 -2.67 9.44 43.27
C MET G 85 -2.51 10.54 44.31
N TRP G 86 -3.31 11.61 44.23
CA TRP G 86 -3.26 12.71 45.18
C TRP G 86 -4.48 12.75 46.09
N GLY G 87 -5.31 11.70 46.08
CA GLY G 87 -6.51 11.67 46.87
C GLY G 87 -7.72 12.32 46.24
N CYS G 88 -7.55 12.99 45.11
CA CYS G 88 -8.65 13.64 44.39
C CYS G 88 -8.98 12.79 43.17
N SER G 89 -10.09 12.05 43.24
CA SER G 89 -10.47 11.17 42.14
C SER G 89 -10.80 11.97 40.90
N GLY G 90 -11.79 12.86 40.99
CA GLY G 90 -12.18 13.67 39.86
C GLY G 90 -12.59 15.08 40.25
N LYS G 91 -12.29 15.47 41.49
CA LYS G 91 -12.67 16.80 41.95
C LYS G 91 -11.88 17.87 41.20
N LEU G 92 -12.39 19.10 41.30
CA LEU G 92 -11.76 20.24 40.63
C LEU G 92 -10.79 20.97 41.56
N ILE G 93 -11.28 21.45 42.68
CA ILE G 93 -10.48 22.20 43.65
C ILE G 93 -10.52 21.42 44.95
N CYS G 94 -9.51 20.57 45.16
CA CYS G 94 -9.41 19.77 46.37
C CYS G 94 -8.24 20.26 47.22
N CYS G 95 -8.51 20.53 48.48
CA CYS G 95 -7.47 21.01 49.39
C CYS G 95 -6.58 19.85 49.83
N THR G 96 -5.27 20.04 49.75
CA THR G 96 -4.30 19.01 50.08
C THR G 96 -3.61 19.34 51.39
N ASN G 97 -3.48 18.33 52.26
CA ASN G 97 -2.87 18.48 53.58
C ASN G 97 -1.35 18.52 53.44
N VAL G 98 -0.86 19.62 52.88
CA VAL G 98 0.58 19.85 52.72
C VAL G 98 0.88 21.30 53.07
N PRO G 99 1.79 21.57 54.01
CA PRO G 99 2.10 22.95 54.34
C PRO G 99 2.87 23.64 53.22
N TRP G 100 2.48 24.87 52.93
CA TRP G 100 3.10 25.65 51.86
C TRP G 100 4.46 26.13 52.35
N ASN G 101 5.53 25.66 51.70
CA ASN G 101 6.88 26.08 52.06
C ASN G 101 7.09 27.55 51.71
N SER G 102 7.78 28.27 52.58
CA SER G 102 8.02 29.69 52.37
C SER G 102 9.13 29.96 51.36
N SER G 103 9.98 28.98 51.08
CA SER G 103 11.07 29.18 50.14
C SER G 103 10.60 29.20 48.69
N TRP G 104 9.46 28.55 48.38
CA TRP G 104 8.97 28.53 47.01
C TRP G 104 8.41 29.88 46.60
N SER G 105 7.79 30.59 47.53
CA SER G 105 7.19 31.89 47.23
C SER G 105 7.27 32.76 48.48
N ASN G 106 8.04 33.85 48.41
CA ASN G 106 8.15 34.76 49.53
C ASN G 106 6.97 35.72 49.62
N LYS G 107 6.20 35.86 48.55
CA LYS G 107 5.09 36.80 48.54
C LYS G 107 3.93 36.28 49.40
N THR G 108 3.01 37.18 49.72
CA THR G 108 1.89 36.87 50.58
C THR G 108 0.79 36.17 49.79
N TYR G 109 -0.38 36.01 50.40
CA TYR G 109 -1.49 35.32 49.77
C TYR G 109 -2.43 36.27 49.03
N ASN G 110 -2.65 37.47 49.57
CA ASN G 110 -3.56 38.41 48.93
C ASN G 110 -2.97 38.99 47.66
N GLU G 111 -1.65 39.12 47.58
CA GLU G 111 -1.01 39.71 46.41
C GLU G 111 -1.02 38.76 45.22
N ILE G 112 -0.89 37.45 45.45
CA ILE G 112 -0.77 36.50 44.35
C ILE G 112 -2.06 36.44 43.55
N TRP G 113 -3.20 36.34 44.24
CA TRP G 113 -4.47 36.11 43.55
C TRP G 113 -5.00 37.36 42.84
N ASP G 114 -4.42 38.53 43.08
CA ASP G 114 -4.91 39.76 42.46
C ASP G 114 -3.85 40.56 41.73
N ASN G 115 -2.61 40.07 41.64
CA ASN G 115 -1.55 40.79 40.95
C ASN G 115 -0.70 39.85 40.11
N MET G 116 -1.28 38.73 39.67
CA MET G 116 -0.55 37.74 38.88
C MET G 116 -1.53 37.12 37.89
N THR G 117 -1.06 36.10 37.18
CA THR G 117 -1.91 35.32 36.28
C THR G 117 -1.39 33.90 36.24
N TRP G 118 -2.22 32.99 35.73
CA TRP G 118 -1.88 31.57 35.77
C TRP G 118 -0.70 31.24 34.86
N MET G 119 -0.52 32.00 33.78
CA MET G 119 0.60 31.74 32.88
C MET G 119 1.92 32.21 33.49
N GLN G 120 1.90 33.36 34.18
CA GLN G 120 3.11 33.83 34.85
C GLN G 120 3.43 33.00 36.09
N TRP G 121 2.44 32.32 36.66
CA TRP G 121 2.69 31.49 37.84
C TRP G 121 3.55 30.29 37.50
N ASP G 122 3.33 29.70 36.33
CA ASP G 122 4.13 28.54 35.92
C ASP G 122 5.58 28.91 35.65
N ARG G 123 5.84 30.15 35.22
CA ARG G 123 7.19 30.58 34.95
C ARG G 123 8.01 30.81 36.22
N GLU G 124 7.37 30.82 37.39
CA GLU G 124 8.05 31.08 38.65
C GLU G 124 8.11 29.86 39.55
N ILE G 125 6.98 29.21 39.80
CA ILE G 125 6.95 28.06 40.69
C ILE G 125 7.05 26.73 39.94
N GLY G 126 6.83 26.73 38.63
CA GLY G 126 6.86 25.51 37.85
C GLY G 126 8.21 24.81 37.82
N ASN G 127 9.27 25.46 38.30
CA ASN G 127 10.58 24.83 38.33
C ASN G 127 10.73 23.86 39.50
N TYR G 128 9.87 23.96 40.51
CA TYR G 128 9.85 23.03 41.64
C TYR G 128 8.81 21.94 41.47
N THR G 129 8.50 21.58 40.23
CA THR G 129 7.43 20.61 39.96
C THR G 129 7.85 19.17 40.24
N ASP G 130 9.11 18.92 40.55
CA ASP G 130 9.55 17.55 40.82
C ASP G 130 9.26 17.15 42.26
N THR G 131 9.72 17.95 43.22
CA THR G 131 9.51 17.65 44.63
C THR G 131 8.09 17.95 45.09
N ILE G 132 7.33 18.74 44.33
CA ILE G 132 5.96 19.06 44.72
C ILE G 132 4.97 18.00 44.26
N TYR G 133 5.34 17.16 43.29
CA TYR G 133 4.46 16.09 42.85
C TYR G 133 4.67 14.80 43.64
N LYS G 134 5.81 14.66 44.33
CA LYS G 134 6.03 13.53 45.20
C LYS G 134 5.63 13.82 46.64
N LEU G 135 5.63 15.10 47.04
CA LEU G 135 5.22 15.45 48.40
C LEU G 135 3.72 15.22 48.59
N LEU G 136 2.93 15.48 47.55
CA LEU G 136 1.50 15.18 47.64
C LEU G 136 1.24 13.68 47.67
N GLU G 137 2.17 12.89 47.13
CA GLU G 137 2.00 11.45 47.13
C GLU G 137 2.21 10.87 48.52
N VAL G 138 3.30 11.24 49.18
CA VAL G 138 3.59 10.71 50.51
C VAL G 138 2.56 11.21 51.52
N SER G 139 2.11 12.46 51.36
CA SER G 139 1.10 13.00 52.26
C SER G 139 -0.27 12.37 52.06
N GLN G 140 -0.48 11.63 50.98
CA GLN G 140 -1.73 10.91 50.75
C GLN G 140 -1.59 9.41 50.94
N PHE G 141 -0.45 8.83 50.53
CA PHE G 141 -0.27 7.39 50.70
C PHE G 141 -0.13 7.03 52.17
N GLN G 142 0.64 7.81 52.93
CA GLN G 142 0.74 7.57 54.37
C GLN G 142 -0.57 7.88 55.07
N GLN G 143 -1.33 8.86 54.59
CA GLN G 143 -2.62 9.15 55.17
C GLN G 143 -3.63 8.04 54.89
N GLU G 144 -3.42 7.28 53.81
CA GLU G 144 -4.34 6.20 53.48
C GLU G 144 -4.25 5.07 54.50
N ILE G 145 -3.03 4.62 54.81
CA ILE G 145 -2.86 3.57 55.80
C ILE G 145 -3.08 4.08 57.21
N ASN G 146 -3.00 5.40 57.42
CA ASN G 146 -3.25 5.96 58.74
C ASN G 146 -4.73 5.95 59.09
N GLU G 147 -5.61 5.74 58.12
CA GLU G 147 -7.04 5.68 58.35
C GLU G 147 -7.63 4.32 58.00
N LYS G 148 -7.38 3.82 56.80
CA LYS G 148 -7.95 2.55 56.38
C LYS G 148 -7.26 1.38 57.07
N ASP G 149 -5.93 1.37 57.07
CA ASP G 149 -5.18 0.30 57.71
C ASP G 149 -5.12 0.44 59.22
N ASN G 150 -5.53 1.59 59.77
CA ASN G 150 -5.55 1.73 61.22
C ASN G 150 -6.69 0.94 61.85
N LEU G 151 -7.78 0.73 61.09
CA LEU G 151 -8.91 -0.07 61.58
C LEU G 151 -8.53 -1.54 61.49
N THR G 152 -7.81 -2.00 62.50
CA THR G 152 -7.34 -3.38 62.55
C THR G 152 -8.49 -4.35 62.74
N GLY H 4 4.08 9.26 34.47
CA GLY H 4 4.58 8.12 33.73
C GLY H 4 3.91 6.82 34.11
N LEU H 5 3.22 6.20 33.14
CA LEU H 5 2.52 4.95 33.41
C LEU H 5 3.50 3.80 33.62
N GLY H 6 4.69 3.88 33.02
CA GLY H 6 5.66 2.80 33.16
C GLY H 6 6.41 2.83 34.47
N ALA H 7 6.72 4.02 34.99
CA ALA H 7 7.47 4.13 36.23
C ALA H 7 6.63 3.90 37.47
N VAL H 8 5.31 3.84 37.34
CA VAL H 8 4.45 3.61 38.50
C VAL H 8 4.13 2.13 38.68
N PHE H 9 4.05 1.36 37.59
CA PHE H 9 3.79 -0.07 37.70
C PHE H 9 5.03 -0.84 38.11
N LEU H 10 6.22 -0.25 38.00
CA LEU H 10 7.43 -0.90 38.46
C LEU H 10 7.65 -0.74 39.95
N GLY H 11 7.16 0.36 40.53
CA GLY H 11 7.31 0.58 41.95
C GLY H 11 6.50 -0.39 42.79
N PHE H 12 5.38 -0.89 42.24
CA PHE H 12 4.59 -1.87 42.97
C PHE H 12 5.32 -3.19 43.13
N LEU H 13 6.19 -3.53 42.18
CA LEU H 13 6.91 -4.79 42.21
C LEU H 13 8.06 -4.80 43.21
N GLY H 14 8.40 -3.65 43.79
CA GLY H 14 9.48 -3.61 44.75
C GLY H 14 9.13 -4.37 46.03
N ALA H 15 10.17 -4.93 46.65
CA ALA H 15 10.03 -5.70 47.89
C ALA H 15 9.05 -6.87 47.70
N ALA H 16 9.18 -7.58 46.58
CA ALA H 16 8.30 -8.70 46.28
C ALA H 16 8.58 -9.93 47.13
N GLY H 17 9.60 -9.90 47.99
CA GLY H 17 9.91 -11.03 48.83
C GLY H 17 9.51 -10.83 50.27
N SER H 18 9.08 -9.62 50.62
CA SER H 18 8.69 -9.32 51.97
C SER H 18 7.32 -9.91 52.28
N THR H 19 7.00 -9.96 53.57
CA THR H 19 5.72 -10.49 54.01
C THR H 19 4.60 -9.50 53.69
N MET H 20 3.36 -9.99 53.79
CA MET H 20 2.21 -9.14 53.49
C MET H 20 2.01 -8.07 54.54
N GLY H 21 2.45 -8.31 55.78
CA GLY H 21 2.28 -7.35 56.84
C GLY H 21 3.24 -6.18 56.81
N ALA H 22 4.41 -6.36 56.19
CA ALA H 22 5.41 -5.31 56.10
C ALA H 22 5.42 -4.60 54.75
N ALA H 23 4.73 -5.14 53.75
CA ALA H 23 4.69 -4.50 52.44
C ALA H 23 3.88 -3.22 52.44
N SER H 24 2.94 -3.08 53.38
CA SER H 24 2.12 -1.87 53.44
C SER H 24 2.91 -0.65 53.90
N ASN H 25 4.06 -0.86 54.55
CA ASN H 25 4.89 0.23 55.04
C ASN H 25 6.26 0.31 54.39
N THR H 26 6.65 -0.70 53.61
CA THR H 26 7.96 -0.66 52.95
C THR H 26 7.95 0.30 51.77
N LEU H 27 6.81 0.43 51.07
CA LEU H 27 6.74 1.33 49.93
C LEU H 27 6.88 2.79 50.32
N THR H 28 6.72 3.13 51.60
CA THR H 28 6.87 4.51 52.02
C THR H 28 8.34 4.93 52.05
N VAL H 29 9.22 4.06 52.57
CA VAL H 29 10.62 4.41 52.67
C VAL H 29 11.35 4.29 51.34
N GLN H 30 10.76 3.62 50.35
CA GLN H 30 11.37 3.51 49.03
C GLN H 30 10.99 4.65 48.10
N ALA H 31 9.90 5.34 48.38
CA ALA H 31 9.48 6.49 47.57
C ALA H 31 9.89 7.82 48.18
N ARG H 32 10.44 7.83 49.39
CA ARG H 32 10.86 9.08 50.00
C ARG H 32 12.11 9.63 49.33
N GLN H 33 13.10 8.78 49.08
CA GLN H 33 14.31 9.25 48.41
C GLN H 33 14.07 9.57 46.94
N LEU H 34 13.05 8.96 46.34
CA LEU H 34 12.73 9.21 44.94
C LEU H 34 11.87 10.45 44.77
N GLN H 57 8.06 7.02 9.49
CA GLN H 57 7.02 6.92 10.50
C GLN H 57 6.19 5.65 10.30
N LEU H 58 6.56 4.85 9.30
CA LEU H 58 5.87 3.61 9.00
C LEU H 58 6.82 2.41 9.03
N GLY H 59 7.98 2.56 9.64
CA GLY H 59 8.95 1.48 9.71
C GLY H 59 8.52 0.40 10.68
N VAL H 60 9.34 -0.66 10.74
CA VAL H 60 9.04 -1.76 11.64
C VAL H 60 9.19 -1.32 13.09
N TRP H 61 10.08 -0.38 13.37
CA TRP H 61 10.24 0.15 14.72
C TRP H 61 9.29 1.30 15.01
N GLY H 62 8.69 1.90 13.98
CA GLY H 62 7.68 2.93 14.18
C GLY H 62 6.28 2.41 14.36
N PHE H 63 6.07 1.12 14.18
CA PHE H 63 4.76 0.50 14.37
C PHE H 63 4.67 -0.27 15.67
N LYS H 64 5.73 -0.97 16.08
CA LYS H 64 5.71 -1.68 17.34
C LYS H 64 5.62 -0.72 18.52
N GLN H 65 6.14 0.49 18.37
CA GLN H 65 5.98 1.50 19.41
C GLN H 65 4.52 1.95 19.52
N LEU H 66 3.84 2.09 18.38
CA LEU H 66 2.43 2.44 18.41
C LEU H 66 1.59 1.28 18.96
N GLN H 67 1.94 0.05 18.59
CA GLN H 67 1.22 -1.11 19.10
C GLN H 67 1.48 -1.35 20.58
N ALA H 68 2.54 -0.76 21.13
CA ALA H 68 2.83 -0.90 22.55
C ALA H 68 2.14 0.16 23.40
N ARG H 69 1.99 1.38 22.89
CA ARG H 69 1.31 2.42 23.65
C ARG H 69 -0.18 2.10 23.79
N VAL H 70 -0.80 1.57 22.75
CA VAL H 70 -2.20 1.19 22.85
C VAL H 70 -2.37 0.00 23.78
N LEU H 71 -1.35 -0.88 23.84
CA LEU H 71 -1.42 -2.01 24.77
C LEU H 71 -1.17 -1.55 26.20
N ALA H 72 -0.40 -0.47 26.38
CA ALA H 72 -0.19 0.06 27.72
C ALA H 72 -1.45 0.69 28.27
N ILE H 73 -2.19 1.43 27.43
CA ILE H 73 -3.45 2.04 27.87
C ILE H 73 -4.48 0.96 28.14
N GLU H 74 -4.51 -0.08 27.30
CA GLU H 74 -5.47 -1.17 27.49
C GLU H 74 -5.23 -1.94 28.78
N ARG H 75 -4.01 -1.89 29.32
CA ARG H 75 -3.71 -2.57 30.58
C ARG H 75 -3.89 -1.69 31.79
N TYR H 76 -3.77 -0.36 31.63
CA TYR H 76 -3.93 0.52 32.77
C TYR H 76 -5.40 0.66 33.17
N LEU H 77 -6.27 1.02 32.23
CA LEU H 77 -7.67 1.22 32.56
C LEU H 77 -8.38 -0.11 32.84
N GLU H 78 -7.86 -1.23 32.32
CA GLU H 78 -8.48 -2.52 32.61
C GLU H 78 -8.41 -2.82 34.11
N VAL H 79 -7.27 -2.57 34.73
CA VAL H 79 -7.16 -2.72 36.18
C VAL H 79 -7.80 -1.55 36.91
N GLN H 80 -8.10 -0.46 36.20
CA GLN H 80 -8.78 0.68 36.80
C GLN H 80 -10.29 0.60 36.66
N GLN H 81 -10.78 0.17 35.49
CA GLN H 81 -12.21 -0.02 35.31
C GLN H 81 -12.72 -1.19 36.14
N LEU H 82 -11.88 -2.21 36.36
CA LEU H 82 -12.28 -3.32 37.21
C LEU H 82 -12.49 -2.87 38.65
N LEU H 83 -11.73 -1.87 39.10
CA LEU H 83 -11.94 -1.33 40.43
C LEU H 83 -13.26 -0.57 40.52
N GLY H 84 -13.53 0.29 39.55
CA GLY H 84 -14.70 1.15 39.57
C GLY H 84 -16.03 0.42 39.59
N MET H 85 -16.03 -0.89 39.37
CA MET H 85 -17.28 -1.64 39.40
C MET H 85 -17.78 -1.87 40.82
N TRP H 86 -16.88 -2.02 41.80
CA TRP H 86 -17.28 -2.26 43.19
C TRP H 86 -16.70 -1.15 44.07
N GLY H 87 -17.41 -0.02 44.12
CA GLY H 87 -17.13 1.00 45.12
C GLY H 87 -15.83 1.75 44.96
N CYS H 88 -14.72 1.01 44.95
CA CYS H 88 -13.39 1.61 45.03
C CYS H 88 -12.99 2.16 43.66
N SER H 89 -12.70 3.46 43.61
CA SER H 89 -12.24 4.09 42.38
C SER H 89 -10.90 4.80 42.53
N GLY H 90 -10.66 5.45 43.67
CA GLY H 90 -9.42 6.16 43.87
C GLY H 90 -8.70 5.77 45.15
N LYS H 91 -9.24 4.79 45.86
CA LYS H 91 -8.64 4.32 47.09
C LYS H 91 -7.69 3.16 46.84
N LEU H 92 -6.94 2.79 47.88
CA LEU H 92 -5.96 1.72 47.79
C LEU H 92 -6.19 0.62 48.81
N ILE H 93 -6.61 0.96 50.03
CA ILE H 93 -6.79 -0.04 51.09
C ILE H 93 -8.26 -0.09 51.45
N CYS H 94 -9.12 0.11 50.46
CA CYS H 94 -10.55 0.14 50.70
C CYS H 94 -11.06 -1.25 51.09
N CYS H 95 -12.09 -1.26 51.94
CA CYS H 95 -12.68 -2.49 52.44
C CYS H 95 -14.02 -2.75 51.74
N THR H 96 -14.38 -4.02 51.64
CA THR H 96 -15.61 -4.44 50.99
C THR H 96 -16.48 -5.16 52.02
N ASN H 97 -17.78 -5.23 51.73
CA ASN H 97 -18.77 -5.79 52.65
C ASN H 97 -19.16 -7.23 52.28
N VAL H 98 -18.20 -8.02 51.84
CA VAL H 98 -18.41 -9.44 51.53
C VAL H 98 -17.86 -10.27 52.67
N PRO H 99 -18.65 -11.19 53.24
CA PRO H 99 -18.12 -12.02 54.33
C PRO H 99 -17.11 -13.02 53.82
N TRP H 100 -15.98 -13.11 54.52
CA TRP H 100 -14.91 -14.00 54.10
C TRP H 100 -15.30 -15.45 54.37
N ASN H 101 -15.21 -16.29 53.34
CA ASN H 101 -15.56 -17.70 53.46
C ASN H 101 -14.47 -18.46 54.22
N SER H 102 -14.75 -19.73 54.48
CA SER H 102 -13.79 -20.63 55.10
C SER H 102 -13.34 -21.73 54.16
N SER H 103 -13.84 -21.74 52.91
CA SER H 103 -13.44 -22.75 51.95
C SER H 103 -12.32 -22.28 51.03
N TRP H 104 -12.25 -20.98 50.76
CA TRP H 104 -11.17 -20.46 49.91
C TRP H 104 -9.83 -20.52 50.63
N SER H 105 -9.80 -20.15 51.90
CA SER H 105 -8.58 -20.21 52.69
C SER H 105 -8.97 -20.43 54.15
N ASN H 106 -8.51 -21.55 54.72
CA ASN H 106 -8.84 -21.93 56.09
C ASN H 106 -7.67 -21.67 57.04
N LYS H 107 -6.94 -20.59 56.83
CA LYS H 107 -5.81 -20.24 57.67
C LYS H 107 -6.14 -19.02 58.54
N THR H 108 -5.45 -18.92 59.67
CA THR H 108 -5.70 -17.83 60.59
C THR H 108 -5.10 -16.53 60.07
N TYR H 109 -5.44 -15.43 60.75
CA TYR H 109 -4.94 -14.12 60.36
C TYR H 109 -3.48 -13.93 60.76
N ASN H 110 -3.01 -14.65 61.78
CA ASN H 110 -1.64 -14.49 62.24
C ASN H 110 -0.64 -15.14 61.29
N GLU H 111 -1.07 -16.09 60.47
CA GLU H 111 -0.16 -16.77 59.56
C GLU H 111 -0.19 -16.19 58.14
N ILE H 112 -1.32 -15.64 57.72
CA ILE H 112 -1.43 -15.11 56.36
C ILE H 112 -0.63 -13.82 56.21
N TRP H 113 -0.78 -12.91 57.16
CA TRP H 113 -0.19 -11.57 57.07
C TRP H 113 1.18 -11.47 57.73
N ASP H 114 1.74 -12.58 58.21
CA ASP H 114 3.02 -12.53 58.90
C ASP H 114 4.03 -13.59 58.45
N ASN H 115 3.60 -14.62 57.71
CA ASN H 115 4.51 -15.69 57.33
C ASN H 115 4.29 -16.13 55.89
N MET H 116 3.88 -15.22 55.01
CA MET H 116 3.63 -15.57 53.62
C MET H 116 3.73 -14.32 52.77
N THR H 117 4.41 -14.42 51.63
CA THR H 117 4.53 -13.30 50.72
C THR H 117 3.27 -13.20 49.85
N TRP H 118 3.18 -12.10 49.10
CA TRP H 118 1.98 -11.86 48.31
C TRP H 118 1.92 -12.78 47.10
N MET H 119 3.07 -13.06 46.48
CA MET H 119 3.08 -13.94 45.32
C MET H 119 2.66 -15.36 45.70
N GLN H 120 3.06 -15.81 46.90
CA GLN H 120 2.66 -17.14 47.35
C GLN H 120 1.20 -17.18 47.74
N TRP H 121 0.63 -16.06 48.16
CA TRP H 121 -0.78 -16.05 48.57
C TRP H 121 -1.70 -16.16 47.36
N ASP H 122 -1.33 -15.54 46.24
CA ASP H 122 -2.16 -15.61 45.04
C ASP H 122 -2.11 -16.98 44.37
N ARG H 123 -1.16 -17.84 44.75
CA ARG H 123 -1.13 -19.20 44.24
C ARG H 123 -2.09 -20.11 44.98
N GLU H 124 -2.57 -19.70 46.15
CA GLU H 124 -3.50 -20.50 46.93
C GLU H 124 -4.96 -20.25 46.55
N ILE H 125 -5.33 -18.98 46.37
CA ILE H 125 -6.69 -18.63 46.00
C ILE H 125 -6.82 -18.38 44.50
N GLY H 126 -5.87 -18.86 43.71
CA GLY H 126 -5.89 -18.64 42.27
C GLY H 126 -7.09 -19.26 41.58
N ASN H 127 -7.70 -20.27 42.19
CA ASN H 127 -8.89 -20.90 41.62
C ASN H 127 -10.17 -20.17 41.99
N TYR H 128 -10.19 -19.50 43.14
CA TYR H 128 -11.36 -18.73 43.56
C TYR H 128 -11.19 -17.26 43.17
N THR H 129 -11.14 -17.03 41.86
CA THR H 129 -10.98 -15.68 41.31
C THR H 129 -12.23 -15.19 40.61
N ASP H 130 -12.77 -15.95 39.67
CA ASP H 130 -13.99 -15.53 38.98
C ASP H 130 -15.19 -15.53 39.91
N THR H 131 -15.19 -16.41 40.92
CA THR H 131 -16.26 -16.44 41.89
C THR H 131 -16.18 -15.29 42.89
N ILE H 132 -15.03 -14.63 42.98
CA ILE H 132 -14.88 -13.50 43.90
C ILE H 132 -15.18 -12.18 43.21
N TYR H 133 -14.63 -11.97 42.01
CA TYR H 133 -14.89 -10.73 41.29
C TYR H 133 -16.36 -10.57 40.97
N LYS H 134 -17.07 -11.66 40.73
CA LYS H 134 -18.52 -11.58 40.52
C LYS H 134 -19.24 -11.31 41.83
N LEU H 135 -18.73 -11.82 42.95
CA LEU H 135 -19.37 -11.56 44.24
C LEU H 135 -19.12 -10.14 44.71
N LEU H 136 -18.00 -9.53 44.31
CA LEU H 136 -17.73 -8.15 44.70
C LEU H 136 -18.63 -7.18 43.95
N GLU H 137 -19.02 -7.52 42.72
CA GLU H 137 -19.85 -6.61 41.93
C GLU H 137 -21.28 -6.58 42.45
N VAL H 138 -21.88 -7.75 42.68
CA VAL H 138 -23.26 -7.79 43.14
C VAL H 138 -23.38 -7.27 44.56
N SER H 139 -22.30 -7.34 45.34
CA SER H 139 -22.32 -6.82 46.70
C SER H 139 -22.24 -5.30 46.75
N GLN H 140 -21.90 -4.65 45.64
CA GLN H 140 -21.87 -3.20 45.56
C GLN H 140 -23.03 -2.61 44.76
N PHE H 141 -23.41 -3.25 43.66
CA PHE H 141 -24.58 -2.79 42.92
C PHE H 141 -25.84 -2.91 43.76
N GLN H 142 -25.94 -3.94 44.60
CA GLN H 142 -27.10 -4.07 45.48
C GLN H 142 -27.13 -2.96 46.53
N GLN H 143 -25.96 -2.40 46.87
CA GLN H 143 -25.93 -1.32 47.84
C GLN H 143 -26.54 -0.05 47.28
N GLU H 144 -26.33 0.22 45.99
CA GLU H 144 -26.88 1.43 45.38
C GLU H 144 -28.39 1.36 45.30
N ILE H 145 -28.96 0.17 45.10
CA ILE H 145 -30.41 0.05 45.02
C ILE H 145 -31.06 0.32 46.36
N ASN H 146 -30.46 -0.20 47.44
CA ASN H 146 -31.01 0.05 48.77
C ASN H 146 -30.76 1.48 49.23
N GLU H 147 -29.65 2.08 48.80
CA GLU H 147 -29.35 3.44 49.22
C GLU H 147 -30.26 4.46 48.56
N LYS H 148 -30.51 4.31 47.27
CA LYS H 148 -31.35 5.26 46.54
C LYS H 148 -32.84 5.02 46.75
N ASP H 149 -33.22 3.93 47.40
CA ASP H 149 -34.62 3.68 47.73
C ASP H 149 -34.99 4.23 49.11
N ASN H 150 -34.06 4.90 49.79
CA ASN H 150 -34.34 5.53 51.07
C ASN H 150 -35.17 6.80 50.95
N LEU H 151 -35.42 7.27 49.72
CA LEU H 151 -36.21 8.47 49.50
C LEU H 151 -37.66 8.18 49.13
N THR H 152 -37.94 7.00 48.56
CA THR H 152 -39.29 6.64 48.18
C THR H 152 -40.15 6.31 49.40
C1 NAG I . 5.11 -25.33 -34.63
C2 NAG I . 5.72 -24.75 -35.90
C3 NAG I . 5.71 -25.79 -37.01
C4 NAG I . 6.39 -27.08 -36.55
C5 NAG I . 5.75 -27.57 -35.25
C6 NAG I . 6.45 -28.77 -34.66
C7 NAG I . 5.66 -22.44 -36.70
C8 NAG I . 4.78 -21.29 -37.09
N2 NAG I . 5.03 -23.55 -36.31
O3 NAG I . 6.39 -25.28 -38.15
O4 NAG I . 6.24 -28.08 -37.55
O5 NAG I . 5.81 -26.53 -34.26
O6 NAG I . 7.86 -28.61 -34.67
O7 NAG I . 6.88 -22.36 -36.73
C1 NAG I . 7.54 -28.42 -38.08
C2 NAG I . 7.35 -29.36 -39.27
C3 NAG I . 8.70 -29.70 -39.90
C4 NAG I . 9.47 -28.43 -40.24
C5 NAG I . 9.57 -27.53 -39.01
C6 NAG I . 10.22 -26.20 -39.30
C7 NAG I . 5.33 -30.74 -39.07
C8 NAG I . 4.77 -32.05 -38.61
N2 NAG I . 6.64 -30.56 -38.88
O3 NAG I . 8.49 -30.47 -41.07
O4 NAG I . 10.77 -28.76 -40.69
O5 NAG I . 8.26 -27.25 -38.49
O6 NAG I . 11.50 -26.37 -39.88
O7 NAG I . 4.63 -29.89 -39.60
C1 NAG J . 3.31 -32.30 -26.51
C2 NAG J . 3.22 -33.81 -26.32
C3 NAG J . 4.55 -34.36 -25.79
C4 NAG J . 5.70 -33.92 -26.69
C5 NAG J . 5.68 -32.41 -26.88
C6 NAG J . 6.71 -31.91 -27.87
C7 NAG J . 0.88 -34.36 -25.82
C8 NAG J . -0.11 -34.71 -24.76
N2 NAG J . 2.14 -34.15 -25.42
O3 NAG J . 4.49 -35.77 -25.74
O4 NAG J . 6.94 -34.29 -26.08
O5 NAG J . 4.40 -32.00 -27.39
O6 NAG J . 6.10 -31.27 -28.98
O7 NAG J . 0.56 -34.28 -27.01
C1 NAG J . 7.62 -35.25 -26.91
C2 NAG J . 9.12 -35.08 -26.69
C3 NAG J . 9.90 -36.11 -27.50
C4 NAG J . 9.38 -37.52 -27.21
C5 NAG J . 7.88 -37.59 -27.41
C6 NAG J . 7.29 -38.92 -27.02
C7 NAG J . 10.06 -32.89 -26.11
C8 NAG J . 10.45 -31.54 -26.63
N2 NAG J . 9.56 -33.74 -27.01
O3 NAG J . 11.28 -36.02 -27.19
O4 NAG J . 10.02 -38.45 -28.07
O5 NAG J . 7.24 -36.59 -26.59
O6 NAG J . 8.21 -39.98 -27.24
O7 NAG J . 10.18 -33.19 -24.93
C1 NAG K . 12.65 -19.99 -30.77
C2 NAG K . 11.97 -19.63 -32.09
C3 NAG K . 12.59 -20.42 -33.24
C4 NAG K . 14.10 -20.26 -33.25
C5 NAG K . 14.68 -20.57 -31.87
C6 NAG K . 16.16 -20.31 -31.78
C7 NAG K . 9.64 -19.18 -32.73
C8 NAG K . 8.21 -19.56 -32.53
N2 NAG K . 10.53 -19.87 -32.02
O3 NAG K . 12.02 -19.96 -34.47
O4 NAG K . 14.69 -21.14 -34.19
O5 NAG K . 14.04 -19.76 -30.87
O6 NAG K . 16.74 -21.05 -30.71
O7 NAG K . 9.98 -18.30 -33.51
C1 NAG K . 14.85 -20.54 -35.50
C2 NAG K . 16.32 -20.23 -35.77
C3 NAG K . 16.50 -19.69 -37.20
C4 NAG K . 15.88 -20.65 -38.20
C5 NAG K . 14.43 -20.92 -37.84
C6 NAG K . 13.79 -21.95 -38.74
C7 NAG K . 16.41 -18.03 -34.63
C8 NAG K . 17.11 -17.23 -33.58
N2 NAG K . 16.86 -19.29 -34.80
O3 NAG K . 17.88 -19.52 -37.47
O4 NAG K . 15.95 -20.09 -39.51
O5 NAG K . 14.35 -21.45 -36.50
O6 NAG K . 14.46 -23.21 -38.66
O7 NAG K . 15.49 -17.56 -35.30
C1 NAG L . -7.24 -7.71 -26.25
C2 NAG L . -8.17 -6.75 -26.99
C3 NAG L . -9.58 -7.32 -27.06
C4 NAG L . -9.57 -8.72 -27.65
C5 NAG L . -8.57 -9.61 -26.89
C6 NAG L . -8.40 -10.97 -27.51
C7 NAG L . -7.33 -4.47 -26.69
C8 NAG L . -7.48 -3.18 -25.93
N2 NAG L . -8.18 -5.44 -26.35
O3 NAG L . -10.40 -6.47 -27.85
O4 NAG L . -10.86 -9.29 -27.57
O5 NAG L . -7.27 -9.00 -26.88
O6 NAG L . -7.08 -11.16 -28.00
O7 NAG L . -6.48 -4.61 -27.56
C1 NAG L . -11.37 -9.52 -28.91
C2 NAG L . -12.75 -10.18 -28.79
C3 NAG L . -13.35 -10.39 -30.17
C4 NAG L . -13.36 -9.09 -30.97
C5 NAG L . -11.95 -8.48 -30.98
C6 NAG L . -11.91 -7.11 -31.64
C7 NAG L . -11.98 -12.50 -28.42
C8 NAG L . -12.06 -13.69 -27.50
N2 NAG L . -12.70 -11.42 -28.04
O3 NAG L . -14.68 -10.88 -30.05
O4 NAG L . -13.76 -9.34 -32.31
O5 NAG L . -11.48 -8.30 -29.63
O6 NAG L . -11.06 -6.22 -30.93
O7 NAG L . -11.31 -12.52 -29.45
C1 BMA L . -15.06 -8.74 -32.54
C2 BMA L . -15.52 -9.17 -33.96
C3 BMA L . -16.96 -8.73 -34.21
C4 BMA L . -17.88 -9.12 -33.04
C5 BMA L . -17.30 -8.57 -31.72
C6 BMA L . -18.13 -8.92 -30.51
O2 BMA L . -15.50 -10.59 -34.09
O3 BMA L . -17.48 -9.28 -35.42
O4 BMA L . -19.18 -8.59 -33.23
O5 BMA L . -15.99 -9.13 -31.54
O6 BMA L . -17.63 -8.20 -29.39
C1 NAG M . -42.41 -12.64 11.89
C2 NAG M . -43.38 -13.32 12.85
C3 NAG M . -44.83 -13.08 12.42
C4 NAG M . -45.09 -11.59 12.27
C5 NAG M . -44.08 -10.98 11.30
C6 NAG M . -44.20 -9.49 11.16
C7 NAG M . -43.03 -15.41 14.10
C8 NAG M . -43.23 -14.60 15.35
N2 NAG M . -43.12 -14.75 12.95
O3 NAG M . -45.70 -13.62 13.40
O4 NAG M . -46.42 -11.32 11.85
O5 NAG M . -42.74 -11.25 11.77
O6 NAG M . -43.25 -8.81 11.97
O7 NAG M . -42.81 -16.62 14.14
C1 NAG M . -46.81 -11.97 10.62
C2 NAG M . -48.31 -12.24 10.69
C3 NAG M . -48.81 -12.86 9.38
C4 NAG M . -48.40 -12.00 8.20
C5 NAG M . -46.90 -11.76 8.22
C6 NAG M . -46.43 -10.82 7.13
C7 NAG M . -48.23 -14.36 11.98
C8 NAG M . -48.71 -15.04 13.22
N2 NAG M . -48.65 -13.10 11.83
O3 NAG M . -50.24 -12.98 9.43
O4 NAG M . -48.76 -12.64 6.98
O5 NAG M . -46.53 -11.16 9.48
O6 NAG M . -47.48 -9.98 6.69
O7 NAG M . -47.51 -14.91 11.17
C1 NAG N . -37.13 -16.48 19.85
C2 NAG N . -37.79 -17.85 19.68
C3 NAG N . -37.32 -18.80 20.77
C4 NAG N . -35.81 -18.86 20.82
C5 NAG N . -35.22 -17.45 20.92
C6 NAG N . -33.71 -17.43 20.83
C7 NAG N . -39.95 -17.49 18.57
C8 NAG N . -41.44 -17.40 18.77
N2 NAG N . -39.24 -17.72 19.69
O3 NAG N . -37.86 -20.09 20.53
O4 NAG N . -35.39 -19.62 21.95
O5 NAG N . -35.71 -16.64 19.85
O6 NAG N . -33.27 -17.79 19.52
O7 NAG N . -39.43 -17.36 17.47
C1 NAG N . -34.70 -20.80 21.52
C2 NAG N . -33.94 -21.37 22.73
C3 NAG N . -33.22 -22.66 22.34
C4 NAG N . -34.19 -23.64 21.70
C5 NAG N . -34.94 -22.98 20.55
C6 NAG N . -36.01 -23.86 19.95
C7 NAG N . -31.97 -19.87 22.63
C8 NAG N . -31.14 -18.89 23.40
N2 NAG N . -33.01 -20.40 23.29
O3 NAG N . -32.63 -23.24 23.50
O4 NAG N . -33.50 -24.78 21.22
O5 NAG N . -35.60 -21.79 21.01
O6 NAG N . -36.72 -24.56 20.96
O7 NAG N . -31.71 -20.16 21.47
C1 NAG O . -18.43 -27.48 0.87
C2 NAG O . -17.08 -27.14 0.24
C3 NAG O . -16.39 -28.40 -0.26
C4 NAG O . -16.29 -29.43 0.86
C5 NAG O . -17.67 -29.70 1.45
C6 NAG O . -17.63 -30.62 2.64
C7 NAG O . -16.23 -25.45 -1.33
C8 NAG O . -16.58 -24.51 -2.44
N2 NAG O . -17.24 -26.18 -0.84
O3 NAG O . -15.09 -28.08 -0.74
O4 NAG O . -15.75 -30.65 0.35
O5 NAG O . -18.24 -28.46 1.91
O6 NAG O . -16.53 -30.32 3.49
O7 NAG O . -15.09 -25.55 -0.90
C1 NAG O . -14.44 -30.85 0.91
C2 NAG O . -13.95 -32.25 0.57
C3 NAG O . -12.54 -32.48 1.11
C4 NAG O . -11.60 -31.37 0.64
C5 NAG O . -12.19 -30.00 0.95
C6 NAG O . -11.38 -28.87 0.38
C7 NAG O . -15.16 -33.47 2.36
C8 NAG O . -16.12 -34.58 2.65
N2 NAG O . -14.87 -33.27 1.07
O3 NAG O . -12.07 -33.75 0.67
O4 NAG O . -10.36 -31.50 1.31
O5 NAG O . -13.50 -29.88 0.40
O6 NAG O . -10.07 -28.82 0.95
O7 NAG O . -14.65 -32.79 3.26
C1 BMA O . -9.36 -32.05 0.41
C2 BMA O . -7.98 -31.55 0.89
C3 BMA O . -6.87 -32.26 0.09
C4 BMA O . -7.08 -33.77 0.08
C5 BMA O . -8.47 -34.10 -0.46
C6 BMA O . -8.77 -35.58 -0.48
O2 BMA O . -7.77 -31.89 2.26
O3 BMA O . -5.58 -31.95 0.61
O4 BMA O . -6.10 -34.39 -0.75
O5 BMA O . -9.44 -33.46 0.40
O6 BMA O . -9.27 -35.95 0.80
C1 MAN O . -5.23 -30.60 0.22
C2 MAN O . -4.29 -30.69 -1.01
C3 MAN O . -2.91 -31.19 -0.59
C4 MAN O . -2.37 -30.40 0.61
C5 MAN O . -3.38 -30.48 1.76
C6 MAN O . -2.93 -29.68 2.97
O2 MAN O . -4.07 -29.40 -1.59
O3 MAN O . -1.98 -31.15 -1.67
O4 MAN O . -1.13 -30.94 1.02
O5 MAN O . -4.63 -29.92 1.31
O6 MAN O . -3.12 -28.30 2.70
C1 MAN O . -8.43 -36.99 1.35
C2 MAN O . -9.35 -37.97 2.14
C3 MAN O . -9.83 -37.32 3.44
C4 MAN O . -8.67 -36.73 4.23
C5 MAN O . -7.90 -35.73 3.35
C6 MAN O . -6.70 -35.12 4.05
O2 MAN O . -8.64 -39.14 2.54
O3 MAN O . -10.56 -38.24 4.24
O4 MAN O . -9.14 -36.07 5.39
O5 MAN O . -7.43 -36.42 2.18
O6 MAN O . -7.12 -34.65 5.32
C1 NAG P . -40.00 -1.36 -8.03
C2 NAG P . -40.73 -0.24 -7.30
C3 NAG P . -41.89 0.26 -8.16
C4 NAG P . -41.41 0.62 -9.57
C5 NAG P . -40.59 -0.51 -10.18
C6 NAG P . -39.95 -0.14 -11.48
C7 NAG P . -40.62 -0.31 -4.85
C8 NAG P . -39.42 0.60 -4.96
N2 NAG P . -41.20 -0.67 -6.00
O3 NAG P . -42.47 1.41 -7.54
O4 NAG P . -42.55 0.83 -10.39
O5 NAG P . -39.53 -0.90 -9.28
O6 NAG P . -40.89 -0.08 -12.54
O7 NAG P . -41.04 -0.68 -3.76
C1 NAG P . -42.62 2.20 -10.85
C2 NAG P . -44.11 2.56 -10.98
C3 NAG P . -44.27 4.01 -11.43
C4 NAG P . -43.49 4.93 -10.50
C5 NAG P . -42.04 4.48 -10.38
C6 NAG P . -41.25 5.29 -9.38
C7 NAG P . -45.60 0.68 -11.52
C8 NAG P . -45.84 0.56 -10.04
N2 NAG P . -44.77 1.66 -11.91
O3 NAG P . -45.64 4.35 -11.43
O4 NAG P . -43.52 6.27 -11.01
O5 NAG P . -41.99 3.12 -9.94
O6 NAG P . -40.43 6.25 -10.03
O7 NAG P . -46.16 -0.06 -12.32
C1 NAG Q . -21.94 -39.14 -11.72
C2 NAG Q . -21.45 -40.43 -11.03
C3 NAG Q . -20.67 -41.30 -12.02
C4 NAG Q . -21.49 -41.54 -13.28
C5 NAG Q . -22.00 -40.21 -13.85
C6 NAG Q . -22.93 -40.39 -15.02
C7 NAG Q . -19.55 -39.53 -9.61
C8 NAG Q . -18.87 -38.93 -10.81
N2 NAG Q . -20.70 -40.19 -9.80
O3 NAG Q . -20.35 -42.54 -11.40
O4 NAG Q . -20.69 -42.18 -14.27
O5 NAG Q . -22.73 -39.48 -12.85
O6 NAG Q . -24.06 -41.18 -14.67
O7 NAG Q . -19.05 -39.43 -8.49
C1 NAG Q . -20.98 -43.58 -14.30
C2 NAG Q . -21.10 -44.05 -15.75
C3 NAG Q . -21.33 -45.56 -15.80
C4 NAG Q . -20.25 -46.29 -15.02
C5 NAG Q . -20.15 -45.74 -13.60
C6 NAG Q . -19.02 -46.34 -12.81
C7 NAG Q . -22.01 -42.69 -17.58
C8 NAG Q . -20.63 -42.71 -18.16
N2 NAG Q . -22.18 -43.34 -16.42
O3 NAG Q . -21.32 -45.99 -17.16
O4 NAG Q . -20.54 -47.68 -14.97
O5 NAG Q . -19.93 -44.32 -13.64
O6 NAG Q . -18.26 -45.34 -12.16
O7 NAG Q . -22.94 -42.10 -18.13
C1 NAG R . 21.65 -23.34 -9.83
C2 NAG R . 21.05 -24.67 -9.41
C3 NAG R . 21.96 -25.37 -8.40
C4 NAG R . 23.38 -25.47 -8.93
C5 NAG R . 23.89 -24.10 -9.39
C6 NAG R . 25.23 -24.16 -10.05
C7 NAG R . 18.67 -25.24 -9.24
C8 NAG R . 17.37 -24.91 -8.57
N2 NAG R . 19.71 -24.50 -8.86
O3 NAG R . 21.45 -26.67 -8.11
O4 NAG R . 24.23 -25.97 -7.91
O5 NAG R . 22.97 -23.54 -10.35
O6 NAG R . 25.33 -25.26 -10.95
O7 NAG R . 18.77 -26.12 -10.07
C1 NAG R . 24.82 -27.23 -8.33
C2 NAG R . 25.76 -27.70 -7.23
C3 NAG R . 26.38 -29.05 -7.60
C4 NAG R . 25.29 -30.05 -7.95
C5 NAG R . 24.36 -29.48 -9.02
C6 NAG R . 23.19 -30.38 -9.33
C7 NAG R . 27.69 -26.28 -7.81
C8 NAG R . 28.67 -25.26 -7.31
N2 NAG R . 26.79 -26.71 -6.93
O3 NAG R . 27.16 -29.53 -6.51
O4 NAG R . 25.88 -31.26 -8.44
O5 NAG R . 23.82 -28.23 -8.58
O6 NAG R . 22.98 -31.33 -8.29
O7 NAG R . 27.73 -26.68 -8.97
C1 NAG S . 23.29 -26.21 34.59
C2 NAG S . 22.34 -26.00 35.77
C3 NAG S . 21.86 -27.34 36.29
C4 NAG S . 21.28 -28.20 35.17
C5 NAG S . 22.25 -28.26 33.98
C6 NAG S . 21.67 -28.96 32.77
C7 NAG S . 22.31 -24.41 37.64
C8 NAG S . 23.12 -23.71 38.67
N2 NAG S . 22.98 -25.23 36.82
O3 NAG S . 20.87 -27.13 37.30
O4 NAG S . 21.05 -29.52 35.63
O5 NAG S . 22.63 -26.94 33.56
O6 NAG S . 21.91 -28.21 31.59
O7 NAG S . 21.09 -24.27 37.54
C1 NAG S . 19.64 -29.78 35.74
C2 NAG S . 19.29 -29.98 37.23
C3 NAG S . 17.79 -30.16 37.45
C4 NAG S . 17.02 -29.04 36.76
C5 NAG S . 17.44 -28.93 35.30
C6 NAG S . 16.77 -27.78 34.58
C7 NAG S . 20.09 -32.36 37.59
C8 NAG S . 19.22 -32.86 36.47
N2 NAG S . 20.07 -31.04 37.87
O3 NAG S . 17.50 -30.16 38.83
O4 NAG S . 15.62 -29.29 36.83
O5 NAG S . 18.85 -28.70 35.21
O6 NAG S . 17.36 -27.56 33.31
O7 NAG S . 20.81 -33.13 38.23
C1 NAG T . 33.57 -4.67 17.03
C2 NAG T . 33.31 -4.40 15.54
C3 NAG T . 34.45 -3.57 14.96
C4 NAG T . 34.69 -2.31 15.79
C5 NAG T . 34.88 -2.69 17.26
C6 NAG T . 34.99 -1.48 18.18
C7 NAG T . 31.98 -6.16 14.47
C8 NAG T . 32.01 -7.45 13.72
N2 NAG T . 33.16 -5.65 14.81
O3 NAG T . 34.12 -3.20 13.62
O4 NAG T . 35.86 -1.65 15.32
O5 NAG T . 33.75 -3.44 17.72
O6 NAG T . 33.72 -1.08 18.67
O7 NAG T . 30.92 -5.61 14.76
C1 NAG T . 35.54 -0.32 14.87
C2 NAG T . 36.83 0.30 14.31
C3 NAG T . 36.56 1.71 13.76
C4 NAG T . 35.39 1.69 12.80
C5 NAG T . 34.18 1.01 13.44
C6 NAG T . 33.01 0.86 12.48
C7 NAG T . 38.08 0.88 16.44
C8 NAG T . 36.92 1.70 16.95
N2 NAG T . 37.96 0.28 15.24
O3 NAG T . 37.74 2.18 13.10
O4 NAG T . 35.03 3.03 12.45
O5 NAG T . 34.53 -0.31 13.88
O6 NAG T . 32.20 -0.25 12.82
O7 NAG T . 39.11 0.76 17.11
C1 BMA T . 35.51 3.34 11.12
C2 BMA T . 34.44 4.20 10.41
C3 BMA T . 34.98 4.72 9.08
C4 BMA T . 36.37 5.35 9.24
C5 BMA T . 37.32 4.35 9.91
C6 BMA T . 38.72 4.90 10.15
O2 BMA T . 34.13 5.34 11.20
O3 BMA T . 34.10 5.67 8.49
O4 BMA T . 36.90 5.72 7.97
O5 BMA T . 36.76 4.00 11.19
O6 BMA T . 38.64 5.87 11.18
C1 MAN T . 33.04 4.95 7.82
C2 MAN T . 33.09 5.33 6.32
C3 MAN T . 32.63 6.78 6.12
C4 MAN T . 31.28 7.02 6.81
C5 MAN T . 31.40 6.67 8.29
C6 MAN T . 30.10 6.83 9.05
O2 MAN T . 32.19 4.54 5.55
O3 MAN T . 32.54 7.11 4.73
O4 MAN T . 30.92 8.38 6.68
O5 MAN T . 31.79 5.28 8.41
O6 MAN T . 29.18 5.85 8.59
C1 NAG U . 41.66 -23.45 5.91
C2 NAG U . 41.95 -23.52 4.41
C3 NAG U . 41.78 -24.95 3.91
C4 NAG U . 42.62 -25.92 4.73
C5 NAG U . 42.29 -25.75 6.22
C6 NAG U . 43.18 -26.57 7.12
C7 NAG U . 39.78 -22.70 3.54
C8 NAG U . 39.12 -21.64 2.70
N2 NAG U . 41.11 -22.60 3.65
O3 NAG U . 42.15 -25.02 2.53
O4 NAG U . 42.32 -27.24 4.31
O5 NAG U . 42.48 -24.38 6.60
O6 NAG U . 44.54 -26.55 6.68
O7 NAG U . 39.14 -23.58 4.10
C1 NAG U . 43.44 -28.10 3.97
C2 NAG U . 44.67 -27.32 3.45
C3 NAG U . 45.86 -28.26 3.23
C4 NAG U . 46.13 -29.09 4.49
C5 NAG U . 44.86 -29.81 4.92
C6 NAG U . 45.02 -30.58 6.21
C7 NAG U . 45.07 -25.58 1.76
C8 NAG U . 44.60 -24.98 0.47
N2 NAG U . 44.36 -26.61 2.22
O3 NAG U . 47.01 -27.52 2.89
O4 NAG U . 47.14 -30.04 4.24
O5 NAG U . 43.81 -28.85 5.14
O6 NAG U . 45.71 -29.81 7.19
O7 NAG U . 46.05 -25.14 2.36
C1 NAG V . 13.95 9.00 -39.81
C2 NAG V . 14.95 8.08 -40.48
C3 NAG V . 15.18 8.49 -41.92
C4 NAG V . 13.85 8.42 -42.65
C5 NAG V . 12.87 9.33 -41.92
C6 NAG V . 11.46 9.18 -42.48
C7 NAG V . 16.44 6.81 -39.21
C8 NAG V . 17.74 6.67 -38.50
N2 NAG V . 16.18 7.99 -39.75
O3 NAG V . 16.12 7.55 -42.46
O4 NAG V . 14.00 8.87 -44.01
O5 NAG V . 12.76 8.92 -40.56
O6 NAG V . 11.06 7.82 -42.32
O7 NAG V . 15.64 5.89 -39.29
C1 NAG V . 13.91 7.72 -44.88
C2 NAG V . 13.27 8.05 -46.22
C3 NAG V . 13.09 6.77 -47.02
C4 NAG V . 14.44 6.10 -47.20
C5 NAG V . 15.03 5.85 -45.81
C6 NAG V . 16.40 5.18 -45.81
C7 NAG V . 11.93 10.03 -46.31
C8 NAG V . 11.67 10.38 -47.73
N2 NAG V . 12.00 8.74 -46.04
O3 NAG V . 12.48 7.09 -48.27
O4 NAG V . 14.30 4.85 -47.92
O5 NAG V . 15.16 7.08 -45.10
O6 NAG V . 17.39 6.11 -45.35
O7 NAG V . 12.08 10.88 -45.43
C1 BMA V . 14.91 4.92 -49.23
C2 BMA V . 14.79 3.56 -49.91
C3 BMA V . 15.46 3.64 -51.28
C4 BMA V . 14.71 4.69 -52.09
C5 BMA V . 14.82 6.00 -51.33
C6 BMA V . 14.18 7.16 -52.07
O2 BMA V . 13.42 3.22 -50.09
O3 BMA V . 15.43 2.35 -51.92
O4 BMA V . 15.25 4.85 -53.40
O5 BMA V . 14.22 5.86 -50.05
O6 BMA V . 12.82 6.83 -52.38
C1 MAN V . 12.15 8.08 -52.65
C2 MAN V . 10.64 7.92 -52.55
C3 MAN V . 10.16 7.00 -53.66
C4 MAN V . 10.55 7.60 -54.99
C5 MAN V . 12.07 7.77 -55.01
C6 MAN V . 12.52 8.39 -56.33
O2 MAN V . 10.03 9.20 -52.69
O3 MAN V . 8.73 6.94 -53.68
O4 MAN V . 10.13 6.74 -56.05
O5 MAN V . 12.46 8.62 -53.94
O6 MAN V . 13.93 8.57 -56.31
C1 MAN V . 8.24 6.10 -52.63
C2 MAN V . 7.44 4.96 -53.26
C3 MAN V . 6.30 5.55 -54.09
C4 MAN V . 5.43 6.37 -53.16
C5 MAN V . 6.31 7.45 -52.53
C6 MAN V . 5.53 8.38 -51.62
O2 MAN V . 6.90 4.12 -52.23
O3 MAN V . 5.52 4.49 -54.63
O4 MAN V . 4.40 7.00 -53.92
O5 MAN V . 7.37 6.84 -51.79
O6 MAN V . 6.41 9.39 -51.12
C1 MAN V . 16.80 1.94 -52.10
C2 MAN V . 17.21 1.80 -53.57
C3 MAN V . 16.57 0.55 -54.15
C4 MAN V . 17.04 -0.62 -53.31
C5 MAN V . 16.63 -0.40 -51.86
C6 MAN V . 17.11 -1.57 -51.03
O2 MAN V . 18.63 1.63 -53.63
O3 MAN V . 17.03 0.37 -55.50
O4 MAN V . 16.51 -1.85 -53.80
O5 MAN V . 17.23 0.79 -51.38
O6 MAN V . 17.18 -2.71 -51.88
C1 NAG W . 4.03 12.73 -37.57
C2 NAG W . 2.75 13.33 -38.15
C3 NAG W . 1.80 12.22 -38.60
C4 NAG W . 2.51 11.27 -39.55
C5 NAG W . 3.80 10.76 -38.91
C6 NAG W . 4.63 9.89 -39.85
C7 NAG W . 1.64 15.41 -37.48
C8 NAG W . 0.99 16.17 -36.37
N2 NAG W . 2.10 14.19 -37.18
O3 NAG W . 0.68 12.80 -39.25
O4 NAG W . 1.67 10.16 -39.85
O5 NAG W . 4.64 11.86 -38.53
O6 NAG W . 5.68 9.25 -39.17
O7 NAG W . 1.73 15.88 -38.61
C1 NAG W . 1.18 10.29 -41.20
C2 NAG W . 0.96 8.89 -41.78
C3 NAG W . 0.38 8.99 -43.19
C4 NAG W . -0.87 9.86 -43.19
C5 NAG W . -0.57 11.22 -42.56
C6 NAG W . -1.79 12.09 -42.42
C7 NAG W . 2.31 6.91 -41.23
C8 NAG W . 1.06 6.36 -40.59
N2 NAG W . 2.19 8.13 -41.78
O3 NAG W . 0.07 7.68 -43.66
O4 NAG W . -1.31 10.05 -44.54
O5 NAG W . -0.05 11.03 -41.24
O6 NAG W . -2.23 12.15 -41.06
O7 NAG W . 3.36 6.28 -41.25
C1 BMA W . -2.58 9.38 -44.72
C2 BMA W . -3.34 10.12 -45.84
C3 BMA W . -4.62 9.36 -46.19
C4 BMA W . -4.36 7.87 -46.40
C5 BMA W . -3.61 7.28 -45.21
C6 BMA W . -3.28 5.80 -45.37
O2 BMA W . -2.57 10.18 -47.03
O3 BMA W . -5.25 9.90 -47.35
O4 BMA W . -5.59 7.18 -46.58
O5 BMA W . -2.38 8.01 -45.05
O6 BMA W . -2.62 5.63 -46.62
C1 MAN W . -5.77 11.22 -47.05
C2 MAN W . -7.26 11.23 -47.44
C3 MAN W . -7.42 11.20 -48.96
C4 MAN W . -6.55 12.28 -49.63
C5 MAN W . -5.10 12.11 -49.19
C6 MAN W . -4.18 13.16 -49.77
O2 MAN W . -7.91 12.44 -47.02
O3 MAN W . -8.78 11.36 -49.36
O4 MAN W . -6.64 12.16 -51.05
O5 MAN W . -5.03 12.20 -47.76
O6 MAN W . -4.38 13.21 -51.18
C1 MAN W . -3.20 4.48 -47.29
C2 MAN W . -2.22 3.28 -47.10
C3 MAN W . -0.97 3.47 -47.98
C4 MAN W . -1.37 3.78 -49.43
C5 MAN W . -2.27 5.02 -49.45
C6 MAN W . -2.74 5.38 -50.84
O2 MAN W . -2.80 2.05 -47.52
O3 MAN W . -0.13 2.32 -47.93
O4 MAN W . -0.21 4.01 -50.21
O5 MAN W . -3.44 4.76 -48.66
O6 MAN W . -3.65 4.38 -51.28
C1 NAG X . 13.09 0.10 -35.72
C2 NAG X . 14.08 1.20 -36.12
C3 NAG X . 14.34 1.14 -37.62
C4 NAG X . 14.77 -0.25 -38.05
C5 NAG X . 13.78 -1.29 -37.53
C6 NAG X . 14.24 -2.72 -37.79
C7 NAG X . 14.31 3.40 -35.05
C8 NAG X . 15.69 2.98 -34.69
N2 NAG X . 13.58 2.51 -35.72
O3 NAG X . 15.35 2.10 -37.95
O4 NAG X . 14.83 -0.31 -39.46
O5 NAG X . 13.61 -1.16 -36.12
O6 NAG X . 13.23 -3.47 -38.45
O7 NAG X . 13.85 4.50 -34.73
C1 NAG X . 16.19 -0.56 -39.88
C2 NAG X . 16.17 -0.98 -41.35
C3 NAG X . 17.59 -1.23 -41.86
C4 NAG X . 18.47 -0.01 -41.57
C5 NAG X . 18.39 0.38 -40.10
C6 NAG X . 19.14 1.65 -39.77
C7 NAG X . 15.55 -3.36 -41.01
C8 NAG X . 14.56 -4.42 -41.36
N2 NAG X . 15.33 -2.15 -41.57
O3 NAG X . 17.55 -1.49 -43.25
O4 NAG X . 19.82 -0.31 -41.89
O5 NAG X . 17.02 0.60 -39.72
O6 NAG X . 20.51 1.40 -39.54
O7 NAG X . 16.49 -3.57 -40.24
C1 BMA X . 20.18 0.34 -43.13
C2 BMA X . 21.38 1.27 -42.86
C3 BMA X . 21.90 1.86 -44.18
C4 BMA X . 22.11 0.77 -45.23
C5 BMA X . 20.83 -0.06 -45.41
C6 BMA X . 20.99 -1.19 -46.40
O2 BMA X . 22.47 0.54 -42.29
O3 BMA X . 23.10 2.59 -43.99
O4 BMA X . 22.46 1.36 -46.48
O5 BMA X . 20.49 -0.62 -44.13
O6 BMA X . 21.83 -2.17 -45.82
C1 NAG Y . 21.67 12.51 -18.42
C2 NAG Y . 23.03 12.93 -17.86
C3 NAG Y . 23.08 14.44 -17.68
C4 NAG Y . 22.72 15.16 -18.98
C5 NAG Y . 21.37 14.65 -19.49
C6 NAG Y . 21.00 15.22 -20.84
C7 NAG Y . 24.53 12.04 -16.14
C8 NAG Y . 24.62 11.33 -14.82
N2 NAG Y . 23.30 12.25 -16.60
O3 NAG Y . 24.40 14.82 -17.27
O4 NAG Y . 22.63 16.56 -18.75
O5 NAG Y . 21.42 13.23 -19.64
O6 NAG Y . 22.12 15.26 -21.71
O7 NAG Y . 25.52 12.39 -16.75
C1 NAG Y . 23.64 17.24 -19.53
C2 NAG Y . 23.38 18.74 -19.45
C3 NAG Y . 24.45 19.50 -20.24
C4 NAG Y . 25.84 19.10 -19.77
C5 NAG Y . 25.99 17.57 -19.84
C6 NAG Y . 27.31 17.09 -19.28
C7 NAG Y . 21.59 18.86 -21.16
C8 NAG Y . 20.19 19.29 -21.43
N2 NAG Y . 22.04 19.09 -19.92
O3 NAG Y . 24.25 20.91 -20.04
O4 NAG Y . 26.82 19.70 -20.59
O5 NAG Y . 24.96 16.95 -19.07
O6 NAG Y . 27.93 16.16 -20.16
O7 NAG Y . 22.28 18.33 -22.02
C1 NAG Z . 0.14 45.21 15.97
C2 NAG Z . -0.54 46.31 16.77
C3 NAG Z . 0.20 47.63 16.59
C4 NAG Z . 1.69 47.47 16.90
C5 NAG Z . 2.27 46.30 16.10
C6 NAG Z . 3.70 45.98 16.46
C7 NAG Z . -2.94 46.49 17.29
C8 NAG Z . -2.54 46.37 18.73
N2 NAG Z . -1.93 46.46 16.41
O3 NAG Z . -0.36 48.63 17.44
O4 NAG Z . 2.38 48.66 16.54
O5 NAG Z . 1.50 45.11 16.35
O6 NAG Z . 3.84 44.65 16.91
O7 NAG Z . -4.10 46.60 16.94
C1 NAG Z . 2.97 49.25 17.72
C2 NAG Z . 4.01 50.27 17.28
C3 NAG Z . 4.63 50.97 18.50
C4 NAG Z . 3.53 51.55 19.39
C5 NAG Z . 2.51 50.46 19.74
C6 NAG Z . 1.35 50.99 20.53
C7 NAG Z . 5.87 48.70 16.85
C8 NAG Z . 6.87 48.23 15.83
N2 NAG Z . 5.05 49.68 16.45
O3 NAG Z . 5.49 52.01 18.06
O4 NAG Z . 4.10 52.08 20.58
O5 NAG Z . 1.98 49.88 18.55
O6 NAG Z . 1.77 51.63 21.73
O7 NAG Z . 5.82 48.22 17.98
C1 NAG AA . -8.75 41.10 17.89
C2 NAG AA . -9.45 42.42 17.58
C3 NAG AA . -10.96 42.20 17.53
C4 NAG AA . -11.31 41.08 16.57
C5 NAG AA . -10.53 39.82 16.93
C6 NAG AA . -10.74 38.69 15.95
C7 NAG AA . -8.09 44.29 18.39
C8 NAG AA . -7.88 45.28 19.50
N2 NAG AA . -9.12 43.45 18.56
O3 NAG AA . -11.60 43.41 17.11
O4 NAG AA . -12.71 40.79 16.64
O5 NAG AA . -9.13 40.11 16.93
O6 NAG AA . -9.94 38.86 14.79
O7 NAG AA . -7.37 44.26 17.41
C1 NAG AA . -13.32 41.17 15.40
C2 NAG AA . -14.69 40.49 15.28
C3 NAG AA . -15.39 40.91 14.00
C4 NAG AA . -15.46 42.44 13.90
C5 NAG AA . -14.07 43.04 14.07
C6 NAG AA . -14.07 44.54 14.09
C7 NAG AA . -13.88 38.29 14.48
C8 NAG AA . -13.88 36.82 14.74
N2 NAG AA . -14.56 39.04 15.35
O3 NAG AA . -16.71 40.36 13.98
O4 NAG AA . -15.99 42.82 12.64
O5 NAG AA . -13.49 42.61 15.31
O6 NAG AA . -12.92 45.06 14.74
O7 NAG AA . -13.29 38.78 13.52
C1 NAG BA . -7.19 29.32 -8.58
C2 NAG BA . -7.11 27.84 -9.00
C3 NAG BA . -7.75 27.64 -10.37
C4 NAG BA . -9.18 28.17 -10.36
C5 NAG BA . -9.19 29.63 -9.92
C6 NAG BA . -10.58 30.19 -9.78
C7 NAG BA . -4.76 27.81 -9.77
C8 NAG BA . -3.43 27.15 -9.61
N2 NAG BA . -5.74 27.35 -8.99
O3 NAG BA . -7.73 26.25 -10.69
O4 NAG BA . -9.76 28.06 -11.65
O5 NAG BA . -8.56 29.76 -8.64
O6 NAG BA . -10.86 30.54 -8.43
O7 NAG BA . -4.94 28.72 -10.59
C1 NAG BA . -10.65 26.92 -11.65
C2 NAG BA . -11.82 27.20 -12.60
C3 NAG BA . -12.76 26.00 -12.64
C4 NAG BA . -11.99 24.73 -12.98
C5 NAG BA . -10.81 24.57 -12.04
C6 NAG BA . -9.92 23.40 -12.41
C7 NAG BA . -12.77 29.43 -13.02
C8 NAG BA . -13.53 30.59 -12.44
N2 NAG BA . -12.55 28.41 -12.19
O3 NAG BA . -13.78 26.23 -13.60
O4 NAG BA . -12.84 23.61 -12.86
O5 NAG BA . -9.97 25.74 -12.07
O6 NAG BA . -10.57 22.16 -12.19
O7 NAG BA . -12.36 29.43 -14.18
C1 BMA BA . -13.10 23.05 -14.16
C2 BMA BA . -13.62 21.60 -13.97
C3 BMA BA . -14.08 21.02 -15.30
C4 BMA BA . -15.01 21.98 -16.05
C5 BMA BA . -14.35 23.36 -16.17
C6 BMA BA . -15.27 24.37 -16.84
O2 BMA BA . -14.73 21.57 -13.10
O3 BMA BA . -14.74 19.77 -15.11
O4 BMA BA . -15.30 21.47 -17.34
O5 BMA BA . -14.05 23.84 -14.87
O6 BMA BA . -16.06 24.98 -15.82
C1 MAN BA . -13.77 18.71 -14.97
C2 MAN BA . -14.25 17.52 -15.81
C3 MAN BA . -15.51 16.92 -15.19
C4 MAN BA . -15.27 16.60 -13.69
C5 MAN BA . -14.81 17.87 -12.97
C6 MAN BA . -14.49 17.63 -11.51
O2 MAN BA . -13.29 16.46 -15.83
O3 MAN BA . -15.93 15.74 -15.87
O4 MAN BA . -16.47 16.12 -13.11
O5 MAN BA . -13.62 18.36 -13.61
O6 MAN BA . -15.57 16.89 -10.93
C1 MAN BA . -12.27 16.77 -16.80
C2 MAN BA . -12.90 16.77 -18.22
C3 MAN BA . -13.24 15.35 -18.66
C4 MAN BA . -12.04 14.41 -18.48
C5 MAN BA . -11.58 14.46 -17.01
C6 MAN BA . -10.37 13.59 -16.74
O2 MAN BA . -11.99 17.27 -19.20
O3 MAN BA . -13.69 15.30 -20.02
O4 MAN BA . -12.40 13.08 -18.81
O5 MAN BA . -11.22 15.82 -16.69
O6 MAN BA . -10.31 13.35 -15.33
C1 MAN BA . -17.37 25.28 -16.35
C2 MAN BA . -17.90 26.51 -15.58
C3 MAN BA . -18.25 26.12 -14.13
C4 MAN BA . -19.17 24.89 -14.11
C5 MAN BA . -18.49 23.73 -14.86
C6 MAN BA . -19.36 22.50 -14.94
O2 MAN BA . -19.11 26.99 -16.15
O3 MAN BA . -18.85 27.20 -13.42
O4 MAN BA . -19.41 24.49 -12.77
O5 MAN BA . -18.23 24.16 -16.21
O6 MAN BA . -20.46 22.77 -15.79
C1 NAG CA . -3.46 48.03 0.09
C2 NAG CA . -4.62 49.02 0.05
C3 NAG CA . -4.12 50.39 -0.41
C4 NAG CA . -2.95 50.85 0.44
C5 NAG CA . -1.88 49.76 0.52
C6 NAG CA . -0.76 50.09 1.48
C7 NAG CA . -6.94 48.32 -0.37
C8 NAG CA . -7.91 47.83 -1.40
N2 NAG CA . -5.69 48.54 -0.82
O3 NAG CA . -5.19 51.33 -0.32
O4 NAG CA . -2.37 52.01 -0.15
O5 NAG CA . -2.45 48.52 0.96
O6 NAG CA . -0.05 51.25 1.07
O7 NAG CA . -7.25 48.50 0.80
C1 NAG CA . -2.73 53.20 0.55
C2 NAG CA . -2.15 54.40 -0.20
C3 NAG CA . -2.58 55.71 0.45
C4 NAG CA . -4.09 55.76 0.60
C5 NAG CA . -4.59 54.53 1.33
C6 NAG CA . -6.09 54.46 1.43
C7 NAG CA . 0.14 54.32 0.75
C8 NAG CA . 1.60 54.23 0.42
N2 NAG CA . -0.69 54.31 -0.30
O3 NAG CA . -2.12 56.80 -0.34
O4 NAG CA . -4.46 56.93 1.33
O5 NAG CA . -4.16 53.34 0.65
O6 NAG CA . -6.65 55.75 1.66
O7 NAG CA . -0.26 54.41 1.91
C1 NAG DA . -4.84 38.00 -23.76
C2 NAG DA . -6.24 37.94 -24.38
C3 NAG DA . -6.18 37.71 -25.89
C4 NAG DA . -5.23 38.71 -26.55
C5 NAG DA . -3.88 38.73 -25.82
C6 NAG DA . -2.95 39.79 -26.35
C7 NAG DA . -7.05 35.66 -23.59
C8 NAG DA . -5.86 34.99 -24.23
N2 NAG DA . -7.15 37.01 -23.71
O3 NAG DA . -7.48 37.84 -26.44
O4 NAG DA . -5.01 38.34 -27.89
O5 NAG DA . -4.06 38.99 -24.42
O6 NAG DA . -2.94 40.94 -25.49
O7 NAG DA . -7.89 35.02 -23.00
C1 NAG DA . -5.62 39.30 -28.78
C2 NAG DA . -5.10 39.04 -30.19
C3 NAG DA . -5.76 40.01 -31.18
C4 NAG DA . -7.27 39.95 -31.06
C5 NAG DA . -7.70 40.16 -29.61
C6 NAG DA . -9.18 39.98 -29.40
C7 NAG DA . -2.95 40.25 -29.98
C8 NAG DA . -1.46 40.12 -30.12
N2 NAG DA . -3.65 39.14 -30.27
O3 NAG DA . -5.36 39.68 -32.51
O4 NAG DA . -7.87 40.94 -31.88
O5 NAG DA . -7.04 39.20 -28.76
O6 NAG DA . -9.56 38.61 -29.44
O7 NAG DA . -3.48 41.30 -29.63
C1 NAG EA . -43.56 -8.77 28.28
C2 NAG EA . -43.16 -8.75 29.76
C3 NAG EA . -44.06 -9.70 30.54
C4 NAG EA . -45.53 -9.36 30.30
C5 NAG EA . -45.83 -9.35 28.80
C6 NAG EA . -47.24 -8.92 28.49
C7 NAG EA . -41.02 -8.70 30.94
C8 NAG EA . -39.60 -9.17 30.95
N2 NAG EA . -41.77 -9.12 29.92
O3 NAG EA . -43.76 -9.59 31.94
O4 NAG EA . -46.36 -10.33 30.94
O5 NAG EA . -44.95 -8.43 28.15
O6 NAG EA . -48.15 -9.35 29.49
O7 NAG EA . -41.47 -7.96 31.82
C1 NAG FA . -41.01 -9.36 2.73
C2 NAG FA . -41.19 -8.24 3.77
C3 NAG FA . -42.39 -7.37 3.42
C4 NAG FA . -42.29 -6.86 1.99
C5 NAG FA . -42.09 -8.04 1.03
C6 NAG FA . -41.88 -7.60 -0.40
C7 NAG FA . -42.30 -9.59 5.52
C8 NAG FA . -42.23 -10.02 6.96
N2 NAG FA . -41.31 -8.77 5.12
O3 NAG FA . -42.45 -6.27 4.32
O4 NAG FA . -43.48 -6.16 1.63
O5 NAG FA . -40.94 -8.78 1.42
O6 NAG FA . -40.57 -7.92 -0.84
O7 NAG FA . -43.20 -9.96 4.77
C1 NAG GA . -39.21 -27.28 3.69
C2 NAG GA . -39.68 -28.42 4.59
C3 NAG GA . -40.76 -29.23 3.89
C4 NAG GA . -41.89 -28.31 3.43
C5 NAG GA . -41.34 -27.17 2.59
C6 NAG GA . -42.39 -26.16 2.22
C7 NAG GA . -38.48 -29.86 6.16
C8 NAG GA . -37.26 -30.72 6.39
N2 NAG GA . -38.57 -29.27 4.96
O3 NAG GA . -41.26 -30.22 4.77
O4 NAG GA . -42.83 -29.05 2.66
O5 NAG GA . -40.33 -26.46 3.33
O6 NAG GA . -43.68 -26.53 2.70
O7 NAG GA . -39.34 -29.72 7.03
C1 NAG HA . -3.52 -40.86 -10.64
C2 NAG HA . -2.61 -42.09 -10.74
C3 NAG HA . -2.34 -42.67 -9.36
C4 NAG HA . -1.80 -41.59 -8.44
C5 NAG HA . -2.73 -40.39 -8.42
C6 NAG HA . -2.19 -39.22 -7.61
C7 NAG HA . -2.49 -43.95 -12.34
C8 NAG HA . -3.27 -44.93 -13.17
N2 NAG HA . -3.21 -43.10 -11.61
O3 NAG HA . -1.40 -43.74 -9.47
O4 NAG HA . -1.69 -42.10 -7.11
O5 NAG HA . -2.90 -39.90 -9.77
O6 NAG HA . -2.64 -39.29 -6.26
O7 NAG HA . -1.27 -43.95 -12.33
C1 NAG IA . -55.34 -14.84 -8.11
C2 NAG IA . -55.75 -15.86 -9.20
C3 NAG IA . -57.09 -16.50 -8.86
C4 NAG IA . -57.07 -17.08 -7.45
C5 NAG IA . -56.64 -16.01 -6.45
C6 NAG IA . -56.49 -16.54 -5.05
C7 NAG IA . -56.57 -14.24 -10.88
C8 NAG IA . -56.44 -13.76 -12.29
N2 NAG IA . -55.77 -15.25 -10.52
O3 NAG IA . -57.38 -17.51 -9.80
O4 NAG IA . -58.36 -17.55 -7.10
O5 NAG IA . -55.36 -15.48 -6.83
O6 NAG IA . -57.54 -17.45 -4.72
O7 NAG IA . -57.38 -13.74 -10.10
C1 NAG JA . -37.62 -20.39 -22.48
C2 NAG JA . -37.03 -20.54 -23.88
C3 NAG JA . -38.14 -20.71 -24.91
C4 NAG JA . -39.07 -21.84 -24.51
C5 NAG JA . -39.57 -21.65 -23.09
C6 NAG JA . -40.41 -22.80 -22.58
C7 NAG JA . -34.86 -19.41 -24.10
C8 NAG JA . -34.15 -18.16 -24.48
N2 NAG JA . -36.19 -19.40 -24.21
O3 NAG JA . -37.57 -20.97 -26.18
O4 NAG JA . -40.18 -21.89 -25.40
O5 NAG JA . -38.45 -21.52 -22.19
O6 NAG JA . -40.38 -22.89 -21.16
O7 NAG JA . -34.24 -20.41 -23.70
C1 NAG KA . -25.06 -25.96 -22.33
C2 NAG KA . -24.65 -25.25 -23.61
C3 NAG KA . -25.86 -25.02 -24.51
C4 NAG KA . -26.59 -26.34 -24.75
C5 NAG KA . -26.92 -27.02 -23.43
C6 NAG KA . -27.52 -28.39 -23.60
C7 NAG KA . -22.76 -23.68 -23.73
C8 NAG KA . -22.24 -22.33 -23.34
N2 NAG KA . -24.00 -23.98 -23.31
O3 NAG KA . -25.44 -24.46 -25.75
O4 NAG KA . -27.79 -26.11 -25.47
O5 NAG KA . -25.72 -27.19 -22.65
O6 NAG KA . -26.65 -29.40 -23.10
O7 NAG KA . -22.10 -24.47 -24.39
C1 NAG LA . -8.77 -40.77 -8.42
C2 NAG LA . -9.13 -42.04 -9.19
C3 NAG LA . -9.05 -43.26 -8.28
C4 NAG LA . -7.70 -43.32 -7.60
C5 NAG LA . -7.39 -42.00 -6.90
C6 NAG LA . -6.00 -41.96 -6.30
C7 NAG LA . -11.59 -41.76 -9.12
C8 NAG LA . -12.85 -41.68 -9.96
N2 NAG LA . -10.46 -41.94 -9.80
O3 NAG LA . -9.27 -44.44 -9.05
O4 NAG LA . -7.68 -44.38 -6.64
O5 NAG LA . -7.47 -40.92 -7.84
O6 NAG LA . -5.75 -40.71 -5.68
O7 NAG LA . -11.63 -41.67 -7.90
C1 NAG MA . -23.99 -30.92 2.61
C2 NAG MA . -23.35 -30.48 3.93
C3 NAG MA . -22.15 -31.35 4.24
C4 NAG MA . -22.54 -32.83 4.21
C5 NAG MA . -23.22 -33.17 2.89
C6 NAG MA . -23.75 -34.58 2.85
C7 NAG MA . -22.80 -28.33 4.96
C8 NAG MA . -22.41 -26.90 4.73
N2 NAG MA . -22.97 -29.08 3.87
O3 NAG MA . -21.64 -31.02 5.51
O4 NAG MA . -21.39 -33.64 4.36
O5 NAG MA . -24.35 -32.31 2.68
O6 NAG MA . -24.00 -35.08 4.15
O7 NAG MA . -22.98 -28.77 6.10
C1 NAG NA . -34.43 18.60 48.23
C2 NAG NA . -34.70 20.08 48.51
C3 NAG NA . -35.69 20.23 49.67
C4 NAG NA . -36.96 19.42 49.39
C5 NAG NA . -36.59 17.97 49.07
C6 NAG NA . -37.80 17.15 48.66
C7 NAG NA . -32.76 21.45 47.88
C8 NAG NA . -31.52 22.13 48.36
N2 NAG NA . -33.46 20.79 48.81
O3 NAG NA . -36.01 21.60 49.84
O4 NAG NA . -37.81 19.46 50.53
O5 NAG NA . -35.67 17.93 47.97
O6 NAG NA . -37.63 15.79 49.03
O7 NAG NA . -33.13 21.51 46.71
C1 NAG OA . 14.77 -11.60 53.82
C2 NAG OA . 14.26 -10.43 54.67
C3 NAG OA . 15.10 -10.30 55.94
C4 NAG OA . 15.15 -11.63 56.68
C5 NAG OA . 15.62 -12.74 55.75
C6 NAG OA . 15.58 -14.11 56.40
C7 NAG OA . 13.29 -8.29 53.98
C8 NAG OA . 13.47 -7.06 53.14
N2 NAG OA . 14.28 -9.19 53.92
O3 NAG OA . 14.55 -9.29 56.76
O4 NAG OA . 16.04 -11.53 57.79
O5 NAG OA . 14.77 -12.80 54.60
O6 NAG OA . 14.92 -14.06 57.65
O7 NAG OA . 12.30 -8.45 54.69
C1 NAG PA . 36.52 -13.36 -23.97
C2 NAG PA . 36.27 -14.26 -25.17
C3 NAG PA . 37.54 -14.42 -26.00
C4 NAG PA . 38.10 -13.06 -26.38
C5 NAG PA . 38.29 -12.20 -25.12
C6 NAG PA . 38.73 -10.79 -25.43
C7 NAG PA . 34.95 -16.31 -25.50
C8 NAG PA . 34.53 -17.62 -24.92
N2 NAG PA . 35.77 -15.56 -24.75
O3 NAG PA . 37.25 -15.17 -27.17
O4 NAG PA . 39.36 -13.21 -27.03
O5 NAG PA . 37.05 -12.10 -24.42
O6 NAG PA . 39.86 -10.77 -26.29
O7 NAG PA . 34.55 -15.93 -26.60
C1 NAG QA . 40.48 -6.59 -17.77
C2 NAG QA . 41.66 -5.65 -17.55
C3 NAG QA . 41.53 -4.40 -18.40
C4 NAG QA . 41.30 -4.77 -19.86
C5 NAG QA . 40.12 -5.72 -19.98
C6 NAG QA . 39.89 -6.22 -21.39
C7 NAG QA . 42.72 -5.82 -15.33
C8 NAG QA . 43.66 -6.82 -15.95
N2 NAG QA . 41.79 -5.31 -16.14
O3 NAG QA . 42.69 -3.60 -18.27
O4 NAG QA . 41.03 -3.59 -20.62
O5 NAG QA . 40.35 -6.89 -19.17
O6 NAG QA . 38.51 -6.24 -21.71
O7 NAG QA . 42.80 -5.50 -14.14
C1 NAG RA . 27.37 -9.87 -26.61
C2 NAG RA . 27.83 -9.15 -27.87
C3 NAG RA . 28.33 -10.16 -28.89
C4 NAG RA . 29.40 -11.05 -28.28
C5 NAG RA . 28.90 -11.68 -26.98
C6 NAG RA . 29.95 -12.45 -26.24
C7 NAG RA . 26.68 -7.02 -28.25
C8 NAG RA . 25.51 -6.33 -28.90
N2 NAG RA . 26.75 -8.34 -28.43
O3 NAG RA . 28.86 -9.46 -30.02
O4 NAG RA . 29.76 -12.08 -29.19
O5 NAG RA . 28.44 -10.66 -26.08
O6 NAG RA . 29.99 -12.12 -24.87
O7 NAG RA . 27.50 -6.40 -27.59
C1 NAG SA . 24.45 -18.57 42.42
C2 NAG SA . 24.70 -18.25 43.89
C3 NAG SA . 25.35 -19.46 44.57
C4 NAG SA . 24.53 -20.72 44.35
C5 NAG SA . 24.31 -20.92 42.85
C6 NAG SA . 23.41 -22.09 42.54
C7 NAG SA . 25.18 -16.02 44.78
C8 NAG SA . 23.85 -16.11 45.48
N2 NAG SA . 25.53 -17.07 44.04
O3 NAG SA . 25.45 -19.20 45.97
O4 NAG SA . 25.22 -21.84 44.88
O5 NAG SA . 23.67 -19.76 42.29
O6 NAG SA . 22.63 -21.86 41.37
O7 NAG SA . 25.91 -15.03 44.89
C1 NAG TA . 23.27 -9.28 43.72
C2 NAG TA . 24.79 -9.23 43.85
C3 NAG TA . 25.24 -7.81 44.19
C4 NAG TA . 24.69 -6.83 43.16
C5 NAG TA . 23.17 -6.97 43.05
C6 NAG TA . 22.58 -6.11 41.96
C7 NAG TA . 26.37 -10.88 44.73
C8 NAG TA . 26.71 -11.80 45.87
N2 NAG TA . 25.25 -10.17 44.85
O3 NAG TA . 26.66 -7.75 44.21
O4 NAG TA . 25.01 -5.50 43.55
O5 NAG TA . 22.84 -8.33 42.72
O6 NAG TA . 23.48 -5.09 41.56
O7 NAG TA . 27.09 -10.79 43.74
C1 NAG UA . 16.73 -34.00 25.29
C2 NAG UA . 16.80 -35.23 26.18
C3 NAG UA . 15.40 -35.80 26.40
C4 NAG UA . 14.46 -34.72 26.91
C5 NAG UA . 14.49 -33.50 26.00
C6 NAG UA . 13.69 -32.34 26.52
C7 NAG UA . 18.60 -36.89 26.35
C8 NAG UA . 19.43 -37.90 25.60
N2 NAG UA . 17.68 -36.23 25.62
O3 NAG UA . 15.46 -36.88 27.32
O4 NAG UA . 13.13 -35.23 26.97
O5 NAG UA . 15.85 -33.03 25.86
O6 NAG UA . 13.70 -31.24 25.62
O7 NAG UA . 18.75 -36.68 27.54
C1 NAG VA . 38.39 -16.63 34.34
C2 NAG VA . 39.21 -15.84 35.37
C3 NAG VA . 40.44 -16.63 35.78
C4 NAG VA . 40.04 -18.01 36.27
C5 NAG VA . 39.20 -18.73 35.22
C6 NAG VA . 38.67 -20.05 35.68
C7 NAG VA . 39.70 -13.44 35.57
C8 NAG VA . 40.11 -12.19 34.85
N2 NAG VA . 39.60 -14.55 34.82
O3 NAG VA . 41.12 -15.93 36.83
O4 NAG VA . 41.20 -18.79 36.55
O5 NAG VA . 38.06 -17.92 34.89
O6 NAG VA . 39.49 -20.61 36.70
O7 NAG VA . 39.47 -13.46 36.78
C1 NAG WA . 45.50 3.53 -0.74
C2 NAG WA . 45.71 4.59 -1.82
C3 NAG WA . 45.58 5.98 -1.22
C4 NAG WA . 44.26 6.12 -0.47
C5 NAG WA . 44.11 4.99 0.55
C6 NAG WA . 42.76 5.00 1.24
C7 NAG WA . 47.17 4.42 -3.79
C8 NAG WA . 45.93 4.59 -4.61
N2 NAG WA . 47.00 4.43 -2.46
O3 NAG WA . 45.65 6.95 -2.26
O4 NAG WA . 44.21 7.37 0.20
O5 NAG WA . 44.22 3.73 -0.11
O6 NAG WA . 42.82 5.69 2.48
O7 NAG WA . 48.27 4.29 -4.30
C1 NAG XA . 49.51 -10.38 11.03
C2 NAG XA . 49.93 -8.98 10.58
C3 NAG XA . 51.14 -9.06 9.65
C4 NAG XA . 52.26 -9.86 10.29
C5 NAG XA . 51.74 -11.22 10.73
C6 NAG XA . 52.78 -12.05 11.47
C7 NAG XA . 47.94 -7.55 10.58
C8 NAG XA . 46.86 -6.92 9.75
N2 NAG XA . 48.83 -8.29 9.93
O3 NAG XA . 51.59 -7.74 9.35
O4 NAG XA . 53.33 -10.04 9.37
O5 NAG XA . 50.63 -11.05 11.62
O6 NAG XA . 52.30 -13.36 11.73
O7 NAG XA . 47.98 -7.41 11.81
C1 NAG YA . 35.04 -40.05 36.64
C2 NAG YA . 36.52 -40.25 36.30
C3 NAG YA . 37.26 -40.89 37.48
C4 NAG YA . 37.02 -40.09 38.76
C5 NAG YA . 35.53 -39.91 39.00
C6 NAG YA . 35.23 -39.02 40.18
C7 NAG YA . 37.36 -40.62 34.03
C8 NAG YA . 37.42 -41.59 32.88
N2 NAG YA . 36.69 -41.05 35.11
O3 NAG YA . 38.65 -40.96 37.19
O4 NAG YA . 37.60 -40.76 39.86
O5 NAG YA . 34.93 -39.29 37.85
O6 NAG YA . 33.90 -39.23 40.66
O7 NAG YA . 37.88 -39.52 33.98
C1 NAG ZA . 40.57 -35.22 14.33
C2 NAG ZA . 40.71 -35.80 12.93
C3 NAG ZA . 41.58 -37.06 12.95
C4 NAG ZA . 42.91 -36.77 13.63
C5 NAG ZA . 42.68 -36.17 15.01
C6 NAG ZA . 43.96 -35.75 15.70
C7 NAG ZA . 38.64 -35.16 11.77
C8 NAG ZA . 37.32 -35.64 11.24
N2 NAG ZA . 39.41 -36.08 12.36
O3 NAG ZA . 41.80 -37.50 11.61
O4 NAG ZA . 43.65 -37.98 13.77
O5 NAG ZA . 41.88 -34.98 14.89
O6 NAG ZA . 43.76 -34.63 16.54
O7 NAG ZA . 38.99 -33.98 11.69
C1 NAG AB . 45.59 0.86 4.68
C2 NAG AB . 45.40 1.74 5.93
C3 NAG AB . 45.92 3.15 5.65
C4 NAG AB . 47.35 3.10 5.16
C5 NAG AB . 47.48 2.17 3.96
C6 NAG AB . 48.90 1.96 3.50
C7 NAG AB . 43.61 2.02 7.58
C8 NAG AB . 42.12 2.03 7.81
N2 NAG AB . 44.00 1.78 6.32
O3 NAG AB . 45.84 3.92 6.84
O4 NAG AB . 47.79 4.40 4.78
O5 NAG AB . 46.97 0.86 4.30
O6 NAG AB . 49.82 2.18 4.57
O7 NAG AB . 44.41 2.23 8.48
C1 NAG BB . 38.06 -5.66 23.87
C2 NAG BB . 37.29 -4.42 24.35
C3 NAG BB . 38.24 -3.42 24.99
C4 NAG BB . 39.07 -4.09 26.08
C5 NAG BB . 39.77 -5.32 25.51
C6 NAG BB . 40.53 -6.11 26.56
C7 NAG BB . 35.25 -3.97 23.07
C8 NAG BB . 34.66 -3.26 21.88
N2 NAG BB . 36.56 -3.81 23.25
O3 NAG BB . 37.51 -2.34 25.54
O4 NAG BB . 40.06 -3.18 26.58
O5 NAG BB . 38.81 -6.22 24.95
O6 NAG BB . 41.59 -6.86 25.99
O7 NAG BB . 34.57 -4.67 23.81
C1 NAG CB . -19.42 -4.08 60.37
C2 NAG CB . -20.72 -4.78 60.75
C3 NAG CB . -21.20 -4.30 62.11
C4 NAG CB . -20.11 -4.43 63.15
C5 NAG CB . -18.84 -3.74 62.67
C6 NAG CB . -17.67 -3.94 63.61
C7 NAG CB . -22.00 -5.47 58.77
C8 NAG CB . -23.09 -5.09 57.81
N2 NAG CB . -21.74 -4.58 59.73
O3 NAG CB . -22.35 -5.05 62.50
O4 NAG CB . -20.52 -3.85 64.38
O5 NAG CB . -18.45 -4.27 61.40
O6 NAG CB . -16.63 -3.01 63.34
O7 NAG CB . -21.40 -6.53 58.69
C1 NAG DB . -8.31 41.88 30.27
C2 NAG DB . -8.71 42.74 31.45
C3 NAG DB . -9.08 41.88 32.64
C4 NAG DB . -10.20 40.97 32.22
C5 NAG DB . -9.77 40.15 31.02
C6 NAG DB . -10.92 39.28 30.56
C7 NAG DB . -7.97 44.95 31.79
C8 NAG DB . -6.81 45.90 31.77
N2 NAG DB . -7.67 43.66 31.81
O3 NAG DB . -9.53 42.76 33.67
O4 NAG DB . -10.53 40.07 33.28
O5 NAG DB . -9.40 41.02 29.95
O6 NAG DB . -12.04 40.11 30.20
O7 NAG DB . -9.13 45.32 31.79
C1 NAG EB . 9.23 42.25 12.95
C2 NAG EB . 10.69 42.60 12.72
C3 NAG EB . 11.40 42.75 14.07
C4 NAG EB . 10.66 43.74 14.95
C5 NAG EB . 9.20 43.35 15.08
C6 NAG EB . 8.39 44.37 15.85
C7 NAG EB . 11.65 41.81 10.61
C8 NAG EB . 11.28 43.14 10.04
N2 NAG EB . 11.35 41.61 11.90
O3 NAG EB . 12.74 43.18 13.85
O4 NAG EB . 11.26 43.75 16.25
O5 NAG EB . 8.61 43.25 13.78
O6 NAG EB . 9.16 45.51 16.19
O7 NAG EB . 12.20 40.95 9.93
C1 NAG FB . 21.56 39.50 9.35
C2 NAG FB . 22.27 38.85 10.53
C3 NAG FB . 23.43 39.71 11.00
C4 NAG FB . 24.36 40.03 9.83
C5 NAG FB . 23.58 40.64 8.68
C6 NAG FB . 24.42 40.87 7.44
C7 NAG FB . 20.63 37.48 11.76
C8 NAG FB . 19.73 37.41 12.95
N2 NAG FB . 21.34 38.61 11.62
O3 NAG FB . 24.15 39.04 12.02
O4 NAG FB . 25.37 40.94 10.24
O5 NAG FB . 22.51 39.75 8.30
O6 NAG FB . 25.80 40.75 7.72
O7 NAG FB . 20.72 36.57 10.95
C1 NAG GB . -11.10 22.25 -30.32
C2 NAG GB . -12.01 22.57 -31.50
C3 NAG GB . -13.39 23.00 -31.00
C4 NAG GB . -13.96 21.94 -30.05
C5 NAG GB . -12.96 21.64 -28.94
C6 NAG GB . -13.41 20.51 -28.05
C7 NAG GB . -11.51 23.57 -33.68
C8 NAG GB . -10.86 24.71 -34.41
N2 NAG GB . -11.44 23.60 -32.35
O3 NAG GB . -14.26 23.18 -32.10
O4 NAG GB . -15.17 22.42 -29.47
O5 NAG GB . -11.71 21.25 -29.51
O6 NAG GB . -14.41 20.93 -27.13
O7 NAG GB . -12.08 22.67 -34.29
C1 NAG HB . 18.72 57.92 5.49
C2 NAG HB . 18.73 58.86 4.29
C3 NAG HB . 18.86 60.30 4.74
C4 NAG HB . 17.80 60.64 5.77
C5 NAG HB . 17.82 59.63 6.91
C6 NAG HB . 16.68 59.83 7.89
C7 NAG HB . 19.61 58.37 2.04
C8 NAG HB . 20.82 58.01 1.23
N2 NAG HB . 19.79 58.50 3.36
O3 NAG HB . 18.76 61.17 3.62
O4 NAG HB . 18.02 61.94 6.30
O5 NAG HB . 17.67 58.30 6.38
O6 NAG HB . 16.36 58.61 8.57
O7 NAG HB . 18.51 58.53 1.52
C1 NAG IB . 20.49 43.99 -14.17
C2 NAG IB . 20.75 42.90 -15.21
C3 NAG IB . 21.84 43.35 -16.18
C4 NAG IB . 21.50 44.71 -16.78
C5 NAG IB . 21.21 45.71 -15.67
C6 NAG IB . 20.74 47.05 -16.19
C7 NAG IB . 20.98 40.45 -15.18
C8 NAG IB . 21.41 39.27 -14.38
N2 NAG IB . 21.12 41.64 -14.58
O3 NAG IB . 21.99 42.38 -17.22
O4 NAG IB . 22.59 45.18 -17.57
O5 NAG IB . 20.16 45.21 -14.83
O6 NAG IB . 19.79 47.64 -15.32
O7 NAG IB . 20.53 40.34 -16.32
C1 NAG JB . 11.82 36.50 -21.88
C2 NAG JB . 13.03 35.82 -22.52
C3 NAG JB . 14.14 36.84 -22.76
C4 NAG JB . 13.61 38.02 -23.56
C5 NAG JB . 12.37 38.61 -22.90
C6 NAG JB . 11.72 39.69 -23.71
C7 NAG JB . 14.04 33.61 -22.20
C8 NAG JB . 14.49 32.59 -21.21
N2 NAG JB . 13.52 34.73 -21.70
O3 NAG JB . 15.21 36.22 -23.46
O4 NAG JB . 14.62 39.03 -23.67
O5 NAG JB . 11.39 37.58 -22.71
O6 NAG JB . 10.45 39.28 -24.20
O7 NAG JB . 14.16 33.44 -23.41
C1 NAG KB . -11.57 26.87 -26.11
C2 NAG KB . -12.01 26.58 -27.55
C3 NAG KB . -13.41 27.11 -27.79
C4 NAG KB . -14.37 26.58 -26.73
C5 NAG KB . -13.84 26.86 -25.34
C6 NAG KB . -14.68 26.23 -24.24
C7 NAG KB . -10.82 26.60 -29.70
C8 NAG KB . -9.83 27.31 -30.56
N2 NAG KB . -11.07 27.15 -28.51
O3 NAG KB . -13.85 26.73 -29.08
O4 NAG KB . -15.64 27.18 -26.88
O5 NAG KB . -12.51 26.32 -25.19
O6 NAG KB . -15.89 25.71 -24.76
O7 NAG KB . -11.37 25.56 -30.06
C1 NAG LB . -9.34 36.90 -6.04
C2 NAG LB . -10.60 36.09 -6.35
C3 NAG LB . -11.83 36.96 -6.21
C4 NAG LB . -11.86 37.64 -4.84
C5 NAG LB . -10.56 38.39 -4.60
C6 NAG LB . -10.46 38.97 -3.21
C7 NAG LB . -10.79 34.22 -7.92
C8 NAG LB . -10.69 33.79 -9.35
N2 NAG LB . -10.54 35.51 -7.68
O3 NAG LB . -13.01 36.18 -6.38
O4 NAG LB . -12.94 38.56 -4.77
O5 NAG LB . -9.44 37.48 -4.74
O6 NAG LB . -11.50 39.91 -2.97
O7 NAG LB . -11.09 33.43 -7.02
C1 NAG MB . -6.88 23.29 58.47
C2 NAG MB . -5.99 23.01 59.68
C3 NAG MB . -6.69 23.44 60.96
C4 NAG MB . -7.15 24.89 60.87
C5 NAG MB . -7.99 25.09 59.61
C6 NAG MB . -8.36 26.54 59.40
C7 NAG MB . -4.43 21.18 60.16
C8 NAG MB . -4.23 19.69 60.14
N2 NAG MB . -5.63 21.60 59.72
O3 NAG MB . -5.79 23.27 62.05
O4 NAG MB . -7.91 25.23 62.02
O5 NAG MB . -7.25 24.69 58.46
O6 NAG MB . -7.25 27.32 58.97
O7 NAG MB . -3.57 21.96 60.55
C1 NAG NB . -37.53 25.77 31.18
C2 NAG NB . -36.95 26.90 32.03
C3 NAG NB . -37.38 28.26 31.47
C4 NAG NB . -37.04 28.36 29.99
C5 NAG NB . -37.62 27.17 29.23
C6 NAG NB . -37.22 27.15 27.77
C7 NAG NB . -36.62 26.13 34.33
C8 NAG NB . -37.18 26.09 35.72
N2 NAG NB . -37.34 26.77 33.42
O3 NAG NB . -36.74 29.30 32.19
O4 NAG NB . -37.56 29.57 29.45
O5 NAG NB . -37.15 25.96 29.80
O6 NAG NB . -38.01 26.24 27.04
O7 NAG NB . -35.54 25.59 34.05
C1 NAG OB . -36.39 17.47 18.73
C2 NAG OB . -37.59 17.23 17.82
C3 NAG OB . -37.23 17.52 16.37
C4 NAG OB . -36.65 18.93 16.24
C5 NAG OB . -35.49 19.11 17.22
C6 NAG OB . -34.95 20.52 17.24
C7 NAG OB . -39.19 15.55 18.64
C8 NAG OB . -39.55 14.09 18.67
N2 NAG OB . -38.08 15.86 17.96
O3 NAG OB . -38.40 17.40 15.56
O4 NAG OB . -36.17 19.13 14.92
O5 NAG OB . -35.93 18.82 18.56
O6 NAG OB . -33.81 20.64 16.40
O7 NAG OB . -39.87 16.40 19.19
C1 NAG PB . 11.42 24.21 52.32
C2 NAG PB . 11.78 22.80 52.79
C3 NAG PB . 13.22 22.78 53.32
C4 NAG PB . 14.18 23.33 52.27
C5 NAG PB . 13.71 24.72 51.82
C6 NAG PB . 14.55 25.29 50.70
C7 NAG PB . 10.54 21.06 53.98
C8 NAG PB . 9.57 20.75 55.08
N2 NAG PB . 10.87 22.34 53.82
O3 NAG PB . 13.58 21.45 53.64
O4 NAG PB . 15.49 23.43 52.81
O5 NAG PB . 12.36 24.65 51.34
O6 NAG PB . 14.20 24.72 49.45
O7 NAG PB . 11.00 20.17 53.27
C1 NAG QB . 13.86 27.44 39.12
C2 NAG QB . 14.72 28.71 39.33
C3 NAG QB . 15.98 28.68 38.45
C4 NAG QB . 16.73 27.37 38.67
C5 NAG QB . 15.79 26.18 38.46
C6 NAG QB . 16.45 24.85 38.75
C7 NAG QB . 13.34 30.43 38.05
C8 NAG QB . 13.39 29.61 36.79
N2 NAG QB . 13.97 29.96 39.15
O3 NAG QB . 16.82 29.78 38.79
O4 NAG QB . 17.81 27.28 37.73
O5 NAG QB . 14.67 26.28 39.35
O6 NAG QB . 15.56 23.77 38.52
O7 NAG QB . 12.76 31.51 38.08
C1 NAG RB . -18.41 -20.70 50.84
C2 NAG RB . -19.82 -20.16 51.06
C3 NAG RB . -20.85 -21.28 50.86
C4 NAG RB . -20.67 -21.94 49.50
C5 NAG RB . -19.22 -22.40 49.34
C6 NAG RB . -18.93 -22.96 47.97
C7 NAG RB . -19.78 -18.29 52.64
C8 NAG RB . -19.95 -17.86 54.07
N2 NAG RB . -19.96 -19.59 52.39
O3 NAG RB . -22.16 -20.74 50.95
O4 NAG RB . -21.54 -23.06 49.38
O5 NAG RB . -18.33 -21.30 49.53
O6 NAG RB . -20.01 -22.76 47.08
O7 NAG RB . -19.50 -17.49 51.76
C1 NAG SB . -6.65 -25.20 41.24
C2 NAG SB . -5.86 -26.07 42.22
C3 NAG SB . -4.94 -27.02 41.47
C4 NAG SB . -5.73 -27.82 40.44
C5 NAG SB . -6.52 -26.89 39.55
C6 NAG SB . -7.44 -27.63 38.58
C7 NAG SB . -5.54 -24.88 44.35
C8 NAG SB . -4.63 -24.02 45.17
N2 NAG SB . -5.10 -25.23 43.14
O3 NAG SB . -4.30 -27.89 42.39
O4 NAG SB . -4.84 -28.61 39.65
O5 NAG SB . -7.37 -26.05 40.33
O6 NAG SB . -6.76 -27.97 37.38
O7 NAG SB . -6.65 -25.23 44.76
#